data_8G4C
#
_entry.id   8G4C
#
_cell.length_a   1.00
_cell.length_b   1.00
_cell.length_c   1.00
_cell.angle_alpha   90.00
_cell.angle_beta   90.00
_cell.angle_gamma   90.00
#
_symmetry.space_group_name_H-M   'P 1'
#
loop_
_entity.id
_entity.type
_entity.pdbx_description
1 polymer 'Bacitracin export permease protein BceB'
2 polymer 'Bacitracin export ATP-binding protein BceA'
3 polymer 'Sensor protein BceS'
4 non-polymer '[(2~{R})-1-[2-azanylethoxy(oxidanyl)phosphoryl]oxy-3-hexadecanoyloxy-propan-2-yl] (~{Z})-octadec-9-enoate'
5 non-polymer 'PHOSPHOTHIOPHOSPHORIC ACID-ADENYLATE ESTER'
#
loop_
_entity_poly.entity_id
_entity_poly.type
_entity_poly.pdbx_seq_one_letter_code
_entity_poly.pdbx_strand_id
1 'polypeptide(L)'
;MNINQLILRNLKKNLRNYYLYVFALIFSVALYFAFVTLQYDPAINEVKASIKGAAAIKTASILLVAVVAIFILYANTIFI
KRRSKEIGLFQLIGMTKHKIFRILSAENVMLYFGSLAIGVAAGFSISKLVLMILFKIVDVKADAKLHFSEQALVQTVIVF
CGIYLLIMIMNYTFIKKQSILSLFKVTSSTEDKVKKISFFQMLIGALGIVLILTGYYVSSELFGGKFKTINELFVAMSFI
LGSVIIGTFLFYKGSVTFISNIIRKSKGGYLNISEVLSLSSIMFRMKSNALLLTIITTVSALAIGLLSLAYISYYSSEKT
AEQNVAADFSFMNEKDAKLFENKLRESNISFVKKATPVLQANVDIANIMDGTPKEMQGDPGNMQLAVVSDKDVKGVDVAA
GEAVFSGYTDLLQKIMVFKDSGVIKVKSKHETQPLKYKGLREEFLVSYTFTSGGMPAVIVDDSLFKQLDKDKDPRIQLAQ
STFIGVNVKHDDQMEKANELFQQVNKKNEHLSRLDTSAAQKSLFGMVMFIVGFLGLTFLITSGCILYFKQMGESEDEKPS
YTILRKLGFTQGDLIKGIRIKQMYNFGIPLVVGLFHSYFAVQSGWFLFGSEVWAPMIMVMVLYTALYSIFGFLSVLYYKK
VIKSSL
;
A
2 'polypeptide(L)'
;MSGHHHHHHVILEANKIRKSYGNKLNKQEVLKGIDIHIEKGEFVSIMGASGSGKTTLLNVLSSIDQVSHGTIHINGNDMT
AMKEKQLAEFRKQHLGFIFQDYNLLDTLTVKENILLPLSITKLSKKEANRKFEEVAKELGIYELRDKYPNEISGGQKQRT
SAGRAFIHDPSIIFADEPTGALDSKSASDLLNKLSQLNQKRNATIIMVTHDPVAASYCGRVIFIKDGQMYTQLNKGGQDR
QTFFQDIMKTQGVLGGVQHEH
;
B,C
3 'polypeptide(L)'
;MIKAFLIERRSWIAAFLFQQALMLFIAFVDPSISFGNVLYMVYLCILFFIIFLWFRYRKETAFYKSLKTWENNLDVTAIN
EPETPFEAMVERSIAGQTEHLKQTAARHRLALENEKDELMAWIHEVKTPLTAMHLIIDRMEEKALKSQLSYEWLRIHLLL
DQQLHQKRISFIENDLSVEFIQLQPLIFKEIKDLQSWCIQKGIGFDIQLEAKEVLSDAKWLAFIIRQLLTNAVKYSEASE
IEIKSFQKGEQTQLQVKDCGRGIDPKDVPRIFDKGFTSTTDHHDQASTGMGLYLAKKAAAPLLIHIDVESEFGAGTVFTL
TFPIRNQFEHVISV
;
D,E
#
# COMPACT_ATOMS: atom_id res chain seq x y z
N MET A 1 -2.33 -33.24 -12.30
CA MET A 1 -0.88 -33.08 -12.22
C MET A 1 -0.29 -33.98 -11.13
N ASN A 2 1.04 -33.99 -11.05
CA ASN A 2 1.74 -34.73 -10.02
C ASN A 2 1.84 -33.89 -8.75
N ILE A 3 1.57 -34.52 -7.61
CA ILE A 3 1.55 -33.80 -6.34
C ILE A 3 2.94 -33.28 -6.00
N ASN A 4 3.98 -34.04 -6.35
CA ASN A 4 5.34 -33.60 -6.08
C ASN A 4 5.65 -32.29 -6.80
N GLN A 5 5.15 -32.14 -8.02
CA GLN A 5 5.34 -30.88 -8.74
C GLN A 5 4.66 -29.73 -8.02
N LEU A 6 3.45 -29.97 -7.49
CA LEU A 6 2.76 -28.93 -6.72
C LEU A 6 3.57 -28.53 -5.50
N ILE A 7 4.14 -29.51 -4.80
CA ILE A 7 4.96 -29.22 -3.63
C ILE A 7 6.19 -28.40 -4.03
N LEU A 8 6.83 -28.77 -5.14
CA LEU A 8 8.01 -28.04 -5.59
C LEU A 8 7.68 -26.59 -5.95
N ARG A 9 6.56 -26.39 -6.66
CA ARG A 9 6.15 -25.03 -7.00
C ARG A 9 5.84 -24.22 -5.74
N ASN A 10 5.16 -24.85 -4.77
CA ASN A 10 4.87 -24.16 -3.51
C ASN A 10 6.15 -23.72 -2.82
N LEU A 11 7.13 -24.62 -2.75
CA LEU A 11 8.40 -24.28 -2.10
C LEU A 11 9.10 -23.14 -2.83
N LYS A 12 9.23 -23.26 -4.15
CA LYS A 12 9.95 -22.26 -4.92
C LYS A 12 9.26 -20.91 -4.92
N LYS A 13 7.95 -20.88 -4.73
CA LYS A 13 7.22 -19.61 -4.66
C LYS A 13 7.26 -18.99 -3.27
N ASN A 14 7.21 -19.81 -2.22
CA ASN A 14 7.13 -19.31 -0.85
C ASN A 14 8.48 -19.17 -0.18
N LEU A 15 9.58 -19.56 -0.84
CA LEU A 15 10.89 -19.45 -0.20
C LEU A 15 11.24 -18.01 0.17
N ARG A 16 10.67 -17.03 -0.53
CA ARG A 16 11.00 -15.65 -0.24
C ARG A 16 10.37 -15.15 1.06
N ASN A 17 9.35 -15.84 1.57
CA ASN A 17 8.68 -15.42 2.79
C ASN A 17 9.24 -16.06 4.04
N TYR A 18 10.17 -17.01 3.91
CA TYR A 18 10.73 -17.74 5.04
C TYR A 18 12.24 -17.47 5.10
N TYR A 19 12.61 -16.38 5.75
CA TYR A 19 14.00 -16.09 6.08
C TYR A 19 14.27 -16.04 7.56
N LEU A 20 13.35 -15.49 8.36
CA LEU A 20 13.52 -15.51 9.81
C LEU A 20 13.50 -16.94 10.34
N TYR A 21 12.64 -17.79 9.77
CA TYR A 21 12.59 -19.20 10.14
C TYR A 21 13.93 -19.89 9.92
N VAL A 22 14.48 -19.72 8.71
CA VAL A 22 15.76 -20.35 8.37
C VAL A 22 16.89 -19.79 9.23
N PHE A 23 16.87 -18.47 9.46
CA PHE A 23 17.91 -17.86 10.28
C PHE A 23 17.86 -18.37 11.71
N ALA A 24 16.67 -18.52 12.28
CA ALA A 24 16.54 -19.04 13.63
C ALA A 24 17.05 -20.47 13.71
N LEU A 25 16.69 -21.31 12.73
CA LEU A 25 17.17 -22.69 12.75
C LEU A 25 18.69 -22.74 12.66
N ILE A 26 19.28 -21.93 11.77
CA ILE A 26 20.73 -21.92 11.61
C ILE A 26 21.41 -21.46 12.89
N PHE A 27 20.89 -20.41 13.52
CA PHE A 27 21.48 -19.91 14.75
C PHE A 27 21.45 -20.96 15.85
N SER A 28 20.31 -21.64 16.02
CA SER A 28 20.20 -22.66 17.05
C SER A 28 21.17 -23.82 16.81
N VAL A 29 21.22 -24.30 15.57
CA VAL A 29 22.09 -25.44 15.26
C VAL A 29 23.54 -25.06 15.49
N ALA A 30 23.94 -23.86 15.07
CA ALA A 30 25.33 -23.43 15.23
C ALA A 30 25.70 -23.33 16.71
N LEU A 31 24.83 -22.74 17.53
CA LEU A 31 25.14 -22.64 18.95
C LEU A 31 25.28 -24.02 19.58
N TYR A 32 24.35 -24.93 19.30
CA TYR A 32 24.43 -26.24 19.94
C TYR A 32 25.69 -26.99 19.51
N PHE A 33 26.01 -26.96 18.21
CA PHE A 33 27.22 -27.66 17.74
C PHE A 33 28.47 -27.07 18.36
N ALA A 34 28.56 -25.74 18.41
CA ALA A 34 29.75 -25.10 18.96
C ALA A 34 29.91 -25.42 20.43
N PHE A 35 28.81 -25.44 21.20
CA PHE A 35 28.93 -25.74 22.62
C PHE A 35 29.29 -27.19 22.86
N VAL A 36 28.72 -28.11 22.07
CA VAL A 36 28.92 -29.53 22.35
C VAL A 36 30.30 -30.00 21.88
N THR A 37 30.88 -29.35 20.86
CA THR A 37 32.17 -29.82 20.37
C THR A 37 33.31 -29.65 21.38
N LEU A 38 33.12 -28.86 22.44
CA LEU A 38 34.13 -28.77 23.50
C LEU A 38 34.13 -29.97 24.43
N GLN A 39 32.98 -30.64 24.60
CA GLN A 39 32.92 -31.77 25.52
C GLN A 39 33.83 -32.90 25.07
N TYR A 40 33.84 -33.20 23.77
CA TYR A 40 34.65 -34.29 23.23
C TYR A 40 36.03 -33.83 22.79
N ASP A 41 36.36 -32.55 22.96
CA ASP A 41 37.67 -32.04 22.55
C ASP A 41 38.73 -32.53 23.52
N PRO A 42 39.79 -33.20 23.05
CA PRO A 42 40.84 -33.67 23.96
C PRO A 42 41.61 -32.56 24.66
N ALA A 43 41.56 -31.33 24.15
CA ALA A 43 42.31 -30.22 24.72
C ALA A 43 41.70 -29.69 26.00
N ILE A 44 40.43 -29.97 26.28
CA ILE A 44 39.78 -29.43 27.46
C ILE A 44 40.32 -30.04 28.74
N ASN A 45 41.00 -31.18 28.66
CA ASN A 45 41.56 -31.82 29.85
C ASN A 45 42.68 -31.01 30.49
N GLU A 46 43.21 -30.00 29.79
CA GLU A 46 44.25 -29.14 30.35
C GLU A 46 43.73 -28.23 31.44
N VAL A 47 42.42 -28.13 31.63
CA VAL A 47 41.82 -27.31 32.68
C VAL A 47 41.87 -28.13 33.97
N LYS A 48 42.92 -27.92 34.76
CA LYS A 48 43.11 -28.66 36.01
C LYS A 48 42.22 -28.05 37.09
N ALA A 49 41.05 -28.64 37.31
CA ALA A 49 40.09 -28.17 38.29
C ALA A 49 39.70 -29.32 39.21
N SER A 50 38.90 -29.00 40.23
CA SER A 50 38.43 -30.03 41.14
C SER A 50 37.53 -31.03 40.41
N ILE A 51 36.59 -30.53 39.61
CA ILE A 51 35.73 -31.37 38.80
C ILE A 51 36.44 -31.65 37.47
N LYS A 52 35.94 -32.64 36.72
CA LYS A 52 36.62 -33.08 35.51
C LYS A 52 36.72 -31.95 34.49
N GLY A 53 35.56 -31.47 34.01
CA GLY A 53 35.49 -30.47 32.97
C GLY A 53 34.64 -30.91 31.78
N ALA A 54 34.64 -32.21 31.48
CA ALA A 54 33.76 -32.78 30.47
C ALA A 54 32.46 -33.30 31.06
N ALA A 55 32.24 -33.12 32.36
CA ALA A 55 31.01 -33.55 33.01
C ALA A 55 30.01 -32.43 33.22
N ALA A 56 30.47 -31.19 33.39
CA ALA A 56 29.57 -30.06 33.47
C ALA A 56 28.97 -29.68 32.12
N ILE A 57 29.73 -29.90 31.05
CA ILE A 57 29.24 -29.62 29.71
C ILE A 57 28.03 -30.50 29.39
N LYS A 58 27.98 -31.71 29.95
CA LYS A 58 26.86 -32.61 29.70
C LYS A 58 25.56 -32.03 30.26
N THR A 59 25.58 -31.61 31.53
CA THR A 59 24.38 -31.02 32.13
C THR A 59 24.03 -29.70 31.47
N ALA A 60 25.05 -28.91 31.10
CA ALA A 60 24.78 -27.67 30.38
C ALA A 60 24.10 -27.94 29.05
N SER A 61 24.50 -29.00 28.35
CA SER A 61 23.82 -29.39 27.12
C SER A 61 22.39 -29.83 27.38
N ILE A 62 22.16 -30.54 28.49
CA ILE A 62 20.80 -30.93 28.85
C ILE A 62 19.92 -29.71 29.02
N LEU A 63 20.46 -28.64 29.61
CA LEU A 63 19.70 -27.39 29.72
C LEU A 63 19.55 -26.68 28.37
N LEU A 64 20.60 -26.71 27.55
CA LEU A 64 20.56 -25.99 26.27
C LEU A 64 19.52 -26.58 25.34
N VAL A 65 19.33 -27.91 25.39
CA VAL A 65 18.31 -28.53 24.54
C VAL A 65 16.93 -27.97 24.86
N ALA A 66 16.62 -27.87 26.15
CA ALA A 66 15.33 -27.31 26.56
C ALA A 66 15.25 -25.83 26.20
N VAL A 67 16.38 -25.11 26.25
CA VAL A 67 16.36 -23.70 25.89
C VAL A 67 15.98 -23.52 24.42
N VAL A 68 16.54 -24.36 23.53
CA VAL A 68 16.32 -24.15 22.11
C VAL A 68 15.04 -24.80 21.58
N ALA A 69 14.51 -25.82 22.26
CA ALA A 69 13.30 -26.49 21.77
C ALA A 69 12.12 -25.53 21.72
N ILE A 70 11.88 -24.78 22.80
CA ILE A 70 10.79 -23.82 22.81
C ILE A 70 11.01 -22.71 21.79
N PHE A 71 12.27 -22.29 21.59
CA PHE A 71 12.55 -21.29 20.58
C PHE A 71 12.11 -21.76 19.20
N ILE A 72 12.47 -22.98 18.83
CA ILE A 72 12.09 -23.50 17.51
C ILE A 72 10.57 -23.68 17.43
N LEU A 73 9.95 -24.16 18.50
CA LEU A 73 8.50 -24.37 18.48
C LEU A 73 7.75 -23.06 18.32
N TYR A 74 8.24 -21.99 18.95
CA TYR A 74 7.60 -20.69 18.78
C TYR A 74 7.92 -20.09 17.42
N ALA A 75 9.07 -20.45 16.82
CA ALA A 75 9.38 -19.94 15.49
C ALA A 75 8.52 -20.59 14.41
N ASN A 76 8.08 -21.84 14.64
CA ASN A 76 7.31 -22.54 13.59
C ASN A 76 5.98 -21.87 13.28
N THR A 77 5.49 -20.99 14.16
CA THR A 77 4.24 -20.29 13.87
C THR A 77 4.36 -19.42 12.63
N ILE A 78 5.56 -18.90 12.35
CA ILE A 78 5.77 -18.13 11.14
C ILE A 78 5.45 -18.97 9.90
N PHE A 79 5.92 -20.21 9.88
CA PHE A 79 5.62 -21.09 8.77
C PHE A 79 4.14 -21.47 8.72
N ILE A 80 3.55 -21.76 9.87
CA ILE A 80 2.25 -22.44 9.85
C ILE A 80 1.04 -21.50 9.85
N LYS A 81 1.18 -20.27 10.34
CA LYS A 81 -0.01 -19.42 10.53
C LYS A 81 -0.60 -18.95 9.21
N ARG A 82 0.25 -18.69 8.21
CA ARG A 82 -0.24 -18.07 6.98
C ARG A 82 -1.23 -18.97 6.25
N ARG A 83 -0.95 -20.27 6.21
CA ARG A 83 -1.71 -21.19 5.36
C ARG A 83 -2.99 -21.60 6.08
N SER A 84 -4.05 -20.81 5.89
CA SER A 84 -5.39 -21.15 6.35
C SER A 84 -6.35 -21.31 5.18
N LYS A 85 -6.41 -20.31 4.29
CA LYS A 85 -7.24 -20.43 3.10
C LYS A 85 -6.73 -21.52 2.18
N GLU A 86 -5.44 -21.84 2.23
CA GLU A 86 -4.92 -22.96 1.46
C GLU A 86 -5.57 -24.27 1.88
N ILE A 87 -5.60 -24.53 3.20
CA ILE A 87 -6.24 -25.74 3.69
C ILE A 87 -7.74 -25.71 3.46
N GLY A 88 -8.35 -24.52 3.60
CA GLY A 88 -9.77 -24.41 3.30
C GLY A 88 -10.10 -24.79 1.87
N LEU A 89 -9.31 -24.30 0.92
CA LEU A 89 -9.54 -24.62 -0.48
C LEU A 89 -9.25 -26.09 -0.76
N PHE A 90 -8.20 -26.65 -0.16
CA PHE A 90 -7.93 -28.07 -0.36
C PHE A 90 -9.04 -28.96 0.20
N GLN A 91 -9.68 -28.55 1.29
CA GLN A 91 -10.83 -29.30 1.79
C GLN A 91 -12.06 -29.07 0.93
N LEU A 92 -12.19 -27.89 0.33
CA LEU A 92 -13.29 -27.66 -0.61
C LEU A 92 -13.16 -28.56 -1.83
N ILE A 93 -11.94 -28.73 -2.35
CA ILE A 93 -11.73 -29.57 -3.52
C ILE A 93 -12.11 -31.02 -3.23
N GLY A 94 -11.73 -31.51 -2.05
CA GLY A 94 -12.12 -32.85 -1.66
C GLY A 94 -11.09 -33.64 -0.87
N MET A 95 -9.85 -33.15 -0.83
CA MET A 95 -8.80 -33.87 -0.11
C MET A 95 -9.12 -33.95 1.38
N THR A 96 -8.71 -35.05 1.99
CA THR A 96 -8.85 -35.20 3.44
C THR A 96 -7.74 -34.43 4.15
N LYS A 97 -7.71 -34.52 5.47
CA LYS A 97 -6.64 -33.88 6.22
C LYS A 97 -5.35 -34.70 6.19
N HIS A 98 -5.47 -36.02 5.99
CA HIS A 98 -4.28 -36.87 5.94
C HIS A 98 -3.42 -36.59 4.72
N LYS A 99 -3.96 -35.92 3.70
CA LYS A 99 -3.15 -35.52 2.55
C LYS A 99 -2.69 -34.07 2.63
N ILE A 100 -3.51 -33.19 3.20
CA ILE A 100 -3.06 -31.81 3.41
C ILE A 100 -1.90 -31.78 4.40
N PHE A 101 -1.94 -32.64 5.42
CA PHE A 101 -0.84 -32.73 6.37
C PHE A 101 0.47 -33.09 5.66
N ARG A 102 0.43 -34.10 4.81
CA ARG A 102 1.63 -34.52 4.10
C ARG A 102 2.08 -33.46 3.11
N ILE A 103 1.14 -32.80 2.43
CA ILE A 103 1.51 -31.77 1.46
C ILE A 103 2.21 -30.61 2.15
N LEU A 104 1.68 -30.17 3.29
CA LEU A 104 2.30 -29.05 3.99
C LEU A 104 3.51 -29.44 4.82
N SER A 105 3.71 -30.74 5.09
CA SER A 105 4.88 -31.19 5.81
C SER A 105 5.99 -31.71 4.91
N ALA A 106 5.76 -31.81 3.61
CA ALA A 106 6.80 -32.26 2.70
C ALA A 106 7.81 -31.17 2.34
N GLU A 107 7.52 -29.91 2.63
CA GLU A 107 8.46 -28.82 2.38
C GLU A 107 9.09 -28.27 3.64
N ASN A 108 8.42 -28.38 4.79
CA ASN A 108 9.06 -28.06 6.05
C ASN A 108 10.27 -28.95 6.29
N VAL A 109 10.19 -30.22 5.86
CA VAL A 109 11.33 -31.11 5.97
C VAL A 109 12.51 -30.59 5.16
N MET A 110 12.24 -30.13 3.93
CA MET A 110 13.30 -29.62 3.08
C MET A 110 13.95 -28.38 3.68
N LEU A 111 13.14 -27.43 4.16
CA LEU A 111 13.69 -26.24 4.79
C LEU A 111 14.48 -26.59 6.04
N TYR A 112 13.95 -27.48 6.87
CA TYR A 112 14.60 -27.87 8.12
C TYR A 112 15.94 -28.52 7.86
N PHE A 113 16.01 -29.43 6.89
CA PHE A 113 17.27 -30.13 6.65
C PHE A 113 18.28 -29.26 5.91
N GLY A 114 17.82 -28.32 5.07
CA GLY A 114 18.75 -27.34 4.53
C GLY A 114 19.37 -26.47 5.60
N SER A 115 18.55 -26.01 6.55
CA SER A 115 19.07 -25.23 7.67
C SER A 115 20.01 -26.05 8.54
N LEU A 116 19.67 -27.33 8.76
CA LEU A 116 20.54 -28.20 9.54
C LEU A 116 21.88 -28.40 8.86
N ALA A 117 21.88 -28.58 7.54
CA ALA A 117 23.13 -28.73 6.81
C ALA A 117 23.97 -27.45 6.88
N ILE A 118 23.34 -26.29 6.71
CA ILE A 118 24.10 -25.04 6.69
C ILE A 118 24.64 -24.70 8.07
N GLY A 119 23.85 -24.95 9.12
CA GLY A 119 24.25 -24.53 10.45
C GLY A 119 25.41 -25.33 11.02
N VAL A 120 25.63 -26.54 10.53
CA VAL A 120 26.79 -27.32 10.96
C VAL A 120 28.08 -26.69 10.43
N ALA A 121 28.06 -26.25 9.17
CA ALA A 121 29.25 -25.62 8.60
C ALA A 121 29.60 -24.33 9.32
N ALA A 122 28.60 -23.52 9.66
CA ALA A 122 28.84 -22.27 10.36
C ALA A 122 29.15 -22.48 11.84
N GLY A 123 28.82 -23.63 12.41
CA GLY A 123 29.14 -23.91 13.79
C GLY A 123 30.55 -24.49 13.92
N PHE A 124 31.07 -25.05 12.82
CA PHE A 124 32.43 -25.53 12.81
C PHE A 124 33.44 -24.39 12.68
N SER A 125 33.07 -23.32 11.97
CA SER A 125 33.99 -22.20 11.76
C SER A 125 34.35 -21.52 13.07
N ILE A 126 33.35 -21.31 13.94
CA ILE A 126 33.56 -20.56 15.18
C ILE A 126 33.84 -21.48 16.36
N SER A 127 34.21 -22.73 16.09
CA SER A 127 34.51 -23.69 17.16
C SER A 127 35.88 -23.45 17.78
N LYS A 128 36.73 -22.64 17.16
CA LYS A 128 38.04 -22.33 17.72
C LYS A 128 38.05 -21.05 18.54
N LEU A 129 37.23 -20.07 18.15
CA LEU A 129 37.13 -18.84 18.93
C LEU A 129 36.59 -19.12 20.33
N VAL A 130 35.60 -20.01 20.44
CA VAL A 130 35.05 -20.36 21.74
C VAL A 130 36.11 -21.01 22.62
N LEU A 131 36.89 -21.93 22.03
CA LEU A 131 37.95 -22.57 22.79
C LEU A 131 39.01 -21.58 23.24
N MET A 132 39.36 -20.63 22.37
CA MET A 132 40.33 -19.61 22.74
C MET A 132 39.81 -18.73 23.87
N ILE A 133 38.52 -18.38 23.83
CA ILE A 133 37.94 -17.60 24.92
C ILE A 133 37.99 -18.38 26.23
N LEU A 134 37.64 -19.66 26.19
CA LEU A 134 37.67 -20.47 27.41
C LEU A 134 39.10 -20.58 27.95
N PHE A 135 40.07 -20.78 27.06
CA PHE A 135 41.46 -20.86 27.49
C PHE A 135 41.93 -19.54 28.11
N LYS A 136 41.51 -18.42 27.52
CA LYS A 136 41.88 -17.12 28.07
C LYS A 136 41.24 -16.88 29.44
N ILE A 137 40.04 -17.41 29.67
CA ILE A 137 39.36 -17.18 30.95
C ILE A 137 40.10 -17.90 32.08
N VAL A 138 40.45 -19.17 31.87
CA VAL A 138 41.09 -19.96 32.93
C VAL A 138 42.60 -19.89 32.82
N ASP A 139 43.10 -19.04 31.93
CA ASP A 139 44.52 -18.73 31.80
C ASP A 139 45.35 -19.99 31.50
N VAL A 140 45.10 -20.53 30.31
CA VAL A 140 45.89 -21.63 29.76
C VAL A 140 46.63 -21.11 28.55
N LYS A 141 47.94 -21.38 28.50
CA LYS A 141 48.82 -20.88 27.45
C LYS A 141 49.00 -21.89 26.31
N ALA A 142 48.26 -22.98 26.31
CA ALA A 142 48.38 -23.98 25.26
C ALA A 142 47.86 -23.44 23.93
N ASP A 143 47.94 -24.28 22.90
CA ASP A 143 47.58 -23.89 21.54
C ASP A 143 46.25 -24.53 21.15
N ALA A 144 45.34 -23.72 20.63
CA ALA A 144 44.06 -24.20 20.14
C ALA A 144 44.17 -24.59 18.67
N LYS A 145 43.44 -25.63 18.28
CA LYS A 145 43.48 -26.13 16.92
C LYS A 145 42.06 -26.45 16.45
N LEU A 146 41.87 -26.46 15.14
CA LEU A 146 40.59 -26.82 14.57
C LEU A 146 40.36 -28.33 14.71
N HIS A 147 39.12 -28.70 15.00
CA HIS A 147 38.77 -30.10 15.23
C HIS A 147 37.31 -30.31 14.86
N PHE A 148 37.01 -31.50 14.34
CA PHE A 148 35.66 -31.76 13.86
C PHE A 148 34.77 -32.42 14.93
N SER A 149 35.27 -33.46 15.60
CA SER A 149 34.55 -34.10 16.69
C SER A 149 33.20 -34.65 16.21
N GLU A 150 33.29 -35.69 15.37
CA GLU A 150 32.11 -36.26 14.72
C GLU A 150 31.06 -36.72 15.73
N GLN A 151 31.47 -37.04 16.96
CA GLN A 151 30.50 -37.42 17.98
C GLN A 151 29.52 -36.28 18.25
N ALA A 152 30.02 -35.05 18.29
CA ALA A 152 29.13 -33.90 18.47
C ALA A 152 28.15 -33.78 17.29
N LEU A 153 28.63 -34.06 16.08
CA LEU A 153 27.74 -34.03 14.91
C LEU A 153 26.62 -35.05 15.05
N VAL A 154 26.97 -36.26 15.47
CA VAL A 154 25.94 -37.30 15.65
C VAL A 154 24.95 -36.89 16.72
N GLN A 155 25.44 -36.35 17.84
CA GLN A 155 24.56 -35.93 18.91
C GLN A 155 23.59 -34.84 18.45
N THR A 156 24.10 -33.85 17.72
CA THR A 156 23.26 -32.76 17.24
C THR A 156 22.20 -33.27 16.27
N VAL A 157 22.59 -34.17 15.36
CA VAL A 157 21.63 -34.73 14.42
C VAL A 157 20.50 -35.44 15.18
N ILE A 158 20.87 -36.26 16.17
CA ILE A 158 19.86 -36.98 16.94
C ILE A 158 18.93 -36.02 17.67
N VAL A 159 19.49 -34.99 18.31
CA VAL A 159 18.69 -34.07 19.10
C VAL A 159 17.68 -33.33 18.22
N PHE A 160 18.13 -32.84 17.07
CA PHE A 160 17.21 -32.06 16.25
C PHE A 160 16.21 -32.95 15.51
N CYS A 161 16.59 -34.18 15.17
CA CYS A 161 15.60 -35.13 14.67
C CYS A 161 14.56 -35.45 15.73
N GLY A 162 14.94 -35.42 17.01
CA GLY A 162 13.96 -35.56 18.07
C GLY A 162 13.02 -34.37 18.17
N ILE A 163 13.54 -33.15 17.99
CA ILE A 163 12.70 -31.96 18.06
C ILE A 163 11.71 -31.90 16.89
N TYR A 164 12.11 -32.40 15.72
CA TYR A 164 11.19 -32.37 14.59
C TYR A 164 9.92 -33.18 14.84
N LEU A 165 9.97 -34.17 15.72
CA LEU A 165 8.75 -34.90 16.07
C LEU A 165 7.73 -33.97 16.73
N LEU A 166 8.20 -33.14 17.67
CA LEU A 166 7.32 -32.16 18.28
C LEU A 166 6.80 -31.16 17.25
N ILE A 167 7.66 -30.78 16.29
CA ILE A 167 7.20 -29.87 15.24
C ILE A 167 6.05 -30.48 14.46
N MET A 168 6.19 -31.75 14.08
CA MET A 168 5.12 -32.44 13.35
C MET A 168 3.85 -32.54 14.19
N ILE A 169 4.00 -32.85 15.48
CA ILE A 169 2.83 -32.95 16.35
C ILE A 169 2.08 -31.63 16.40
N MET A 170 2.81 -30.51 16.47
CA MET A 170 2.13 -29.22 16.55
C MET A 170 1.55 -28.80 15.20
N ASN A 171 2.15 -29.23 14.09
CA ASN A 171 1.54 -28.98 12.78
C ASN A 171 0.20 -29.69 12.65
N TYR A 172 0.14 -30.94 13.14
CA TYR A 172 -1.05 -31.75 12.93
C TYR A 172 -2.28 -31.13 13.56
N THR A 173 -2.15 -30.61 14.78
CA THR A 173 -3.31 -30.05 15.47
C THR A 173 -3.85 -28.82 14.75
N PHE A 174 -2.96 -27.93 14.31
CA PHE A 174 -3.42 -26.75 13.58
C PHE A 174 -4.10 -27.13 12.28
N ILE A 175 -3.56 -28.12 11.57
CA ILE A 175 -4.22 -28.57 10.33
C ILE A 175 -5.58 -29.18 10.65
N LYS A 176 -5.68 -29.87 11.79
CA LYS A 176 -6.94 -30.52 12.17
C LYS A 176 -8.02 -29.50 12.54
N LYS A 177 -7.63 -28.41 13.20
CA LYS A 177 -8.61 -27.46 13.72
C LYS A 177 -9.22 -26.56 12.66
N GLN A 178 -8.78 -26.64 11.41
CA GLN A 178 -9.32 -25.82 10.34
C GLN A 178 -10.46 -26.56 9.64
N SER A 179 -11.39 -25.81 9.06
CA SER A 179 -12.57 -26.36 8.42
C SER A 179 -12.73 -25.78 7.02
N ILE A 180 -13.87 -26.08 6.40
CA ILE A 180 -14.17 -25.56 5.06
C ILE A 180 -14.67 -24.12 5.11
N LEU A 181 -15.10 -23.64 6.27
CA LEU A 181 -15.57 -22.28 6.43
C LEU A 181 -14.44 -21.27 6.56
N SER A 182 -13.19 -21.73 6.64
CA SER A 182 -12.06 -20.83 6.70
C SER A 182 -11.77 -20.14 5.37
N LEU A 183 -12.43 -20.58 4.29
CA LEU A 183 -12.23 -19.95 2.99
C LEU A 183 -12.76 -18.52 2.95
N PHE A 184 -13.82 -18.24 3.71
CA PHE A 184 -14.45 -16.92 3.69
C PHE A 184 -13.90 -16.02 4.78
N LYS A 185 -14.06 -16.42 6.04
CA LYS A 185 -13.57 -15.63 7.17
C LYS A 185 -13.29 -16.51 8.38
N LYS A 193 -14.53 -13.26 25.13
CA LYS A 193 -13.51 -12.40 24.54
C LYS A 193 -13.44 -11.07 25.29
N VAL A 194 -13.48 -9.96 24.54
CA VAL A 194 -13.47 -8.64 25.16
C VAL A 194 -14.76 -8.44 25.96
N LYS A 195 -14.62 -8.01 27.21
CA LYS A 195 -15.76 -7.90 28.12
C LYS A 195 -15.40 -6.93 29.23
N LYS A 196 -16.43 -6.50 29.95
CA LYS A 196 -16.23 -5.59 31.07
C LYS A 196 -15.52 -6.30 32.22
N ILE A 197 -14.71 -5.54 32.95
CA ILE A 197 -13.91 -6.10 34.03
C ILE A 197 -14.78 -6.30 35.26
N SER A 198 -14.75 -7.51 35.82
CA SER A 198 -15.56 -7.85 36.97
C SER A 198 -14.88 -7.36 38.25
N PHE A 199 -15.37 -7.81 39.41
CA PHE A 199 -14.80 -7.44 40.70
C PHE A 199 -13.69 -8.37 41.14
N PHE A 200 -13.68 -9.62 40.69
CA PHE A 200 -12.62 -10.55 41.05
C PHE A 200 -11.27 -10.06 40.54
N GLN A 201 -11.22 -9.57 39.30
CA GLN A 201 -9.99 -9.01 38.76
C GLN A 201 -9.60 -7.73 39.49
N MET A 202 -10.58 -6.96 39.95
CA MET A 202 -10.30 -5.76 40.74
C MET A 202 -9.56 -6.12 42.02
N LEU A 203 -9.72 -7.34 42.51
CA LEU A 203 -9.02 -7.81 43.71
C LEU A 203 -7.68 -8.45 43.36
N ILE A 204 -7.63 -9.25 42.30
CA ILE A 204 -6.38 -9.90 41.91
C ILE A 204 -5.32 -8.87 41.54
N GLY A 205 -5.74 -7.79 40.87
CA GLY A 205 -4.78 -6.76 40.49
C GLY A 205 -4.09 -6.13 41.67
N ALA A 206 -4.84 -5.87 42.75
CA ALA A 206 -4.23 -5.31 43.95
C ALA A 206 -3.40 -6.35 44.68
N LEU A 207 -3.88 -7.60 44.70
CA LEU A 207 -3.17 -8.65 45.42
C LEU A 207 -1.78 -8.89 44.83
N GLY A 208 -1.65 -8.84 43.51
CA GLY A 208 -0.34 -9.05 42.90
C GLY A 208 0.68 -8.02 43.35
N ILE A 209 0.31 -6.74 43.29
CA ILE A 209 1.22 -5.68 43.72
C ILE A 209 1.53 -5.81 45.20
N VAL A 210 0.52 -6.14 46.01
CA VAL A 210 0.74 -6.28 47.45
C VAL A 210 1.77 -7.39 47.71
N LEU A 211 1.62 -8.52 47.04
CA LEU A 211 2.55 -9.63 47.24
C LEU A 211 3.96 -9.26 46.82
N ILE A 212 4.10 -8.60 45.66
CA ILE A 212 5.44 -8.24 45.19
C ILE A 212 6.11 -7.28 46.17
N LEU A 213 5.36 -6.26 46.63
CA LEU A 213 5.94 -5.27 47.54
C LEU A 213 6.30 -5.91 48.88
N THR A 214 5.46 -6.81 49.39
CA THR A 214 5.78 -7.49 50.64
C THR A 214 7.03 -8.34 50.50
N GLY A 215 7.16 -9.06 49.37
CA GLY A 215 8.37 -9.83 49.15
C GLY A 215 9.62 -8.98 49.11
N TYR A 216 9.55 -7.85 48.40
CA TYR A 216 10.69 -6.94 48.35
C TYR A 216 11.05 -6.43 49.74
N TYR A 217 10.03 -6.03 50.52
CA TYR A 217 10.30 -5.47 51.84
C TYR A 217 10.92 -6.51 52.77
N VAL A 218 10.41 -7.75 52.75
CA VAL A 218 10.97 -8.78 53.60
C VAL A 218 12.40 -9.12 53.18
N SER A 219 12.66 -9.17 51.87
CA SER A 219 14.00 -9.47 51.40
C SER A 219 14.99 -8.37 51.79
N SER A 220 14.56 -7.11 51.72
CA SER A 220 15.45 -6.01 52.04
C SER A 220 15.84 -6.00 53.52
N GLU A 221 14.97 -6.50 54.40
CA GLU A 221 15.32 -6.60 55.80
C GLU A 221 16.36 -7.69 56.05
N LEU A 222 16.39 -8.72 55.21
CA LEU A 222 17.36 -9.79 55.36
C LEU A 222 18.78 -9.27 55.21
N PHE A 223 19.02 -8.38 54.25
CA PHE A 223 20.33 -7.80 54.03
C PHE A 223 20.69 -6.76 55.09
N GLY A 224 19.72 -6.34 55.92
CA GLY A 224 19.99 -5.36 56.95
C GLY A 224 20.64 -5.91 58.20
N GLY A 225 20.62 -7.22 58.40
CA GLY A 225 21.27 -7.82 59.54
C GLY A 225 20.40 -8.73 60.38
N LYS A 226 19.09 -8.69 60.14
CA LYS A 226 18.17 -9.49 60.94
C LYS A 226 18.25 -10.96 60.52
N PHE A 227 17.49 -11.79 61.24
CA PHE A 227 17.43 -13.24 61.00
C PHE A 227 18.84 -13.85 61.06
N LYS A 228 19.48 -13.70 62.21
CA LYS A 228 20.85 -14.20 62.41
C LYS A 228 20.82 -15.59 63.06
N THR A 229 20.11 -16.50 62.41
CA THR A 229 20.04 -17.88 62.84
C THR A 229 19.59 -18.73 61.66
N ILE A 230 20.12 -19.95 61.57
CA ILE A 230 19.85 -20.82 60.43
C ILE A 230 18.36 -21.18 60.38
N ASN A 231 17.72 -21.32 61.54
CA ASN A 231 16.35 -21.84 61.56
C ASN A 231 15.38 -20.91 60.84
N GLU A 232 15.36 -19.63 61.19
CA GLU A 232 14.40 -18.73 60.56
C GLU A 232 14.91 -18.15 59.24
N LEU A 233 16.15 -18.45 58.84
CA LEU A 233 16.64 -17.97 57.56
C LEU A 233 15.97 -18.68 56.40
N PHE A 234 15.82 -20.00 56.50
CA PHE A 234 15.24 -20.78 55.40
C PHE A 234 13.75 -20.51 55.26
N VAL A 235 13.04 -20.34 56.37
CA VAL A 235 11.62 -20.00 56.31
C VAL A 235 11.43 -18.67 55.59
N ALA A 236 12.23 -17.68 55.96
CA ALA A 236 12.15 -16.37 55.31
C ALA A 236 12.49 -16.48 53.82
N MET A 237 13.51 -17.26 53.48
CA MET A 237 13.89 -17.39 52.08
C MET A 237 12.78 -18.03 51.26
N SER A 238 12.17 -19.10 51.80
CA SER A 238 11.09 -19.76 51.07
C SER A 238 9.88 -18.84 50.93
N PHE A 239 9.54 -18.10 51.99
CA PHE A 239 8.42 -17.17 51.90
C PHE A 239 8.70 -16.10 50.85
N ILE A 240 9.92 -15.58 50.81
CA ILE A 240 10.27 -14.55 49.84
C ILE A 240 10.13 -15.08 48.42
N LEU A 241 10.68 -16.27 48.16
CA LEU A 241 10.58 -16.85 46.82
C LEU A 241 9.14 -17.06 46.41
N GLY A 242 8.34 -17.68 47.28
CA GLY A 242 6.95 -17.93 46.95
C GLY A 242 6.17 -16.66 46.70
N SER A 243 6.34 -15.66 47.57
CA SER A 243 5.64 -14.41 47.41
C SER A 243 6.03 -13.71 46.13
N VAL A 244 7.32 -13.70 45.79
CA VAL A 244 7.77 -13.03 44.59
C VAL A 244 7.17 -13.68 43.35
N ILE A 245 7.20 -15.02 43.29
CA ILE A 245 6.71 -15.69 42.09
C ILE A 245 5.20 -15.55 41.96
N ILE A 246 4.46 -15.71 43.05
CA ILE A 246 3.00 -15.58 42.98
C ILE A 246 2.62 -14.15 42.64
N GLY A 247 3.31 -13.17 43.23
CA GLY A 247 3.04 -11.78 42.91
C GLY A 247 3.32 -11.45 41.47
N THR A 248 4.39 -12.02 40.91
CA THR A 248 4.67 -11.81 39.50
C THR A 248 3.56 -12.38 38.62
N PHE A 249 3.10 -13.60 38.92
CA PHE A 249 2.04 -14.18 38.12
C PHE A 249 0.76 -13.35 38.21
N LEU A 250 0.39 -12.92 39.42
CA LEU A 250 -0.81 -12.10 39.56
C LEU A 250 -0.62 -10.70 38.99
N PHE A 251 0.62 -10.25 38.84
CA PHE A 251 0.88 -8.98 38.16
C PHE A 251 0.64 -9.10 36.66
N TYR A 252 1.14 -10.18 36.05
CA TYR A 252 0.97 -10.34 34.60
C TYR A 252 -0.38 -10.92 34.23
N LYS A 253 -1.32 -11.03 35.16
CA LYS A 253 -2.65 -11.58 34.89
C LYS A 253 -3.76 -10.55 35.02
N GLY A 254 -3.79 -9.80 36.13
CA GLY A 254 -4.87 -8.86 36.33
C GLY A 254 -4.45 -7.51 36.85
N SER A 255 -3.16 -7.35 37.14
CA SER A 255 -2.66 -6.07 37.66
C SER A 255 -2.31 -5.07 36.58
N VAL A 256 -2.21 -5.49 35.33
CA VAL A 256 -2.04 -4.55 34.23
C VAL A 256 -3.38 -4.04 33.73
N THR A 257 -4.36 -4.95 33.59
CA THR A 257 -5.72 -4.53 33.24
C THR A 257 -6.32 -3.63 34.30
N PHE A 258 -5.97 -3.85 35.57
CA PHE A 258 -6.44 -3.00 36.66
C PHE A 258 -6.06 -1.53 36.42
N ILE A 259 -4.75 -1.26 36.33
CA ILE A 259 -4.29 0.10 36.14
C ILE A 259 -4.73 0.65 34.79
N SER A 260 -4.76 -0.20 33.77
CA SER A 260 -5.19 0.25 32.45
C SER A 260 -6.64 0.73 32.48
N ASN A 261 -7.52 -0.01 33.15
CA ASN A 261 -8.92 0.39 33.28
C ASN A 261 -9.04 1.66 34.12
N ILE A 262 -8.26 1.77 35.19
CA ILE A 262 -8.32 2.97 36.02
C ILE A 262 -7.92 4.19 35.22
N ILE A 263 -6.87 4.08 34.41
CA ILE A 263 -6.42 5.20 33.59
C ILE A 263 -7.45 5.52 32.50
N ARG A 264 -7.99 4.48 31.85
CA ARG A 264 -8.92 4.70 30.75
C ARG A 264 -10.23 5.31 31.22
N LYS A 265 -10.70 4.95 32.42
CA LYS A 265 -11.94 5.51 32.94
C LYS A 265 -11.83 7.00 33.22
N SER A 266 -10.61 7.52 33.40
CA SER A 266 -10.45 8.95 33.63
C SER A 266 -10.96 9.75 32.45
N LYS A 267 -10.66 9.32 31.23
CA LYS A 267 -11.24 9.90 30.03
C LYS A 267 -12.68 9.41 29.92
N GLY A 268 -13.61 10.33 29.77
CA GLY A 268 -15.02 9.98 29.82
C GLY A 268 -15.53 9.18 28.64
N GLY A 269 -14.61 8.68 27.81
CA GLY A 269 -14.97 7.95 26.61
C GLY A 269 -14.59 8.72 25.37
N TYR A 270 -13.57 9.57 25.48
CA TYR A 270 -13.14 10.46 24.41
C TYR A 270 -11.63 10.30 24.23
N LEU A 271 -11.23 9.33 23.42
CA LEU A 271 -9.83 9.04 23.16
C LEU A 271 -9.44 9.53 21.78
N ASN A 272 -8.16 9.43 21.46
CA ASN A 272 -7.63 9.72 20.14
C ASN A 272 -6.96 8.47 19.56
N ILE A 273 -6.38 8.62 18.38
CA ILE A 273 -5.89 7.45 17.64
C ILE A 273 -4.72 6.79 18.36
N SER A 274 -3.85 7.59 18.98
CA SER A 274 -2.72 7.02 19.71
C SER A 274 -3.19 6.17 20.88
N GLU A 275 -4.14 6.70 21.67
CA GLU A 275 -4.67 5.94 22.79
C GLU A 275 -5.41 4.69 22.31
N VAL A 276 -6.16 4.81 21.22
CA VAL A 276 -6.86 3.65 20.67
C VAL A 276 -5.87 2.56 20.29
N LEU A 277 -4.78 2.94 19.63
CA LEU A 277 -3.82 1.95 19.15
C LEU A 277 -2.93 1.40 20.27
N SER A 278 -2.79 2.11 21.39
CA SER A 278 -1.91 1.64 22.47
C SER A 278 -2.68 0.98 23.60
N LEU A 279 -3.56 1.74 24.26
CA LEU A 279 -4.15 1.29 25.52
C LEU A 279 -5.20 0.22 25.28
N SER A 280 -6.02 0.36 24.24
CA SER A 280 -7.06 -0.62 23.97
C SER A 280 -6.49 -1.98 23.60
N SER A 281 -5.23 -2.04 23.19
CA SER A 281 -4.58 -3.31 22.92
C SER A 281 -3.82 -3.84 24.13
N ILE A 282 -3.12 -2.96 24.85
CA ILE A 282 -2.39 -3.40 26.03
C ILE A 282 -3.33 -3.90 27.12
N MET A 283 -4.52 -3.30 27.22
CA MET A 283 -5.48 -3.73 28.23
C MET A 283 -5.92 -5.16 28.01
N PHE A 284 -6.16 -5.55 26.76
CA PHE A 284 -6.85 -6.81 26.49
C PHE A 284 -5.93 -7.92 25.99
N ARG A 285 -4.71 -7.62 25.53
CA ARG A 285 -3.89 -8.66 24.95
C ARG A 285 -2.76 -9.14 25.84
N MET A 286 -2.29 -8.32 26.78
CA MET A 286 -1.18 -8.75 27.62
C MET A 286 -1.56 -9.88 28.56
N LYS A 287 -2.79 -9.87 29.08
CA LYS A 287 -3.21 -10.87 30.05
C LYS A 287 -3.29 -12.27 29.45
N SER A 288 -3.33 -12.38 28.11
CA SER A 288 -3.38 -13.69 27.49
C SER A 288 -2.02 -14.38 27.48
N ASN A 289 -0.95 -13.65 27.75
CA ASN A 289 0.40 -14.21 27.86
C ASN A 289 0.90 -13.88 29.26
N ALA A 290 0.57 -14.73 30.23
CA ALA A 290 0.92 -14.51 31.62
C ALA A 290 1.92 -15.52 32.16
N LEU A 291 1.90 -16.76 31.67
CA LEU A 291 2.83 -17.78 32.12
C LEU A 291 4.14 -17.77 31.35
N LEU A 292 4.24 -16.98 30.27
CA LEU A 292 5.48 -16.86 29.51
C LEU A 292 6.33 -15.70 30.03
N LEU A 293 5.71 -14.55 30.27
CA LEU A 293 6.44 -13.39 30.77
C LEU A 293 7.00 -13.65 32.17
N THR A 294 6.23 -14.36 33.00
CA THR A 294 6.70 -14.72 34.33
C THR A 294 7.99 -15.53 34.26
N ILE A 295 7.99 -16.58 33.42
CA ILE A 295 9.17 -17.42 33.25
C ILE A 295 10.34 -16.60 32.73
N ILE A 296 10.08 -15.74 31.74
CA ILE A 296 11.15 -14.96 31.14
C ILE A 296 11.83 -14.08 32.20
N THR A 297 11.03 -13.32 32.96
CA THR A 297 11.60 -12.40 33.93
C THR A 297 12.33 -13.15 35.04
N THR A 298 11.70 -14.20 35.58
CA THR A 298 12.31 -14.92 36.69
C THR A 298 13.63 -15.58 36.28
N VAL A 299 13.65 -16.22 35.10
CA VAL A 299 14.87 -16.91 34.68
C VAL A 299 15.96 -15.91 34.36
N SER A 300 15.62 -14.76 33.77
CA SER A 300 16.64 -13.75 33.49
C SER A 300 17.27 -13.24 34.77
N ALA A 301 16.44 -12.95 35.78
CA ALA A 301 16.96 -12.48 37.06
C ALA A 301 17.86 -13.53 37.70
N LEU A 302 17.44 -14.79 37.67
CA LEU A 302 18.24 -15.85 38.28
C LEU A 302 19.59 -15.99 37.58
N ALA A 303 19.60 -15.94 36.25
CA ALA A 303 20.85 -16.07 35.51
C ALA A 303 21.81 -14.93 35.83
N ILE A 304 21.30 -13.70 35.87
CA ILE A 304 22.17 -12.57 36.17
C ILE A 304 22.75 -12.69 37.59
N GLY A 305 21.91 -13.07 38.55
CA GLY A 305 22.41 -13.24 39.91
C GLY A 305 23.47 -14.31 40.03
N LEU A 306 23.24 -15.46 39.39
CA LEU A 306 24.22 -16.54 39.44
C LEU A 306 25.54 -16.12 38.80
N LEU A 307 25.47 -15.41 37.66
CA LEU A 307 26.70 -14.96 37.02
C LEU A 307 27.48 -14.01 37.91
N SER A 308 26.79 -13.08 38.57
CA SER A 308 27.49 -12.15 39.46
C SER A 308 28.14 -12.88 40.63
N LEU A 309 27.42 -13.85 41.20
CA LEU A 309 28.00 -14.62 42.31
C LEU A 309 29.25 -15.38 41.86
N ALA A 310 29.20 -15.99 40.67
CA ALA A 310 30.36 -16.71 40.16
C ALA A 310 31.54 -15.75 39.93
N TYR A 311 31.28 -14.55 39.41
CA TYR A 311 32.36 -13.61 39.19
C TYR A 311 33.00 -13.17 40.50
N ILE A 312 32.17 -12.92 41.53
CA ILE A 312 32.71 -12.54 42.83
C ILE A 312 33.60 -13.65 43.37
N SER A 313 33.13 -14.90 43.31
CA SER A 313 33.95 -16.00 43.80
C SER A 313 35.22 -16.19 42.98
N TYR A 314 35.17 -15.83 41.69
CA TYR A 314 36.36 -15.97 40.84
C TYR A 314 37.42 -14.95 41.21
N TYR A 315 37.04 -13.69 41.40
CA TYR A 315 38.03 -12.69 41.79
C TYR A 315 38.36 -12.69 43.28
N SER A 316 37.66 -13.49 44.09
CA SER A 316 38.00 -13.58 45.51
C SER A 316 38.86 -14.80 45.82
N SER A 317 39.79 -15.16 44.92
CA SER A 317 40.56 -16.39 45.07
C SER A 317 41.90 -16.18 45.77
N GLU A 318 42.61 -15.10 45.47
CA GLU A 318 43.92 -14.88 46.07
C GLU A 318 43.82 -14.70 47.58
N LYS A 319 42.83 -13.94 48.04
CA LYS A 319 42.68 -13.71 49.48
C LYS A 319 42.39 -15.01 50.22
N THR A 320 41.50 -15.83 49.69
CA THR A 320 41.18 -17.09 50.37
C THR A 320 42.34 -18.08 50.27
N ALA A 321 43.14 -18.01 49.19
CA ALA A 321 44.35 -18.82 49.13
C ALA A 321 45.35 -18.41 50.21
N GLU A 322 45.53 -17.10 50.41
CA GLU A 322 46.42 -16.63 51.47
C GLU A 322 45.89 -17.00 52.84
N GLN A 323 44.58 -16.95 53.03
CA GLN A 323 44.01 -17.25 54.34
C GLN A 323 44.08 -18.75 54.64
N ASN A 324 43.85 -19.59 53.65
CA ASN A 324 43.82 -21.03 53.87
C ASN A 324 45.19 -21.55 54.31
N VAL A 325 46.26 -21.05 53.69
CA VAL A 325 47.62 -21.43 54.04
C VAL A 325 48.29 -20.19 54.63
N ALA A 326 48.58 -20.25 55.94
CA ALA A 326 49.10 -19.08 56.63
C ALA A 326 50.45 -18.65 56.05
N ALA A 327 51.32 -19.60 55.76
CA ALA A 327 52.63 -19.32 55.19
C ALA A 327 52.59 -19.48 53.68
N ASP A 328 53.70 -19.11 53.03
CA ASP A 328 53.83 -19.33 51.60
C ASP A 328 53.79 -20.82 51.28
N PHE A 329 54.45 -21.63 52.09
CA PHE A 329 54.42 -23.09 51.98
C PHE A 329 54.14 -23.67 53.36
N SER A 330 53.43 -24.80 53.39
CA SER A 330 53.05 -25.44 54.63
C SER A 330 53.52 -26.89 54.65
N PHE A 331 53.83 -27.39 55.84
CA PHE A 331 54.31 -28.76 56.02
C PHE A 331 53.67 -29.34 57.27
N MET A 332 53.68 -30.68 57.34
CA MET A 332 53.23 -31.38 58.53
C MET A 332 54.32 -32.24 59.16
N ASN A 333 55.51 -32.26 58.59
CA ASN A 333 56.64 -33.01 59.13
C ASN A 333 57.87 -32.12 59.17
N GLU A 334 58.66 -32.27 60.23
CA GLU A 334 59.90 -31.48 60.33
C GLU A 334 60.94 -31.97 59.33
N LYS A 335 61.03 -33.29 59.13
CA LYS A 335 62.02 -33.83 58.21
C LYS A 335 61.75 -33.39 56.78
N ASP A 336 60.47 -33.37 56.38
CA ASP A 336 60.13 -32.92 55.03
C ASP A 336 60.50 -31.45 54.83
N ALA A 337 60.25 -30.62 55.84
CA ALA A 337 60.62 -29.21 55.75
C ALA A 337 62.14 -29.05 55.66
N LYS A 338 62.89 -29.84 56.43
CA LYS A 338 64.34 -29.78 56.35
C LYS A 338 64.85 -30.24 55.00
N LEU A 339 64.21 -31.25 54.42
CA LEU A 339 64.58 -31.69 53.07
C LEU A 339 64.29 -30.61 52.04
N PHE A 340 63.16 -29.92 52.19
CA PHE A 340 62.84 -28.81 51.29
C PHE A 340 63.87 -27.70 51.42
N GLU A 341 64.29 -27.40 52.65
CA GLU A 341 65.34 -26.39 52.86
C GLU A 341 66.66 -26.82 52.24
N ASN A 342 66.99 -28.11 52.36
CA ASN A 342 68.21 -28.63 51.75
C ASN A 342 68.15 -28.50 50.24
N LYS A 343 66.98 -28.76 49.64
CA LYS A 343 66.81 -28.57 48.21
C LYS A 343 66.96 -27.09 47.84
N LEU A 344 66.42 -26.20 48.66
CA LEU A 344 66.53 -24.77 48.40
C LEU A 344 67.93 -24.24 48.61
N ARG A 345 68.78 -24.99 49.33
CA ARG A 345 70.16 -24.55 49.55
C ARG A 345 70.88 -24.26 48.24
N GLU A 346 70.82 -25.19 47.29
CA GLU A 346 71.42 -24.95 45.99
C GLU A 346 70.62 -23.97 45.16
N SER A 347 69.34 -23.78 45.47
CA SER A 347 68.51 -22.83 44.74
C SER A 347 68.92 -21.39 44.96
N ASN A 348 69.74 -21.11 45.98
CA ASN A 348 70.23 -19.77 46.27
C ASN A 348 69.08 -18.79 46.52
N ILE A 349 68.04 -19.27 47.20
CA ILE A 349 66.92 -18.45 47.62
C ILE A 349 66.84 -18.49 49.14
N SER A 350 66.86 -17.31 49.76
CA SER A 350 66.94 -17.22 51.21
C SER A 350 65.57 -17.54 51.82
N PHE A 351 65.50 -18.66 52.55
CA PHE A 351 64.28 -19.03 53.27
C PHE A 351 64.33 -18.46 54.68
N VAL A 352 63.21 -17.88 55.12
CA VAL A 352 63.14 -17.18 56.38
C VAL A 352 62.16 -17.93 57.27
N LYS A 353 62.15 -19.26 57.15
CA LYS A 353 61.19 -20.09 57.88
C LYS A 353 61.26 -19.80 59.38
N LYS A 354 60.09 -19.63 59.99
CA LYS A 354 59.98 -19.35 61.41
C LYS A 354 58.88 -20.22 61.99
N ALA A 355 59.24 -21.13 62.90
CA ALA A 355 58.25 -21.97 63.59
C ALA A 355 57.74 -21.19 64.80
N THR A 356 56.83 -20.27 64.53
CA THR A 356 56.32 -19.38 65.57
C THR A 356 55.49 -20.17 66.59
N PRO A 357 55.82 -20.10 67.88
CA PRO A 357 55.04 -20.83 68.87
C PRO A 357 53.82 -20.04 69.34
N VAL A 358 52.63 -20.59 69.10
CA VAL A 358 51.38 -19.98 69.51
C VAL A 358 50.64 -20.95 70.42
N LEU A 359 50.26 -20.47 71.61
CA LEU A 359 49.56 -21.30 72.58
C LEU A 359 48.06 -21.22 72.37
N GLN A 360 47.40 -22.37 72.35
CA GLN A 360 45.96 -22.46 72.18
C GLN A 360 45.30 -22.31 73.55
N ALA A 361 44.94 -21.08 73.88
CA ALA A 361 44.31 -20.75 75.15
C ALA A 361 42.86 -20.35 74.90
N ASN A 362 41.93 -21.07 75.51
CA ASN A 362 40.51 -20.76 75.34
C ASN A 362 40.14 -19.51 76.14
N VAL A 363 39.26 -18.69 75.56
CA VAL A 363 38.84 -17.44 76.15
C VAL A 363 37.31 -17.42 76.21
N ASP A 364 36.77 -16.36 76.81
CA ASP A 364 35.33 -16.15 76.90
C ASP A 364 34.92 -15.07 75.91
N ILE A 365 34.08 -15.44 74.95
CA ILE A 365 33.61 -14.49 73.94
C ILE A 365 32.10 -14.56 73.85
N ALA A 366 31.46 -15.24 74.82
CA ALA A 366 30.01 -15.33 74.83
C ALA A 366 29.35 -13.98 75.03
N ASN A 367 29.89 -13.16 75.95
CA ASN A 367 29.32 -11.85 76.18
C ASN A 367 29.66 -10.87 75.06
N ILE A 368 30.78 -11.09 74.36
CA ILE A 368 31.14 -10.24 73.24
C ILE A 368 30.12 -10.37 72.12
N MET A 369 29.48 -11.54 72.01
CA MET A 369 28.48 -11.75 70.99
C MET A 369 27.28 -10.82 71.19
N ASP A 370 26.83 -10.22 70.10
CA ASP A 370 25.68 -9.32 70.13
C ASP A 370 24.61 -9.77 69.16
N GLY A 371 24.28 -11.06 69.17
CA GLY A 371 23.29 -11.60 68.27
C GLY A 371 21.93 -11.77 68.92
N THR A 372 21.59 -13.02 69.24
CA THR A 372 20.30 -13.36 69.82
C THR A 372 20.45 -14.65 70.61
N PRO A 373 19.68 -14.84 71.69
CA PRO A 373 19.86 -16.03 72.51
C PRO A 373 19.69 -17.34 71.75
N LYS A 374 18.88 -17.36 70.69
CA LYS A 374 18.74 -18.58 69.90
C LYS A 374 19.97 -18.85 69.04
N GLU A 375 20.88 -17.90 68.91
CA GLU A 375 22.14 -18.11 68.20
C GLU A 375 23.16 -18.68 69.16
N MET A 376 23.53 -19.95 68.96
CA MET A 376 24.46 -20.63 69.86
C MET A 376 25.79 -20.96 69.21
N GLN A 377 25.79 -21.48 67.99
CA GLN A 377 27.00 -21.95 67.30
C GLN A 377 27.83 -22.87 68.21
N GLY A 378 27.15 -23.82 68.84
CA GLY A 378 27.80 -24.74 69.75
C GLY A 378 28.06 -24.13 71.11
N ASP A 379 29.24 -24.43 71.68
CA ASP A 379 29.58 -23.85 72.97
C ASP A 379 29.86 -22.36 72.81
N PRO A 380 29.21 -21.49 73.59
CA PRO A 380 29.40 -20.04 73.40
C PRO A 380 30.82 -19.56 73.60
N GLY A 381 31.58 -20.19 74.49
CA GLY A 381 32.92 -19.69 74.80
C GLY A 381 33.98 -20.74 74.99
N ASN A 382 33.87 -21.88 74.31
CA ASN A 382 34.83 -22.97 74.46
C ASN A 382 35.41 -23.36 73.10
N MET A 383 35.78 -22.36 72.30
CA MET A 383 36.45 -22.62 71.04
C MET A 383 37.94 -22.84 71.25
N GLN A 384 38.60 -23.36 70.22
CA GLN A 384 40.03 -23.65 70.27
C GLN A 384 40.87 -22.42 69.92
N LEU A 385 40.60 -21.32 70.62
CA LEU A 385 41.26 -20.06 70.32
C LEU A 385 42.73 -20.10 70.77
N ALA A 386 43.55 -19.33 70.08
CA ALA A 386 44.99 -19.27 70.35
C ALA A 386 45.42 -17.83 70.55
N VAL A 387 46.51 -17.66 71.31
CA VAL A 387 47.02 -16.35 71.68
C VAL A 387 48.51 -16.29 71.35
N VAL A 388 48.96 -15.16 70.81
CA VAL A 388 50.35 -14.96 70.43
C VAL A 388 50.93 -13.82 71.29
N SER A 389 52.25 -13.82 71.41
CA SER A 389 52.96 -12.86 72.24
C SER A 389 53.19 -11.55 71.48
N ASP A 390 54.03 -10.67 72.05
CA ASP A 390 54.36 -9.41 71.42
C ASP A 390 55.70 -9.42 70.70
N LYS A 391 56.60 -10.35 71.05
CA LYS A 391 57.91 -10.37 70.40
C LYS A 391 57.81 -10.68 68.92
N ASP A 392 56.93 -11.62 68.54
CA ASP A 392 56.77 -11.96 67.14
C ASP A 392 56.07 -10.83 66.39
N VAL A 393 54.82 -10.53 66.78
CA VAL A 393 54.08 -9.42 66.18
C VAL A 393 54.37 -8.19 67.04
N LYS A 394 55.49 -7.52 66.72
CA LYS A 394 55.91 -6.34 67.46
C LYS A 394 55.18 -5.07 67.01
N GLY A 395 54.53 -5.10 65.85
CA GLY A 395 53.78 -3.93 65.41
C GLY A 395 52.58 -3.65 66.29
N VAL A 396 51.84 -4.69 66.66
CA VAL A 396 50.66 -4.54 67.51
C VAL A 396 51.14 -4.71 68.95
N ASP A 397 51.58 -3.62 69.55
CA ASP A 397 52.02 -3.63 70.93
C ASP A 397 50.81 -3.56 71.85
N VAL A 398 50.66 -4.54 72.72
CA VAL A 398 49.48 -4.68 73.58
C VAL A 398 49.93 -4.69 75.03
N ALA A 399 49.26 -3.91 75.86
CA ALA A 399 49.56 -3.85 77.29
C ALA A 399 48.88 -5.01 78.02
N ALA A 400 48.99 -5.01 79.34
CA ALA A 400 48.42 -6.07 80.15
C ALA A 400 46.89 -6.01 80.11
N GLY A 401 46.27 -7.17 80.05
CA GLY A 401 44.81 -7.25 80.05
C GLY A 401 44.13 -6.68 78.83
N GLU A 402 44.73 -6.87 77.65
CA GLU A 402 44.15 -6.40 76.41
C GLU A 402 44.48 -7.40 75.30
N ALA A 403 43.70 -7.35 74.22
CA ALA A 403 43.86 -8.30 73.13
C ALA A 403 43.46 -7.66 71.81
N VAL A 404 43.96 -8.24 70.72
CA VAL A 404 43.60 -7.84 69.37
C VAL A 404 43.34 -9.09 68.55
N PHE A 405 42.16 -9.17 67.95
CA PHE A 405 41.81 -10.31 67.11
C PHE A 405 42.43 -10.14 65.71
N SER A 406 42.96 -11.24 65.19
CA SER A 406 43.62 -11.25 63.88
C SER A 406 42.81 -12.12 62.94
N GLY A 407 41.83 -11.51 62.27
CA GLY A 407 40.97 -12.22 61.34
C GLY A 407 39.62 -11.57 61.16
N TYR A 408 39.06 -11.65 59.96
CA TYR A 408 37.76 -11.07 59.65
C TYR A 408 36.70 -12.14 59.46
N THR A 409 36.91 -13.07 58.52
CA THR A 409 36.04 -14.23 58.32
C THR A 409 34.60 -13.79 58.06
N ASP A 410 34.42 -13.16 56.90
CA ASP A 410 33.14 -12.60 56.47
C ASP A 410 31.93 -13.44 56.84
N LEU A 411 32.01 -14.76 56.67
CA LEU A 411 30.92 -15.64 57.07
C LEU A 411 30.70 -15.57 58.58
N LEU A 412 31.77 -15.54 59.36
CA LEU A 412 31.63 -15.36 60.80
C LEU A 412 31.13 -13.96 61.13
N GLN A 413 31.59 -12.95 60.37
CA GLN A 413 31.20 -11.58 60.65
C GLN A 413 29.70 -11.36 60.45
N LYS A 414 29.14 -11.95 59.39
CA LYS A 414 27.71 -11.76 59.13
C LYS A 414 26.83 -12.50 60.12
N ILE A 415 27.37 -13.51 60.82
CA ILE A 415 26.60 -14.26 61.79
C ILE A 415 26.95 -13.77 63.20
N MET A 416 28.21 -13.89 63.57
CA MET A 416 28.67 -13.48 64.90
C MET A 416 28.99 -11.99 64.90
N VAL A 417 28.43 -11.28 65.88
CA VAL A 417 28.63 -9.84 66.02
C VAL A 417 29.47 -9.60 67.26
N PHE A 418 30.56 -8.85 67.10
CA PHE A 418 31.48 -8.57 68.19
C PHE A 418 31.06 -7.29 68.90
N LYS A 419 31.10 -7.33 70.23
CA LYS A 419 30.72 -6.17 71.03
C LYS A 419 31.70 -5.02 70.84
N ASP A 420 31.18 -3.80 70.96
CA ASP A 420 32.02 -2.61 70.79
C ASP A 420 33.09 -2.53 71.88
N SER A 421 32.72 -2.89 73.12
CA SER A 421 33.63 -2.87 74.26
C SER A 421 33.59 -4.21 74.98
N GLY A 422 33.66 -5.30 74.22
CA GLY A 422 33.64 -6.61 74.81
C GLY A 422 34.92 -6.92 75.57
N VAL A 423 34.80 -7.86 76.51
CA VAL A 423 35.91 -8.30 77.34
C VAL A 423 36.29 -9.72 76.95
N ILE A 424 37.57 -9.96 76.73
CA ILE A 424 38.08 -11.26 76.32
C ILE A 424 38.68 -11.89 77.58
N LYS A 425 37.87 -12.68 78.27
CA LYS A 425 38.29 -13.34 79.50
C LYS A 425 38.83 -14.73 79.18
N VAL A 426 40.10 -14.96 79.45
CA VAL A 426 40.73 -16.24 79.20
C VAL A 426 40.23 -17.24 80.22
N LYS A 427 39.31 -18.12 79.82
CA LYS A 427 38.72 -19.11 80.73
C LYS A 427 39.64 -20.31 80.82
N SER A 428 40.72 -20.14 81.59
CA SER A 428 41.68 -21.21 81.80
C SER A 428 41.14 -22.20 82.82
N LYS A 429 41.97 -23.17 83.22
CA LYS A 429 41.53 -24.18 84.17
C LYS A 429 41.18 -23.56 85.51
N HIS A 430 42.03 -22.67 86.02
CA HIS A 430 41.79 -22.03 87.31
C HIS A 430 41.89 -20.51 87.23
N GLU A 431 42.80 -19.97 86.44
CA GLU A 431 43.00 -18.53 86.37
C GLU A 431 42.18 -17.92 85.24
N THR A 432 42.03 -16.59 85.29
CA THR A 432 41.34 -15.84 84.26
C THR A 432 42.17 -14.62 83.87
N GLN A 433 42.12 -14.27 82.59
CA GLN A 433 42.86 -13.14 82.04
C GLN A 433 41.92 -12.30 81.18
N PRO A 434 41.14 -11.42 81.79
CA PRO A 434 40.27 -10.54 81.00
C PRO A 434 41.09 -9.62 80.10
N LEU A 435 40.61 -9.41 78.89
CA LEU A 435 41.31 -8.61 77.89
C LEU A 435 40.35 -7.65 77.22
N LYS A 436 40.89 -6.57 76.66
CA LYS A 436 40.13 -5.54 76.00
C LYS A 436 40.58 -5.42 74.54
N TYR A 437 39.67 -4.92 73.71
CA TYR A 437 39.86 -4.86 72.27
C TYR A 437 40.28 -3.46 71.86
N LYS A 438 41.43 -3.35 71.19
CA LYS A 438 41.92 -2.06 70.70
C LYS A 438 42.00 -2.01 69.18
N GLY A 439 42.70 -2.95 68.55
CA GLY A 439 42.90 -2.94 67.11
C GLY A 439 42.35 -4.18 66.44
N LEU A 440 42.47 -4.20 65.12
CA LEU A 440 41.96 -5.28 64.29
C LEU A 440 43.04 -5.74 63.32
N ARG A 441 43.04 -7.06 63.05
CA ARG A 441 43.98 -7.66 62.11
C ARG A 441 43.26 -8.76 61.35
N GLU A 442 43.86 -9.15 60.22
CA GLU A 442 43.27 -10.16 59.35
C GLU A 442 44.20 -11.33 59.05
N GLU A 443 45.36 -11.40 59.71
CA GLU A 443 46.34 -12.43 59.43
C GLU A 443 46.11 -13.63 60.34
N PHE A 444 45.77 -14.78 59.75
CA PHE A 444 45.66 -16.02 60.50
C PHE A 444 47.03 -16.65 60.65
N LEU A 445 47.40 -16.98 61.89
CA LEU A 445 48.75 -17.43 62.17
C LEU A 445 48.98 -18.91 61.84
N VAL A 446 47.92 -19.68 61.64
CA VAL A 446 48.02 -21.08 61.27
C VAL A 446 47.11 -21.35 60.09
N SER A 447 47.43 -22.41 59.34
CA SER A 447 46.61 -22.80 58.20
C SER A 447 45.28 -23.40 58.67
N TYR A 448 44.39 -23.62 57.71
CA TYR A 448 43.07 -24.17 58.02
C TYR A 448 43.14 -25.61 58.50
N THR A 449 44.27 -26.29 58.34
CA THR A 449 44.41 -27.65 58.84
C THR A 449 44.43 -27.68 60.37
N PHE A 450 44.99 -26.65 61.00
CA PHE A 450 45.09 -26.60 62.45
C PHE A 450 43.99 -25.77 63.10
N THR A 451 43.53 -24.70 62.46
CA THR A 451 42.55 -23.81 63.05
C THR A 451 41.11 -24.21 62.76
N SER A 452 40.88 -25.25 61.95
CA SER A 452 39.55 -25.72 61.61
C SER A 452 38.69 -24.61 61.01
N GLY A 453 37.75 -24.09 61.80
CA GLY A 453 36.87 -23.03 61.32
C GLY A 453 37.55 -21.68 61.18
N GLY A 454 38.66 -21.48 61.87
CA GLY A 454 39.43 -20.25 61.78
C GLY A 454 39.38 -19.43 63.05
N MET A 455 40.40 -19.58 63.90
CA MET A 455 40.50 -18.81 65.13
C MET A 455 41.32 -17.56 64.88
N PRO A 456 40.78 -16.37 65.10
CA PRO A 456 41.61 -15.16 64.98
C PRO A 456 42.70 -15.14 66.03
N ALA A 457 43.90 -14.79 65.61
CA ALA A 457 45.03 -14.73 66.54
C ALA A 457 44.86 -13.56 67.51
N VAL A 458 45.20 -13.81 68.78
CA VAL A 458 45.04 -12.83 69.85
C VAL A 458 46.43 -12.38 70.29
N ILE A 459 46.65 -11.07 70.31
CA ILE A 459 47.92 -10.48 70.68
C ILE A 459 47.79 -9.88 72.07
N VAL A 460 48.56 -10.41 73.03
CA VAL A 460 48.56 -9.89 74.40
C VAL A 460 49.95 -9.41 74.74
N ASP A 461 50.14 -8.92 75.96
CA ASP A 461 51.44 -8.44 76.40
C ASP A 461 52.45 -9.59 76.44
N ASP A 462 53.71 -9.25 76.21
CA ASP A 462 54.76 -10.27 76.19
C ASP A 462 54.87 -10.99 77.52
N SER A 463 54.84 -10.23 78.62
CA SER A 463 54.82 -10.86 79.95
C SER A 463 53.54 -11.63 80.18
N LEU A 464 52.41 -11.13 79.65
CA LEU A 464 51.16 -11.87 79.77
C LEU A 464 51.23 -13.21 79.05
N PHE A 465 51.80 -13.23 77.84
CA PHE A 465 51.98 -14.49 77.14
C PHE A 465 52.99 -15.38 77.84
N LYS A 466 54.01 -14.80 78.47
CA LYS A 466 54.95 -15.61 79.25
C LYS A 466 54.24 -16.29 80.41
N GLN A 467 53.37 -15.57 81.10
CA GLN A 467 52.56 -16.19 82.15
C GLN A 467 51.65 -17.28 81.56
N LEU A 468 51.04 -17.01 80.41
CA LEU A 468 50.11 -17.97 79.82
C LEU A 468 50.81 -19.26 79.43
N ASP A 469 51.97 -19.16 78.79
CA ASP A 469 52.67 -20.37 78.34
C ASP A 469 53.54 -21.00 79.41
N LYS A 470 53.79 -20.30 80.53
CA LYS A 470 54.36 -20.98 81.69
C LYS A 470 53.30 -21.69 82.51
N ASP A 471 52.03 -21.25 82.42
CA ASP A 471 50.95 -21.99 83.05
C ASP A 471 50.80 -23.37 82.42
N LYS A 472 50.84 -23.44 81.08
CA LYS A 472 50.75 -24.68 80.33
C LYS A 472 49.49 -25.47 80.74
N ASP A 473 48.34 -24.86 80.44
CA ASP A 473 47.07 -25.46 80.82
C ASP A 473 46.84 -26.76 80.06
N PRO A 474 46.65 -27.89 80.76
CA PRO A 474 46.41 -29.16 80.07
C PRO A 474 45.00 -29.24 79.48
N ARG A 475 44.82 -28.64 78.31
CA ARG A 475 43.51 -28.58 77.67
C ARG A 475 43.72 -28.63 76.16
N ILE A 476 42.70 -28.22 75.40
CA ILE A 476 42.77 -28.27 73.94
C ILE A 476 43.98 -27.49 73.46
N GLN A 477 44.81 -28.15 72.65
CA GLN A 477 46.05 -27.55 72.17
C GLN A 477 46.40 -28.20 70.84
N LEU A 478 47.03 -27.41 69.96
CA LEU A 478 47.45 -27.91 68.67
C LEU A 478 48.46 -29.03 68.82
N ALA A 479 48.37 -30.04 67.95
CA ALA A 479 49.36 -31.11 67.93
C ALA A 479 50.74 -30.55 67.60
N GLN A 480 50.81 -29.63 66.64
CA GLN A 480 52.05 -28.93 66.30
C GLN A 480 51.96 -27.53 66.88
N SER A 481 52.56 -27.34 68.06
CA SER A 481 52.49 -26.04 68.72
C SER A 481 53.16 -24.95 67.89
N THR A 482 54.33 -25.25 67.32
CA THR A 482 55.06 -24.32 66.48
C THR A 482 54.77 -24.67 65.03
N PHE A 483 53.97 -23.84 64.37
CA PHE A 483 53.59 -24.09 62.98
C PHE A 483 54.81 -24.07 62.08
N ILE A 484 54.98 -25.11 61.28
CA ILE A 484 56.14 -25.26 60.41
C ILE A 484 55.73 -24.76 59.02
N GLY A 485 55.93 -23.47 58.79
CA GLY A 485 55.66 -22.88 57.49
C GLY A 485 56.82 -22.03 57.00
N VAL A 486 57.42 -22.43 55.89
CA VAL A 486 58.56 -21.72 55.34
C VAL A 486 58.07 -20.53 54.51
N ASN A 487 58.76 -19.40 54.65
CA ASN A 487 58.44 -18.19 53.92
C ASN A 487 59.42 -18.00 52.78
N VAL A 488 59.28 -16.87 52.07
CA VAL A 488 60.12 -16.56 50.92
C VAL A 488 60.54 -15.09 51.00
N LYS A 489 61.60 -14.77 50.28
CA LYS A 489 62.09 -13.40 50.18
C LYS A 489 61.22 -12.64 49.17
N HIS A 490 61.68 -11.48 48.72
CA HIS A 490 60.94 -10.70 47.73
C HIS A 490 60.68 -11.55 46.48
N ASP A 491 59.59 -11.23 45.79
CA ASP A 491 59.12 -12.07 44.70
C ASP A 491 60.06 -11.98 43.50
N ASP A 492 61.03 -12.89 43.44
CA ASP A 492 62.00 -12.93 42.35
C ASP A 492 61.96 -14.24 41.58
N GLN A 493 61.98 -15.37 42.27
CA GLN A 493 62.05 -16.69 41.63
C GLN A 493 61.07 -17.64 42.31
N MET A 494 59.82 -17.20 42.47
CA MET A 494 58.81 -18.02 43.12
C MET A 494 58.43 -19.24 42.29
N GLU A 495 58.47 -19.11 40.96
CA GLU A 495 58.09 -20.23 40.10
C GLU A 495 59.02 -21.42 40.28
N LYS A 496 60.33 -21.17 40.32
CA LYS A 496 61.28 -22.26 40.57
C LYS A 496 61.11 -22.83 41.96
N ALA A 497 60.81 -21.98 42.95
CA ALA A 497 60.57 -22.47 44.30
C ALA A 497 59.38 -23.42 44.33
N ASN A 498 58.28 -23.07 43.65
CA ASN A 498 57.12 -23.95 43.61
C ASN A 498 57.42 -25.22 42.82
N GLU A 499 58.22 -25.11 41.76
CA GLU A 499 58.62 -26.30 41.01
C GLU A 499 59.39 -27.27 41.89
N LEU A 500 60.36 -26.75 42.65
CA LEU A 500 61.11 -27.60 43.56
C LEU A 500 60.21 -28.17 44.66
N PHE A 501 59.26 -27.37 45.15
CA PHE A 501 58.32 -27.88 46.14
C PHE A 501 57.54 -29.07 45.60
N GLN A 502 57.01 -28.94 44.38
CA GLN A 502 56.28 -30.03 43.76
C GLN A 502 57.20 -31.24 43.55
N GLN A 503 58.47 -30.98 43.23
CA GLN A 503 59.44 -32.07 43.10
C GLN A 503 59.67 -32.77 44.44
N VAL A 504 59.50 -32.05 45.55
CA VAL A 504 59.76 -32.64 46.86
C VAL A 504 58.70 -33.68 47.21
N ASN A 505 57.44 -33.26 47.30
CA ASN A 505 56.37 -34.16 47.73
C ASN A 505 55.68 -34.72 46.50
N LYS A 506 56.10 -35.93 46.09
CA LYS A 506 55.44 -36.62 45.00
C LYS A 506 54.01 -37.01 45.36
N LYS A 507 53.71 -37.17 46.65
CA LYS A 507 52.36 -37.50 47.09
C LYS A 507 51.45 -36.28 47.15
N ASN A 508 52.02 -35.07 47.10
CA ASN A 508 51.27 -33.82 47.21
C ASN A 508 50.46 -33.79 48.52
N GLU A 509 51.14 -34.04 49.62
CA GLU A 509 50.53 -34.07 50.94
C GLU A 509 50.58 -32.73 51.66
N HIS A 510 51.16 -31.71 51.04
CA HIS A 510 51.32 -30.40 51.66
C HIS A 510 50.56 -29.35 50.84
N LEU A 511 50.75 -28.09 51.20
CA LEU A 511 50.01 -26.99 50.60
C LEU A 511 50.97 -25.91 50.12
N SER A 512 50.47 -25.07 49.21
CA SER A 512 51.24 -23.94 48.71
C SER A 512 50.28 -22.80 48.40
N ARG A 513 50.83 -21.58 48.36
CA ARG A 513 50.02 -20.39 48.11
C ARG A 513 49.62 -20.29 46.65
N LEU A 514 50.59 -20.19 45.75
CA LEU A 514 50.29 -20.06 44.33
C LEU A 514 49.75 -21.34 43.73
N ASP A 515 49.90 -22.47 44.41
CA ASP A 515 49.31 -23.71 43.94
C ASP A 515 47.79 -23.70 44.14
N THR A 516 47.32 -23.26 45.30
CA THR A 516 45.89 -23.15 45.55
C THR A 516 45.30 -21.86 45.01
N SER A 517 46.13 -20.89 44.62
CA SER A 517 45.63 -19.69 43.97
C SER A 517 45.22 -19.94 42.52
N ALA A 518 45.35 -21.17 42.04
CA ALA A 518 44.98 -21.52 40.67
C ALA A 518 43.81 -22.47 40.57
N ALA A 519 43.61 -23.36 41.55
CA ALA A 519 42.47 -24.28 41.49
C ALA A 519 41.14 -23.54 41.56
N GLN A 520 41.04 -22.56 42.46
CA GLN A 520 39.81 -21.78 42.58
C GLN A 520 39.49 -21.06 41.28
N LYS A 521 40.51 -20.44 40.67
CA LYS A 521 40.30 -19.75 39.40
C LYS A 521 39.91 -20.74 38.31
N SER A 522 40.60 -21.87 38.22
CA SER A 522 40.33 -22.84 37.16
C SER A 522 38.96 -23.49 37.31
N LEU A 523 38.39 -23.49 38.51
CA LEU A 523 37.03 -23.99 38.66
C LEU A 523 35.98 -22.92 38.40
N PHE A 524 36.12 -21.77 39.06
CA PHE A 524 35.07 -20.76 39.00
C PHE A 524 35.07 -20.03 37.65
N GLY A 525 36.20 -19.98 36.96
CA GLY A 525 36.20 -19.43 35.61
C GLY A 525 35.39 -20.29 34.65
N MET A 526 35.52 -21.61 34.76
CA MET A 526 34.71 -22.49 33.90
C MET A 526 33.24 -22.42 34.28
N VAL A 527 32.94 -22.32 35.57
CA VAL A 527 31.54 -22.16 35.98
C VAL A 527 30.97 -20.87 35.40
N MET A 528 31.72 -19.78 35.49
CA MET A 528 31.27 -18.50 34.96
C MET A 528 31.12 -18.55 33.44
N PHE A 529 32.01 -19.25 32.76
CA PHE A 529 31.90 -19.41 31.31
C PHE A 529 30.61 -20.12 30.93
N ILE A 530 30.30 -21.22 31.61
CA ILE A 530 29.07 -21.96 31.32
C ILE A 530 27.85 -21.09 31.58
N VAL A 531 27.83 -20.40 32.72
CA VAL A 531 26.68 -19.58 33.07
C VAL A 531 26.50 -18.46 32.06
N GLY A 532 27.61 -17.81 31.65
CA GLY A 532 27.49 -16.74 30.68
C GLY A 532 27.02 -17.20 29.32
N PHE A 533 27.51 -18.36 28.85
CA PHE A 533 27.05 -18.92 27.60
C PHE A 533 25.53 -19.14 27.63
N LEU A 534 25.05 -19.85 28.66
CA LEU A 534 23.62 -20.13 28.74
C LEU A 534 22.81 -18.85 28.89
N GLY A 535 23.31 -17.89 29.68
CA GLY A 535 22.59 -16.65 29.89
C GLY A 535 22.45 -15.84 28.63
N LEU A 536 23.52 -15.73 27.85
CA LEU A 536 23.44 -15.00 26.58
C LEU A 536 22.48 -15.67 25.62
N THR A 537 22.55 -17.01 25.52
CA THR A 537 21.64 -17.73 24.64
C THR A 537 20.18 -17.45 25.01
N PHE A 538 19.85 -17.61 26.29
CA PHE A 538 18.48 -17.39 26.74
C PHE A 538 18.07 -15.93 26.55
N LEU A 539 18.98 -15.00 26.79
CA LEU A 539 18.67 -13.58 26.68
C LEU A 539 18.29 -13.21 25.25
N ILE A 540 19.03 -13.73 24.27
CA ILE A 540 18.66 -13.46 22.88
C ILE A 540 17.37 -14.17 22.51
N THR A 541 17.21 -15.42 22.97
CA THR A 541 16.06 -16.22 22.58
C THR A 541 14.74 -15.61 23.07
N SER A 542 14.72 -15.10 24.30
CA SER A 542 13.48 -14.56 24.85
C SER A 542 13.03 -13.31 24.08
N GLY A 543 13.96 -12.42 23.77
CA GLY A 543 13.61 -11.25 22.98
C GLY A 543 13.14 -11.61 21.58
N CYS A 544 13.80 -12.60 20.96
CA CYS A 544 13.34 -13.03 19.64
C CYS A 544 11.95 -13.64 19.70
N ILE A 545 11.64 -14.36 20.78
CA ILE A 545 10.29 -14.93 20.94
C ILE A 545 9.25 -13.82 21.08
N LEU A 546 9.56 -12.78 21.86
CA LEU A 546 8.64 -11.66 21.99
C LEU A 546 8.42 -10.96 20.64
N TYR A 547 9.50 -10.81 19.85
CA TYR A 547 9.37 -10.25 18.51
C TYR A 547 8.47 -11.11 17.63
N PHE A 548 8.65 -12.44 17.70
CA PHE A 548 7.80 -13.34 16.92
C PHE A 548 6.34 -13.20 17.32
N LYS A 549 6.07 -13.09 18.61
CA LYS A 549 4.68 -12.91 19.08
C LYS A 549 4.11 -11.60 18.57
N GLN A 550 4.90 -10.54 18.57
CA GLN A 550 4.42 -9.25 18.06
C GLN A 550 4.18 -9.30 16.56
N MET A 551 4.92 -10.14 15.83
CA MET A 551 4.72 -10.26 14.39
C MET A 551 3.39 -10.91 14.02
N GLY A 552 2.57 -11.28 14.99
CA GLY A 552 1.30 -11.93 14.70
C GLY A 552 0.09 -11.11 15.07
N GLU A 553 0.28 -10.09 15.90
CA GLU A 553 -0.83 -9.21 16.27
C GLU A 553 -1.18 -8.21 15.17
N SER A 554 -0.29 -8.02 14.19
CA SER A 554 -0.55 -7.11 13.09
C SER A 554 -1.25 -7.76 11.91
N GLU A 555 -1.38 -9.08 11.90
CA GLU A 555 -2.05 -9.74 10.78
C GLU A 555 -3.54 -9.92 11.02
N ASP A 556 -3.94 -10.06 12.29
CA ASP A 556 -5.38 -10.08 12.61
C ASP A 556 -5.84 -8.61 12.64
N GLU A 557 -4.90 -7.68 12.81
CA GLU A 557 -5.22 -6.23 12.83
C GLU A 557 -5.07 -5.63 11.43
N LYS A 558 -4.69 -6.44 10.43
CA LYS A 558 -4.63 -5.95 9.03
C LYS A 558 -5.96 -5.28 8.64
N PRO A 559 -7.17 -5.89 8.82
CA PRO A 559 -8.44 -5.20 8.55
C PRO A 559 -8.57 -3.86 9.28
N SER A 560 -8.13 -3.77 10.55
CA SER A 560 -8.22 -2.50 11.32
C SER A 560 -7.32 -1.43 10.68
N TYR A 561 -6.20 -1.83 10.06
CA TYR A 561 -5.33 -0.85 9.36
C TYR A 561 -5.92 -0.55 7.97
N THR A 562 -6.61 -1.51 7.35
CA THR A 562 -7.26 -1.29 6.04
C THR A 562 -8.37 -0.24 6.21
N ILE A 563 -9.21 -0.40 7.24
CA ILE A 563 -10.23 0.64 7.54
C ILE A 563 -9.54 1.83 8.23
N LEU A 564 -10.28 2.90 8.56
CA LEU A 564 -9.70 4.14 9.14
C LEU A 564 -8.83 4.81 8.07
N ARG A 565 -8.23 4.04 7.16
CA ARG A 565 -7.50 4.64 6.05
C ARG A 565 -8.43 5.09 4.94
N LYS A 566 -9.53 4.37 4.72
CA LYS A 566 -10.60 4.89 3.88
C LYS A 566 -11.23 6.12 4.52
N LEU A 567 -11.40 6.09 5.84
CA LEU A 567 -11.87 7.28 6.55
C LEU A 567 -10.86 8.43 6.42
N GLY A 568 -9.58 8.10 6.30
CA GLY A 568 -8.53 9.10 6.13
C GLY A 568 -7.78 9.38 7.41
N PHE A 569 -6.60 8.78 7.56
CA PHE A 569 -5.78 9.03 8.74
C PHE A 569 -4.30 9.13 8.46
N THR A 570 -3.82 8.72 7.28
CA THR A 570 -2.41 8.79 6.88
C THR A 570 -1.55 7.80 7.67
N GLN A 571 -0.56 7.22 7.01
CA GLN A 571 0.29 6.23 7.66
C GLN A 571 1.15 6.85 8.76
N GLY A 572 1.51 8.12 8.61
CA GLY A 572 2.30 8.81 9.62
C GLY A 572 1.57 9.03 10.93
N ASP A 573 0.23 8.98 10.92
CA ASP A 573 -0.54 9.01 12.15
C ASP A 573 -0.80 7.62 12.71
N LEU A 574 -0.75 6.58 11.87
CA LEU A 574 -0.95 5.21 12.33
C LEU A 574 0.32 4.58 12.88
N ILE A 575 1.50 5.06 12.49
CA ILE A 575 2.73 4.54 13.08
C ILE A 575 3.15 5.27 14.35
N LYS A 576 2.66 6.50 14.55
CA LYS A 576 2.97 7.22 15.78
C LYS A 576 2.41 6.53 17.02
N GLY A 577 1.24 5.88 16.88
CA GLY A 577 0.71 5.10 17.98
C GLY A 577 1.40 3.76 18.15
N ILE A 578 1.87 3.16 17.05
CA ILE A 578 2.62 1.92 17.14
C ILE A 578 3.94 2.14 17.87
N ARG A 579 4.55 3.31 17.66
CA ARG A 579 5.81 3.62 18.34
C ARG A 579 5.63 3.68 19.85
N ILE A 580 4.45 4.04 20.33
CA ILE A 580 4.17 4.06 21.76
C ILE A 580 3.73 2.68 22.24
N LYS A 581 3.00 1.95 21.41
CA LYS A 581 2.61 0.59 21.77
C LYS A 581 3.82 -0.29 22.01
N GLN A 582 4.84 -0.17 21.14
CA GLN A 582 6.03 -0.99 21.30
C GLN A 582 6.83 -0.60 22.54
N MET A 583 6.86 0.70 22.86
CA MET A 583 7.50 1.14 24.09
C MET A 583 6.84 0.50 25.31
N TYR A 584 5.51 0.62 25.39
CA TYR A 584 4.81 0.06 26.55
C TYR A 584 4.77 -1.46 26.55
N ASN A 585 5.00 -2.08 25.40
CA ASN A 585 5.02 -3.53 25.29
C ASN A 585 6.36 -4.12 25.72
N PHE A 586 7.46 -3.50 25.31
CA PHE A 586 8.79 -4.01 25.62
C PHE A 586 9.41 -3.38 26.86
N GLY A 587 8.76 -2.40 27.49
CA GLY A 587 9.37 -1.75 28.63
C GLY A 587 8.90 -2.21 29.99
N ILE A 588 7.78 -2.91 30.06
CA ILE A 588 7.27 -3.42 31.34
C ILE A 588 8.07 -4.65 31.76
N PRO A 589 8.24 -5.67 30.91
CA PRO A 589 9.11 -6.79 31.30
C PRO A 589 10.52 -6.35 31.60
N LEU A 590 11.03 -5.35 30.88
CA LEU A 590 12.38 -4.85 31.14
C LEU A 590 12.51 -4.32 32.56
N VAL A 591 11.57 -3.47 32.97
CA VAL A 591 11.64 -2.86 34.30
C VAL A 591 11.46 -3.92 35.38
N VAL A 592 10.49 -4.83 35.21
CA VAL A 592 10.27 -5.85 36.23
C VAL A 592 11.50 -6.75 36.36
N GLY A 593 12.07 -7.17 35.23
CA GLY A 593 13.27 -8.00 35.28
C GLY A 593 14.45 -7.28 35.87
N LEU A 594 14.60 -5.98 35.58
CA LEU A 594 15.71 -5.21 36.14
C LEU A 594 15.60 -5.14 37.66
N PHE A 595 14.39 -4.90 38.18
CA PHE A 595 14.23 -4.85 39.63
C PHE A 595 14.46 -6.22 40.26
N HIS A 596 13.95 -7.28 39.62
CA HIS A 596 14.20 -8.63 40.13
C HIS A 596 15.69 -8.94 40.17
N SER A 597 16.41 -8.58 39.11
CA SER A 597 17.86 -8.83 39.07
C SER A 597 18.58 -8.02 40.14
N TYR A 598 18.18 -6.77 40.35
CA TYR A 598 18.84 -5.96 41.37
C TYR A 598 18.65 -6.56 42.75
N PHE A 599 17.44 -7.02 43.06
CA PHE A 599 17.23 -7.63 44.38
C PHE A 599 17.84 -9.02 44.48
N ALA A 600 18.04 -9.73 43.37
CA ALA A 600 18.70 -11.02 43.42
C ALA A 600 20.21 -10.88 43.59
N VAL A 601 20.81 -9.85 43.00
CA VAL A 601 22.26 -9.68 43.08
C VAL A 601 22.69 -9.11 44.43
N GLN A 602 21.80 -8.47 45.18
CA GLN A 602 22.18 -7.95 46.49
C GLN A 602 22.50 -9.09 47.46
N SER A 603 21.82 -10.23 47.32
CA SER A 603 22.17 -11.40 48.10
C SER A 603 23.52 -11.97 47.71
N GLY A 604 24.05 -11.62 46.55
CA GLY A 604 25.35 -12.11 46.14
C GLY A 604 26.46 -11.62 47.05
N TRP A 605 26.47 -10.32 47.34
CA TRP A 605 27.47 -9.73 48.21
C TRP A 605 26.95 -9.44 49.61
N PHE A 606 25.80 -9.98 49.99
CA PHE A 606 25.39 -9.92 51.38
C PHE A 606 26.28 -10.78 52.26
N LEU A 607 26.70 -11.93 51.75
CA LEU A 607 27.43 -12.91 52.55
C LEU A 607 28.87 -13.11 52.10
N PHE A 608 29.12 -13.27 50.81
CA PHE A 608 30.46 -13.56 50.31
C PHE A 608 31.10 -12.27 49.79
N GLY A 609 31.42 -11.39 50.74
CA GLY A 609 32.05 -10.13 50.40
C GLY A 609 31.25 -8.92 50.85
N SER A 610 31.57 -7.75 50.31
CA SER A 610 30.85 -6.53 50.68
C SER A 610 30.08 -5.93 49.52
N GLU A 611 30.75 -5.56 48.43
CA GLU A 611 30.14 -4.92 47.28
C GLU A 611 31.14 -4.92 46.12
N VAL A 612 30.61 -4.91 44.90
CA VAL A 612 31.46 -4.78 43.72
C VAL A 612 30.99 -3.65 42.81
N TRP A 613 29.72 -3.70 42.40
CA TRP A 613 29.05 -2.75 41.50
C TRP A 613 29.62 -2.74 40.09
N ALA A 614 30.67 -3.51 39.81
CA ALA A 614 31.34 -3.44 38.51
C ALA A 614 30.62 -4.20 37.41
N PRO A 615 30.31 -5.50 37.57
CA PRO A 615 29.73 -6.23 36.44
C PRO A 615 28.22 -6.08 36.32
N MET A 616 27.52 -5.74 37.41
CA MET A 616 26.08 -5.62 37.35
C MET A 616 25.65 -4.54 36.36
N ILE A 617 26.31 -3.38 36.41
CA ILE A 617 25.96 -2.30 35.50
C ILE A 617 26.31 -2.67 34.06
N MET A 618 27.42 -3.38 33.87
CA MET A 618 27.80 -3.79 32.53
C MET A 618 26.79 -4.77 31.93
N VAL A 619 26.27 -5.69 32.75
CA VAL A 619 25.29 -6.64 32.24
C VAL A 619 23.93 -5.99 32.07
N MET A 620 23.61 -4.97 32.86
CA MET A 620 22.32 -4.28 32.69
C MET A 620 22.28 -3.39 31.45
N VAL A 621 23.27 -3.38 30.56
CA VAL A 621 23.23 -2.57 29.34
C VAL A 621 22.91 -3.43 28.12
N LEU A 622 23.44 -4.65 28.08
CA LEU A 622 23.12 -5.57 26.98
C LEU A 622 21.64 -5.91 26.96
N TYR A 623 21.05 -6.08 28.14
CA TYR A 623 19.61 -6.32 28.27
C TYR A 623 18.82 -5.22 27.57
N THR A 624 19.11 -3.96 27.92
CA THR A 624 18.40 -2.83 27.34
C THR A 624 18.65 -2.72 25.84
N ALA A 625 19.90 -2.95 25.41
CA ALA A 625 20.22 -2.85 23.99
C ALA A 625 19.44 -3.88 23.17
N LEU A 626 19.38 -5.13 23.65
CA LEU A 626 18.63 -6.16 22.93
C LEU A 626 17.15 -5.82 22.88
N TYR A 627 16.59 -5.36 24.00
CA TYR A 627 15.17 -5.02 24.00
C TYR A 627 14.87 -3.88 23.03
N SER A 628 15.74 -2.86 22.99
CA SER A 628 15.56 -1.75 22.06
C SER A 628 15.64 -2.22 20.62
N ILE A 629 16.60 -3.11 20.31
CA ILE A 629 16.75 -3.60 18.95
C ILE A 629 15.48 -4.32 18.50
N PHE A 630 14.95 -5.19 19.36
CA PHE A 630 13.78 -5.95 18.96
C PHE A 630 12.53 -5.08 18.88
N GLY A 631 12.42 -4.06 19.73
CA GLY A 631 11.32 -3.11 19.60
C GLY A 631 11.37 -2.35 18.28
N PHE A 632 12.58 -1.94 17.87
CA PHE A 632 12.74 -1.26 16.59
C PHE A 632 12.35 -2.17 15.43
N LEU A 633 12.75 -3.44 15.48
CA LEU A 633 12.38 -4.38 14.43
C LEU A 633 10.86 -4.55 14.36
N SER A 634 10.20 -4.64 15.52
CA SER A 634 8.75 -4.75 15.53
C SER A 634 8.09 -3.51 14.92
N VAL A 635 8.62 -2.32 15.22
CA VAL A 635 8.07 -1.10 14.63
C VAL A 635 8.20 -1.13 13.12
N LEU A 636 9.36 -1.57 12.62
CA LEU A 636 9.54 -1.66 11.17
C LEU A 636 8.55 -2.63 10.54
N TYR A 637 8.33 -3.78 11.18
CA TYR A 637 7.38 -4.74 10.63
C TYR A 637 5.97 -4.17 10.59
N TYR A 638 5.55 -3.48 11.65
CA TYR A 638 4.21 -2.91 11.63
C TYR A 638 4.08 -1.80 10.61
N LYS A 639 5.14 -1.03 10.40
CA LYS A 639 5.11 -0.02 9.34
C LYS A 639 4.91 -0.67 7.97
N LYS A 640 5.64 -1.75 7.71
CA LYS A 640 5.48 -2.46 6.44
C LYS A 640 4.06 -3.00 6.29
N VAL A 641 3.49 -3.55 7.35
CA VAL A 641 2.13 -4.09 7.28
C VAL A 641 1.13 -2.97 7.02
N ILE A 642 1.26 -1.84 7.72
CA ILE A 642 0.31 -0.74 7.56
C ILE A 642 0.38 -0.17 6.15
N LYS A 643 1.57 -0.09 5.58
CA LYS A 643 1.74 0.56 4.28
C LYS A 643 0.90 -0.10 3.20
N SER A 644 0.76 -1.43 3.25
CA SER A 644 0.09 -2.19 2.20
C SER A 644 -1.38 -2.48 2.52
N SER A 645 -1.99 -1.72 3.41
CA SER A 645 -3.40 -1.95 3.74
C SER A 645 -4.30 -1.46 2.62
N LEU A 646 -4.25 -0.16 2.31
CA LEU A 646 -5.05 0.40 1.24
C LEU A 646 -4.16 0.75 0.05
N HIS B 9 -27.52 24.85 -6.85
CA HIS B 9 -26.27 24.76 -6.11
C HIS B 9 -25.69 23.36 -6.18
N VAL B 10 -24.80 23.13 -7.14
CA VAL B 10 -24.18 21.82 -7.30
C VAL B 10 -23.09 21.65 -6.25
N ILE B 11 -23.08 20.47 -5.63
CA ILE B 11 -22.04 20.11 -4.67
C ILE B 11 -20.98 19.23 -5.32
N LEU B 12 -21.40 18.23 -6.08
CA LEU B 12 -20.50 17.35 -6.80
C LEU B 12 -20.75 17.48 -8.30
N GLU B 13 -19.70 17.31 -9.08
CA GLU B 13 -19.79 17.48 -10.52
C GLU B 13 -18.68 16.67 -11.19
N ALA B 14 -19.05 15.68 -11.98
CA ALA B 14 -18.10 14.87 -12.73
C ALA B 14 -18.34 15.04 -14.22
N ASN B 15 -17.28 14.92 -15.00
CA ASN B 15 -17.35 15.13 -16.44
C ASN B 15 -16.51 14.07 -17.15
N LYS B 16 -17.20 13.04 -17.67
CA LYS B 16 -16.58 12.02 -18.52
C LYS B 16 -15.42 11.31 -17.81
N ILE B 17 -15.75 10.66 -16.70
CA ILE B 17 -14.77 9.91 -15.92
C ILE B 17 -14.65 8.51 -16.47
N ARG B 18 -13.43 7.96 -16.42
CA ARG B 18 -13.14 6.62 -16.92
C ARG B 18 -12.25 5.90 -15.93
N LYS B 19 -12.28 4.57 -15.98
CA LYS B 19 -11.51 3.76 -15.05
C LYS B 19 -11.31 2.37 -15.64
N SER B 20 -10.12 1.81 -15.45
CA SER B 20 -9.79 0.48 -15.97
C SER B 20 -8.97 -0.28 -14.94
N TYR B 21 -9.00 -1.60 -15.05
CA TYR B 21 -8.29 -2.49 -14.14
C TYR B 21 -7.39 -3.43 -14.92
N GLY B 22 -6.27 -3.81 -14.30
CA GLY B 22 -5.32 -4.70 -14.94
C GLY B 22 -4.44 -4.00 -15.94
N ASN B 23 -3.58 -4.77 -16.60
CA ASN B 23 -2.66 -4.23 -17.58
C ASN B 23 -2.34 -5.29 -18.62
N LYS B 24 -1.87 -4.81 -19.78
CA LYS B 24 -1.42 -5.66 -20.88
C LYS B 24 -2.50 -6.64 -21.34
N LEU B 25 -2.45 -7.86 -20.84
CA LEU B 25 -3.32 -8.93 -21.33
C LEU B 25 -4.66 -9.01 -20.59
N ASN B 26 -4.84 -8.25 -19.53
CA ASN B 26 -6.10 -8.29 -18.77
C ASN B 26 -6.55 -6.89 -18.41
N LYS B 27 -6.48 -5.96 -19.37
CA LYS B 27 -6.91 -4.58 -19.16
C LYS B 27 -8.38 -4.45 -19.54
N GLN B 28 -9.24 -4.35 -18.53
CA GLN B 28 -10.68 -4.21 -18.74
C GLN B 28 -11.13 -2.84 -18.28
N GLU B 29 -12.11 -2.28 -18.99
CA GLU B 29 -12.65 -0.96 -18.70
C GLU B 29 -13.98 -1.10 -17.98
N VAL B 30 -14.16 -0.34 -16.91
CA VAL B 30 -15.35 -0.42 -16.06
C VAL B 30 -16.25 0.79 -16.27
N LEU B 31 -15.72 2.00 -16.13
CA LEU B 31 -16.48 3.22 -16.32
C LEU B 31 -16.14 3.82 -17.67
N LYS B 32 -17.18 4.22 -18.42
CA LYS B 32 -17.02 4.74 -19.78
C LYS B 32 -17.86 5.99 -19.94
N GLY B 33 -17.28 7.15 -19.63
CA GLY B 33 -17.93 8.42 -19.92
C GLY B 33 -19.17 8.72 -19.12
N ILE B 34 -19.01 8.96 -17.82
CA ILE B 34 -20.14 9.18 -16.91
C ILE B 34 -20.16 10.65 -16.49
N ASP B 35 -21.35 11.25 -16.54
CA ASP B 35 -21.57 12.62 -16.07
C ASP B 35 -22.54 12.58 -14.89
N ILE B 36 -22.17 13.27 -13.81
CA ILE B 36 -22.94 13.27 -12.56
C ILE B 36 -23.11 14.71 -12.10
N HIS B 37 -24.31 15.05 -11.64
CA HIS B 37 -24.61 16.39 -11.13
C HIS B 37 -25.52 16.25 -9.92
N ILE B 38 -24.93 16.29 -8.73
CA ILE B 38 -25.67 16.18 -7.47
C ILE B 38 -25.80 17.58 -6.87
N GLU B 39 -26.97 17.86 -6.30
CA GLU B 39 -27.23 19.15 -5.68
C GLU B 39 -27.08 19.05 -4.16
N LYS B 40 -27.36 20.14 -3.48
CA LYS B 40 -27.19 20.23 -2.03
C LYS B 40 -28.51 19.94 -1.34
N GLY B 41 -28.46 19.04 -0.34
CA GLY B 41 -29.67 18.64 0.36
C GLY B 41 -30.46 17.55 -0.31
N GLU B 42 -29.90 16.90 -1.33
CA GLU B 42 -30.58 15.84 -2.07
C GLU B 42 -30.21 14.48 -1.51
N PHE B 43 -31.05 13.49 -1.82
CA PHE B 43 -30.87 12.12 -1.32
C PHE B 43 -30.97 11.21 -2.54
N VAL B 44 -29.84 11.02 -3.23
CA VAL B 44 -29.82 10.37 -4.53
C VAL B 44 -29.41 8.92 -4.37
N SER B 45 -29.96 8.06 -5.23
CA SER B 45 -29.63 6.64 -5.24
C SER B 45 -29.24 6.23 -6.65
N ILE B 46 -28.11 5.53 -6.77
CA ILE B 46 -27.71 4.88 -8.01
C ILE B 46 -28.02 3.41 -7.88
N MET B 47 -28.83 2.88 -8.80
CA MET B 47 -29.31 1.51 -8.73
C MET B 47 -28.86 0.74 -9.96
N GLY B 48 -28.34 -0.46 -9.75
CA GLY B 48 -27.91 -1.31 -10.85
C GLY B 48 -27.75 -2.74 -10.35
N ALA B 49 -27.29 -3.60 -11.25
CA ALA B 49 -27.11 -5.01 -10.92
C ALA B 49 -25.80 -5.19 -10.15
N SER B 50 -25.39 -6.44 -9.98
CA SER B 50 -24.18 -6.76 -9.22
C SER B 50 -22.92 -6.74 -10.07
N GLY B 51 -23.02 -6.58 -11.37
CA GLY B 51 -21.84 -6.51 -12.21
C GLY B 51 -21.46 -5.11 -12.60
N SER B 52 -22.38 -4.16 -12.41
CA SER B 52 -22.13 -2.77 -12.75
C SER B 52 -21.16 -2.14 -11.75
N GLY B 53 -20.46 -1.11 -12.21
CA GLY B 53 -19.46 -0.47 -11.37
C GLY B 53 -20.04 0.50 -10.37
N LYS B 54 -20.71 -0.02 -9.33
CA LYS B 54 -21.24 0.84 -8.27
C LYS B 54 -20.18 1.12 -7.22
N THR B 55 -19.53 0.08 -6.70
CA THR B 55 -18.48 0.27 -5.72
C THR B 55 -17.30 1.03 -6.33
N THR B 56 -16.96 0.74 -7.58
CA THR B 56 -15.90 1.47 -8.26
C THR B 56 -16.22 2.95 -8.38
N LEU B 57 -17.46 3.26 -8.77
CA LEU B 57 -17.88 4.66 -8.88
C LEU B 57 -17.84 5.35 -7.52
N LEU B 58 -18.32 4.68 -6.47
CA LEU B 58 -18.28 5.27 -5.13
C LEU B 58 -16.85 5.43 -4.63
N ASN B 59 -15.94 4.56 -5.07
CA ASN B 59 -14.53 4.70 -4.70
C ASN B 59 -13.89 5.90 -5.38
N VAL B 60 -14.16 6.07 -6.68
CA VAL B 60 -13.51 7.16 -7.41
C VAL B 60 -14.16 8.51 -7.14
N LEU B 61 -15.43 8.55 -6.73
CA LEU B 61 -16.05 9.84 -6.43
C LEU B 61 -15.58 10.42 -5.11
N SER B 62 -15.17 9.58 -4.17
CA SER B 62 -14.75 10.01 -2.84
C SER B 62 -13.24 10.05 -2.69
N SER B 63 -12.50 9.94 -3.79
CA SER B 63 -11.04 10.00 -3.82
C SER B 63 -10.36 8.83 -3.11
N ILE B 64 -11.06 7.70 -2.98
CA ILE B 64 -10.40 6.51 -2.48
C ILE B 64 -9.59 5.83 -3.57
N ASP B 65 -10.06 5.91 -4.81
CA ASP B 65 -9.36 5.37 -5.97
C ASP B 65 -9.00 6.52 -6.92
N GLN B 66 -8.35 6.19 -8.02
CA GLN B 66 -7.87 7.17 -8.99
C GLN B 66 -8.48 6.89 -10.35
N VAL B 67 -8.95 7.94 -11.02
CA VAL B 67 -9.55 7.82 -12.34
C VAL B 67 -8.46 7.86 -13.40
N SER B 68 -8.71 7.17 -14.51
CA SER B 68 -7.81 7.26 -15.65
C SER B 68 -7.95 8.58 -16.39
N HIS B 69 -9.18 9.05 -16.56
CA HIS B 69 -9.46 10.31 -17.25
C HIS B 69 -10.58 11.02 -16.50
N GLY B 70 -11.04 12.14 -17.06
CA GLY B 70 -12.15 12.86 -16.48
C GLY B 70 -11.73 13.87 -15.42
N THR B 71 -12.75 14.51 -14.84
CA THR B 71 -12.54 15.57 -13.87
C THR B 71 -13.66 15.52 -12.84
N ILE B 72 -13.30 15.67 -11.56
CA ILE B 72 -14.25 15.67 -10.46
C ILE B 72 -14.06 16.95 -9.66
N HIS B 73 -15.16 17.62 -9.34
CA HIS B 73 -15.14 18.90 -8.62
C HIS B 73 -16.13 18.81 -7.46
N ILE B 74 -15.62 18.64 -6.24
CA ILE B 74 -16.44 18.57 -5.05
C ILE B 74 -16.36 19.91 -4.33
N ASN B 75 -17.52 20.55 -4.16
CA ASN B 75 -17.65 21.81 -3.43
C ASN B 75 -16.79 22.93 -4.02
N GLY B 76 -16.43 22.84 -5.29
CA GLY B 76 -15.65 23.87 -5.93
C GLY B 76 -14.15 23.68 -5.86
N ASN B 77 -13.66 22.51 -5.44
CA ASN B 77 -12.25 22.22 -5.36
C ASN B 77 -11.92 21.07 -6.31
N ASP B 78 -10.98 21.30 -7.21
CA ASP B 78 -10.57 20.26 -8.15
C ASP B 78 -9.78 19.19 -7.40
N MET B 79 -10.25 17.95 -7.47
CA MET B 79 -9.64 16.86 -6.72
C MET B 79 -8.83 15.92 -7.61
N THR B 80 -8.55 16.32 -8.84
CA THR B 80 -7.66 15.57 -9.73
C THR B 80 -6.22 16.08 -9.68
N ALA B 81 -5.92 17.04 -8.81
CA ALA B 81 -4.58 17.59 -8.69
C ALA B 81 -3.90 17.27 -7.36
N MET B 82 -4.66 17.00 -6.31
CA MET B 82 -4.07 16.61 -5.03
C MET B 82 -3.46 15.22 -5.16
N LYS B 83 -2.31 15.01 -4.50
CA LYS B 83 -1.54 13.80 -4.80
C LYS B 83 -2.01 12.59 -4.01
N GLU B 84 -1.70 12.51 -2.72
CA GLU B 84 -2.27 11.47 -1.87
C GLU B 84 -2.66 11.99 -0.49
N LYS B 85 -1.77 12.80 0.10
CA LYS B 85 -1.96 13.25 1.47
C LYS B 85 -3.02 14.33 1.56
N GLN B 86 -3.06 15.22 0.56
CA GLN B 86 -4.14 16.19 0.50
C GLN B 86 -5.49 15.50 0.36
N LEU B 87 -5.55 14.45 -0.46
CA LEU B 87 -6.80 13.70 -0.61
C LEU B 87 -7.20 13.03 0.70
N ALA B 88 -6.24 12.42 1.40
CA ALA B 88 -6.57 11.78 2.67
C ALA B 88 -7.06 12.79 3.70
N GLU B 89 -6.40 13.95 3.79
CA GLU B 89 -6.83 14.97 4.73
C GLU B 89 -8.17 15.58 4.33
N PHE B 90 -8.48 15.62 3.03
CA PHE B 90 -9.80 16.06 2.59
C PHE B 90 -10.88 15.06 3.00
N ARG B 91 -10.59 13.76 2.84
CA ARG B 91 -11.55 12.75 3.25
C ARG B 91 -11.79 12.76 4.76
N LYS B 92 -10.73 13.02 5.53
CA LYS B 92 -10.83 12.95 6.99
C LYS B 92 -11.82 13.97 7.55
N GLN B 93 -12.02 15.09 6.88
CA GLN B 93 -12.77 16.21 7.45
C GLN B 93 -14.12 16.46 6.78
N HIS B 94 -14.23 16.27 5.47
CA HIS B 94 -15.39 16.75 4.72
C HIS B 94 -16.34 15.65 4.29
N LEU B 95 -16.05 14.37 4.57
CA LEU B 95 -16.85 13.28 4.07
C LEU B 95 -17.20 12.31 5.19
N GLY B 96 -18.28 11.56 4.97
CA GLY B 96 -18.65 10.49 5.87
C GLY B 96 -18.97 9.23 5.09
N PHE B 97 -18.75 8.09 5.73
CA PHE B 97 -18.86 6.80 5.06
C PHE B 97 -19.68 5.82 5.90
N ILE B 98 -20.54 5.05 5.22
CA ILE B 98 -21.27 3.95 5.82
C ILE B 98 -21.13 2.75 4.89
N PHE B 99 -20.73 1.61 5.44
CA PHE B 99 -20.48 0.42 4.65
C PHE B 99 -21.45 -0.70 5.05
N GLN B 100 -21.62 -1.65 4.12
CA GLN B 100 -22.51 -2.78 4.36
C GLN B 100 -22.01 -3.71 5.44
N ASP B 101 -20.75 -3.56 5.86
CA ASP B 101 -20.07 -4.59 6.62
C ASP B 101 -19.31 -3.92 7.76
N TYR B 102 -18.37 -4.65 8.35
CA TYR B 102 -17.65 -4.27 9.56
C TYR B 102 -17.15 -2.83 9.52
N ASN B 103 -17.63 -2.03 10.47
CA ASN B 103 -17.24 -0.64 10.60
C ASN B 103 -16.69 -0.28 11.97
N LEU B 104 -17.01 -1.03 13.01
CA LEU B 104 -16.71 -0.67 14.39
C LEU B 104 -15.50 -1.44 14.90
N LEU B 105 -14.60 -0.75 15.59
CA LEU B 105 -13.49 -1.41 16.24
C LEU B 105 -14.00 -2.26 17.40
N ASP B 106 -13.43 -3.47 17.52
CA ASP B 106 -13.96 -4.44 18.46
C ASP B 106 -13.59 -4.13 19.90
N THR B 107 -12.58 -3.30 20.13
CA THR B 107 -12.05 -3.05 21.47
C THR B 107 -12.54 -1.74 22.08
N LEU B 108 -13.53 -1.09 21.47
CA LEU B 108 -14.08 0.15 22.00
C LEU B 108 -15.59 0.03 22.13
N THR B 109 -16.15 0.82 23.04
CA THR B 109 -17.59 0.83 23.28
C THR B 109 -18.29 1.63 22.18
N VAL B 110 -19.59 1.87 22.34
CA VAL B 110 -20.33 2.67 21.37
C VAL B 110 -19.88 4.13 21.44
N LYS B 111 -19.76 4.65 22.66
CA LYS B 111 -19.39 6.05 22.84
C LYS B 111 -18.02 6.33 22.26
N GLU B 112 -17.03 5.48 22.57
CA GLU B 112 -15.69 5.67 22.06
C GLU B 112 -15.58 5.37 20.58
N ASN B 113 -16.57 4.69 20.00
CA ASN B 113 -16.56 4.44 18.56
C ASN B 113 -17.11 5.63 17.78
N ILE B 114 -18.20 6.23 18.27
CA ILE B 114 -18.80 7.36 17.55
C ILE B 114 -18.27 8.70 18.03
N LEU B 115 -17.32 8.71 18.97
CA LEU B 115 -16.61 9.95 19.31
C LEU B 115 -15.18 9.95 18.79
N LEU B 116 -14.88 9.14 17.80
CA LEU B 116 -13.51 9.05 17.27
C LEU B 116 -13.15 10.18 16.32
N PRO B 117 -13.97 10.50 15.30
CA PRO B 117 -13.59 11.60 14.41
C PRO B 117 -13.52 12.96 15.08
N LEU B 118 -14.17 13.14 16.23
CA LEU B 118 -14.10 14.40 16.96
C LEU B 118 -12.78 14.59 17.68
N SER B 119 -11.93 13.58 17.75
CA SER B 119 -10.66 13.69 18.45
C SER B 119 -9.64 14.52 17.68
N ILE B 120 -9.85 14.72 16.38
CA ILE B 120 -8.93 15.55 15.62
C ILE B 120 -9.04 17.01 16.07
N THR B 121 -10.24 17.44 16.45
CA THR B 121 -10.51 18.86 16.68
C THR B 121 -10.34 19.30 18.13
N LYS B 122 -10.42 18.38 19.09
CA LYS B 122 -10.36 18.73 20.52
C LYS B 122 -11.46 19.73 20.88
N LEU B 123 -12.69 19.25 20.77
CA LEU B 123 -13.87 20.07 21.06
C LEU B 123 -14.28 19.96 22.53
N SER B 124 -13.35 20.35 23.40
CA SER B 124 -13.58 20.40 24.84
C SER B 124 -13.99 19.02 25.35
N LYS B 125 -14.76 18.97 26.42
CA LYS B 125 -15.35 17.72 26.91
C LYS B 125 -16.86 17.78 26.93
N LYS B 126 -17.45 18.83 27.48
CA LYS B 126 -18.91 18.98 27.44
C LYS B 126 -19.39 19.26 26.01
N GLU B 127 -18.61 20.01 25.24
CA GLU B 127 -18.96 20.29 23.85
C GLU B 127 -18.96 19.04 22.99
N ALA B 128 -18.39 17.94 23.47
CA ALA B 128 -18.48 16.64 22.80
C ALA B 128 -19.51 15.72 23.45
N ASN B 129 -19.63 15.75 24.77
CA ASN B 129 -20.62 14.92 25.44
C ASN B 129 -22.05 15.38 25.19
N ARG B 130 -22.24 16.63 24.77
CA ARG B 130 -23.57 17.07 24.38
C ARG B 130 -23.89 16.63 22.96
N LYS B 131 -22.93 16.77 22.04
CA LYS B 131 -23.14 16.36 20.66
C LYS B 131 -23.23 14.85 20.53
N PHE B 132 -22.65 14.09 21.45
CA PHE B 132 -22.84 12.64 21.44
C PHE B 132 -24.29 12.28 21.78
N GLU B 133 -24.81 12.84 22.87
CA GLU B 133 -26.17 12.51 23.30
C GLU B 133 -27.20 13.01 22.30
N GLU B 134 -26.97 14.18 21.71
CA GLU B 134 -27.93 14.76 20.78
C GLU B 134 -28.16 13.87 19.57
N VAL B 135 -27.17 13.07 19.19
CA VAL B 135 -27.30 12.21 18.02
C VAL B 135 -27.63 10.79 18.48
N ALA B 136 -27.27 10.46 19.73
CA ALA B 136 -27.56 9.11 20.23
C ALA B 136 -29.04 8.94 20.52
N LYS B 137 -29.67 9.94 21.14
CA LYS B 137 -31.10 9.84 21.42
C LYS B 137 -31.96 9.90 20.18
N GLU B 138 -31.39 10.32 19.04
CA GLU B 138 -32.11 10.35 17.78
C GLU B 138 -32.09 9.00 17.06
N LEU B 139 -31.35 8.03 17.59
CA LEU B 139 -31.29 6.70 17.00
C LEU B 139 -31.61 5.59 17.99
N GLY B 140 -31.96 5.94 19.23
CA GLY B 140 -32.31 4.95 20.23
C GLY B 140 -31.18 4.03 20.66
N ILE B 141 -30.00 4.58 20.92
CA ILE B 141 -28.87 3.78 21.37
C ILE B 141 -28.22 4.43 22.58
N TYR B 142 -28.90 5.41 23.18
CA TYR B 142 -28.31 6.12 24.31
C TYR B 142 -28.20 5.25 25.56
N GLU B 143 -29.00 4.20 25.66
CA GLU B 143 -28.87 3.24 26.75
C GLU B 143 -27.80 2.18 26.47
N LEU B 144 -27.18 2.21 25.29
CA LEU B 144 -26.16 1.26 24.89
C LEU B 144 -24.78 1.92 24.82
N ARG B 145 -24.56 2.95 25.63
CA ARG B 145 -23.36 3.77 25.49
C ARG B 145 -22.11 3.07 26.01
N ASP B 146 -22.26 2.20 27.01
CA ASP B 146 -21.11 1.55 27.64
C ASP B 146 -21.08 0.05 27.36
N LYS B 147 -21.59 -0.38 26.22
CA LYS B 147 -21.66 -1.78 25.84
C LYS B 147 -20.73 -2.04 24.67
N TYR B 148 -19.97 -3.13 24.76
CA TYR B 148 -19.05 -3.49 23.70
C TYR B 148 -19.81 -4.06 22.51
N PRO B 149 -19.24 -3.95 21.30
CA PRO B 149 -20.00 -4.35 20.09
C PRO B 149 -20.40 -5.82 20.06
N ASN B 150 -19.75 -6.68 20.82
CA ASN B 150 -20.13 -8.08 20.85
C ASN B 150 -21.30 -8.36 21.79
N GLU B 151 -21.95 -7.31 22.30
CA GLU B 151 -23.10 -7.46 23.19
C GLU B 151 -24.37 -6.83 22.60
N ILE B 152 -24.36 -6.45 21.33
CA ILE B 152 -25.50 -5.80 20.70
C ILE B 152 -25.85 -6.53 19.41
N SER B 153 -27.09 -6.32 18.96
CA SER B 153 -27.63 -7.06 17.82
C SER B 153 -27.10 -6.49 16.51
N GLY B 154 -27.63 -7.00 15.39
CA GLY B 154 -27.12 -6.59 14.10
C GLY B 154 -27.49 -5.16 13.72
N GLY B 155 -28.75 -4.77 13.95
CA GLY B 155 -29.19 -3.45 13.56
C GLY B 155 -28.66 -2.34 14.44
N GLN B 156 -28.37 -2.66 15.71
CA GLN B 156 -27.82 -1.66 16.61
C GLN B 156 -26.43 -1.23 16.18
N LYS B 157 -25.63 -2.16 15.67
CA LYS B 157 -24.31 -1.80 15.16
C LYS B 157 -24.41 -0.88 13.96
N GLN B 158 -25.37 -1.12 13.06
CA GLN B 158 -25.55 -0.25 11.90
C GLN B 158 -26.03 1.14 12.33
N ARG B 159 -26.92 1.20 13.30
CA ARG B 159 -27.35 2.50 13.81
C ARG B 159 -26.18 3.25 14.46
N THR B 160 -25.33 2.53 15.19
CA THR B 160 -24.14 3.13 15.77
C THR B 160 -23.20 3.67 14.69
N SER B 161 -23.00 2.90 13.62
CA SER B 161 -22.13 3.35 12.53
C SER B 161 -22.70 4.58 11.85
N ALA B 162 -24.02 4.62 11.64
CA ALA B 162 -24.64 5.81 11.07
C ALA B 162 -24.47 7.01 11.98
N GLY B 163 -24.62 6.81 13.29
CA GLY B 163 -24.39 7.90 14.23
C GLY B 163 -22.96 8.42 14.18
N ARG B 164 -21.99 7.51 14.04
CA ARG B 164 -20.61 7.96 13.87
C ARG B 164 -20.45 8.76 12.60
N ALA B 165 -21.06 8.32 11.51
CA ALA B 165 -20.90 9.01 10.22
C ALA B 165 -21.57 10.37 10.21
N PHE B 166 -22.63 10.56 10.99
CA PHE B 166 -23.38 11.82 10.97
C PHE B 166 -22.91 12.83 12.00
N ILE B 167 -21.99 12.46 12.91
CA ILE B 167 -21.72 13.30 14.06
C ILE B 167 -20.99 14.58 13.68
N HIS B 168 -20.09 14.53 12.68
CA HIS B 168 -19.30 15.68 12.29
C HIS B 168 -19.83 16.38 11.04
N ASP B 169 -21.14 16.24 10.78
CA ASP B 169 -21.95 16.88 9.74
C ASP B 169 -21.17 17.19 8.47
N PRO B 170 -20.71 16.17 7.75
CA PRO B 170 -19.87 16.42 6.57
C PRO B 170 -20.65 17.02 5.41
N SER B 171 -19.97 17.23 4.28
CA SER B 171 -20.62 17.75 3.09
C SER B 171 -21.42 16.67 2.37
N ILE B 172 -20.79 15.53 2.08
CA ILE B 172 -21.44 14.42 1.40
C ILE B 172 -21.23 13.16 2.24
N ILE B 173 -22.24 12.29 2.26
CA ILE B 173 -22.17 11.01 2.95
C ILE B 173 -22.33 9.92 1.90
N PHE B 174 -21.36 9.00 1.85
CA PHE B 174 -21.37 7.90 0.90
C PHE B 174 -21.79 6.63 1.63
N ALA B 175 -22.90 6.04 1.20
CA ALA B 175 -23.42 4.82 1.79
C ALA B 175 -23.46 3.73 0.73
N ASP B 176 -22.94 2.54 1.07
CA ASP B 176 -22.83 1.43 0.15
C ASP B 176 -23.66 0.27 0.70
N GLU B 177 -24.93 0.20 0.29
CA GLU B 177 -25.85 -0.86 0.68
C GLU B 177 -25.90 -0.99 2.20
N PRO B 178 -26.39 0.02 2.91
CA PRO B 178 -26.35 -0.04 4.38
C PRO B 178 -27.17 -1.17 4.98
N THR B 179 -28.26 -1.57 4.33
CA THR B 179 -29.19 -2.56 4.86
C THR B 179 -29.04 -3.91 4.15
N GLY B 180 -27.83 -4.28 3.77
CA GLY B 180 -27.59 -5.56 3.15
C GLY B 180 -27.35 -6.70 4.08
N ALA B 181 -27.42 -6.47 5.40
CA ALA B 181 -27.17 -7.52 6.39
C ALA B 181 -28.21 -7.51 7.50
N LEU B 182 -29.39 -6.97 7.24
CA LEU B 182 -30.45 -6.87 8.24
C LEU B 182 -31.73 -7.49 7.67
N ASP B 183 -32.60 -7.91 8.59
CA ASP B 183 -33.90 -8.43 8.19
C ASP B 183 -34.86 -7.25 7.94
N SER B 184 -36.14 -7.55 7.68
CA SER B 184 -37.04 -6.54 7.16
C SER B 184 -37.27 -5.40 8.15
N LYS B 185 -37.58 -5.74 9.40
CA LYS B 185 -37.90 -4.71 10.39
C LYS B 185 -36.72 -3.79 10.63
N SER B 186 -35.53 -4.37 10.82
CA SER B 186 -34.34 -3.57 11.09
C SER B 186 -33.99 -2.69 9.89
N ALA B 187 -34.09 -3.25 8.68
CA ALA B 187 -33.79 -2.47 7.49
C ALA B 187 -34.74 -1.30 7.33
N SER B 188 -36.05 -1.54 7.53
CA SER B 188 -37.02 -0.46 7.41
C SER B 188 -36.78 0.60 8.47
N ASP B 189 -36.46 0.19 9.71
CA ASP B 189 -36.19 1.16 10.76
C ASP B 189 -34.98 2.02 10.43
N LEU B 190 -33.90 1.39 9.96
CA LEU B 190 -32.70 2.15 9.63
C LEU B 190 -32.95 3.10 8.47
N LEU B 191 -33.69 2.66 7.45
CA LEU B 191 -33.98 3.53 6.31
C LEU B 191 -34.85 4.72 6.73
N ASN B 192 -35.85 4.49 7.57
CA ASN B 192 -36.68 5.59 8.03
C ASN B 192 -35.88 6.58 8.87
N LYS B 193 -35.01 6.08 9.74
CA LYS B 193 -34.18 6.99 10.53
C LYS B 193 -33.21 7.77 9.65
N LEU B 194 -32.66 7.13 8.62
CA LEU B 194 -31.79 7.83 7.68
C LEU B 194 -32.55 8.96 6.98
N SER B 195 -33.78 8.69 6.53
CA SER B 195 -34.56 9.71 5.86
C SER B 195 -34.89 10.87 6.79
N GLN B 196 -35.25 10.56 8.04
CA GLN B 196 -35.55 11.62 9.01
C GLN B 196 -34.31 12.46 9.32
N LEU B 197 -33.15 11.81 9.48
CA LEU B 197 -31.91 12.56 9.71
C LEU B 197 -31.58 13.45 8.52
N ASN B 198 -31.80 12.95 7.30
CA ASN B 198 -31.58 13.77 6.11
C ASN B 198 -32.49 14.99 6.12
N GLN B 199 -33.79 14.80 6.40
CA GLN B 199 -34.72 15.92 6.35
C GLN B 199 -34.46 16.93 7.45
N LYS B 200 -34.09 16.47 8.65
CA LYS B 200 -33.93 17.37 9.78
C LYS B 200 -32.70 18.26 9.61
N ARG B 201 -31.52 17.65 9.56
CA ARG B 201 -30.28 18.36 9.26
C ARG B 201 -29.96 18.15 7.79
N ASN B 202 -29.90 19.25 7.03
CA ASN B 202 -29.74 19.14 5.58
C ASN B 202 -28.40 18.50 5.23
N ALA B 203 -28.45 17.26 4.74
CA ALA B 203 -27.24 16.50 4.43
C ALA B 203 -27.42 15.79 3.10
N THR B 204 -26.35 15.79 2.30
CA THR B 204 -26.37 15.13 0.99
C THR B 204 -25.90 13.70 1.17
N ILE B 205 -26.73 12.75 0.75
CA ILE B 205 -26.44 11.33 0.88
C ILE B 205 -26.47 10.71 -0.51
N ILE B 206 -25.39 10.03 -0.89
CA ILE B 206 -25.30 9.29 -2.14
C ILE B 206 -25.19 7.82 -1.80
N MET B 207 -26.18 7.05 -2.22
CA MET B 207 -26.30 5.65 -1.82
C MET B 207 -26.39 4.76 -3.05
N VAL B 208 -25.70 3.64 -3.02
CA VAL B 208 -25.71 2.67 -4.11
C VAL B 208 -26.39 1.39 -3.60
N THR B 209 -27.36 0.90 -4.36
CA THR B 209 -28.16 -0.25 -3.94
C THR B 209 -28.45 -1.13 -5.15
N HIS B 210 -29.03 -2.30 -4.86
CA HIS B 210 -29.65 -3.13 -5.89
C HIS B 210 -31.04 -3.61 -5.45
N ASP B 211 -31.69 -2.87 -4.56
CA ASP B 211 -32.97 -3.23 -3.99
C ASP B 211 -33.97 -2.11 -4.23
N PRO B 212 -35.08 -2.33 -4.95
CA PRO B 212 -36.07 -1.26 -5.13
C PRO B 212 -36.71 -0.80 -3.84
N VAL B 213 -36.84 -1.67 -2.83
CA VAL B 213 -37.44 -1.27 -1.57
C VAL B 213 -36.59 -0.20 -0.88
N ALA B 214 -35.28 -0.40 -0.85
CA ALA B 214 -34.39 0.60 -0.26
C ALA B 214 -34.26 1.83 -1.13
N ALA B 215 -34.50 1.71 -2.44
CA ALA B 215 -34.41 2.84 -3.36
C ALA B 215 -35.70 3.64 -3.46
N SER B 216 -36.79 3.15 -2.88
CA SER B 216 -38.05 3.89 -2.89
C SER B 216 -38.12 4.97 -1.82
N TYR B 217 -37.14 5.05 -0.93
CA TYR B 217 -37.09 6.08 0.10
C TYR B 217 -36.38 7.34 -0.37
N CYS B 218 -35.92 7.38 -1.61
CA CYS B 218 -35.09 8.46 -2.12
C CYS B 218 -35.94 9.54 -2.79
N GLY B 219 -35.29 10.48 -3.47
CA GLY B 219 -35.97 11.52 -4.19
C GLY B 219 -35.61 11.55 -5.65
N ARG B 220 -34.55 10.83 -6.03
CA ARG B 220 -34.13 10.73 -7.42
C ARG B 220 -33.31 9.47 -7.59
N VAL B 221 -33.61 8.69 -8.62
CA VAL B 221 -32.95 7.41 -8.87
C VAL B 221 -32.30 7.46 -10.25
N ILE B 222 -31.04 7.06 -10.32
CA ILE B 222 -30.28 7.04 -11.57
C ILE B 222 -29.92 5.58 -11.86
N PHE B 223 -30.27 5.12 -13.05
CA PHE B 223 -30.09 3.72 -13.41
C PHE B 223 -28.78 3.55 -14.19
N ILE B 224 -27.89 2.72 -13.65
CA ILE B 224 -26.59 2.47 -14.26
C ILE B 224 -26.60 1.07 -14.87
N LYS B 225 -25.87 0.92 -15.97
CA LYS B 225 -25.73 -0.38 -16.62
C LYS B 225 -24.45 -0.36 -17.44
N ASP B 226 -23.46 -1.14 -17.01
CA ASP B 226 -22.16 -1.26 -17.67
C ASP B 226 -21.48 0.11 -17.79
N GLY B 227 -21.46 0.83 -16.68
CA GLY B 227 -20.77 2.11 -16.62
C GLY B 227 -21.35 3.20 -17.49
N GLN B 228 -22.67 3.22 -17.67
CA GLN B 228 -23.31 4.27 -18.48
C GLN B 228 -24.70 4.54 -17.92
N MET B 229 -24.94 5.79 -17.53
CA MET B 229 -26.23 6.19 -16.99
C MET B 229 -27.17 6.59 -18.12
N TYR B 230 -28.39 6.05 -18.07
CA TYR B 230 -29.34 6.39 -19.14
C TYR B 230 -30.78 6.56 -18.70
N THR B 231 -31.09 6.67 -17.41
CA THR B 231 -32.48 6.89 -17.00
C THR B 231 -32.47 7.63 -15.66
N GLN B 232 -33.46 8.49 -15.48
CA GLN B 232 -33.60 9.25 -14.24
C GLN B 232 -35.08 9.32 -13.88
N LEU B 233 -35.40 9.09 -12.62
CA LEU B 233 -36.75 9.23 -12.11
C LEU B 233 -36.77 10.23 -10.97
N ASN B 234 -37.81 11.07 -10.94
CA ASN B 234 -37.99 12.07 -9.91
C ASN B 234 -39.27 11.77 -9.14
N LYS B 235 -39.19 11.78 -7.81
CA LYS B 235 -40.33 11.41 -6.99
C LYS B 235 -41.48 12.39 -7.18
N GLY B 236 -41.28 13.65 -6.80
CA GLY B 236 -42.36 14.62 -6.86
C GLY B 236 -43.31 14.50 -5.69
N GLY B 237 -44.61 14.60 -5.96
CA GLY B 237 -45.61 14.51 -4.92
C GLY B 237 -46.07 13.12 -4.56
N GLN B 238 -45.63 12.11 -5.30
CA GLN B 238 -46.09 10.74 -5.04
C GLN B 238 -45.57 10.24 -3.70
N ASP B 239 -46.35 9.37 -3.08
CA ASP B 239 -45.93 8.72 -1.84
C ASP B 239 -45.01 7.54 -2.17
N ARG B 240 -44.67 6.75 -1.16
CA ARG B 240 -43.66 5.71 -1.35
C ARG B 240 -44.17 4.58 -2.24
N GLN B 241 -45.45 4.24 -2.14
CA GLN B 241 -45.97 3.10 -2.88
C GLN B 241 -45.97 3.36 -4.38
N THR B 242 -46.43 4.53 -4.81
CA THR B 242 -46.46 4.85 -6.23
C THR B 242 -45.05 4.93 -6.80
N PHE B 243 -44.13 5.52 -6.04
CA PHE B 243 -42.74 5.57 -6.49
C PHE B 243 -42.15 4.17 -6.61
N PHE B 244 -42.47 3.28 -5.66
CA PHE B 244 -41.99 1.91 -5.74
C PHE B 244 -42.53 1.21 -6.98
N GLN B 245 -43.81 1.41 -7.28
CA GLN B 245 -44.39 0.81 -8.48
C GLN B 245 -43.73 1.36 -9.74
N ASP B 246 -43.45 2.66 -9.77
CA ASP B 246 -42.78 3.24 -10.93
C ASP B 246 -41.38 2.69 -11.10
N ILE B 247 -40.65 2.52 -9.98
CA ILE B 247 -39.30 1.95 -10.06
C ILE B 247 -39.36 0.52 -10.55
N MET B 248 -40.35 -0.25 -10.08
CA MET B 248 -40.51 -1.62 -10.57
C MET B 248 -40.78 -1.63 -12.08
N LYS B 249 -41.65 -0.74 -12.54
CA LYS B 249 -41.95 -0.68 -13.97
C LYS B 249 -40.72 -0.33 -14.78
N THR B 250 -39.94 0.65 -14.33
CA THR B 250 -38.72 1.02 -15.04
C THR B 250 -37.70 -0.12 -15.04
N GLN B 251 -37.54 -0.83 -13.92
CA GLN B 251 -36.53 -1.91 -13.81
C GLN B 251 -36.88 -3.07 -14.73
N GLY B 252 -38.14 -3.22 -15.10
CA GLY B 252 -38.57 -4.35 -15.95
C GLY B 252 -38.14 -4.18 -17.39
N VAL B 253 -37.99 -2.93 -17.85
CA VAL B 253 -37.61 -2.65 -19.27
C VAL B 253 -36.11 -2.89 -19.46
N LEU B 254 -35.27 -2.47 -18.51
CA LEU B 254 -33.79 -2.58 -18.68
C LEU B 254 -33.33 -4.04 -18.55
N GLY B 255 -34.18 -4.93 -18.06
CA GLY B 255 -33.80 -6.34 -17.83
C GLY B 255 -34.37 -7.27 -18.89
N GLY B 256 -35.47 -6.87 -19.53
CA GLY B 256 -36.09 -7.69 -20.60
C GLY B 256 -35.62 -7.23 -21.96
N HIS C 9 -38.82 -39.04 -8.18
CA HIS C 9 -37.60 -39.47 -7.51
C HIS C 9 -36.97 -38.32 -6.74
N VAL C 10 -37.42 -38.11 -5.51
CA VAL C 10 -36.91 -37.02 -4.68
C VAL C 10 -35.45 -37.30 -4.32
N ILE C 11 -34.60 -36.29 -4.43
CA ILE C 11 -33.19 -36.44 -4.16
C ILE C 11 -32.73 -35.64 -2.93
N LEU C 12 -33.46 -34.59 -2.53
CA LEU C 12 -33.17 -33.86 -1.31
C LEU C 12 -34.46 -33.64 -0.56
N GLU C 13 -34.42 -33.79 0.76
CA GLU C 13 -35.63 -33.72 1.58
C GLU C 13 -35.27 -33.14 2.93
N ALA C 14 -35.46 -31.83 3.10
CA ALA C 14 -35.33 -31.20 4.40
C ALA C 14 -36.67 -31.27 5.13
N ASN C 15 -36.61 -31.10 6.45
CA ASN C 15 -37.82 -31.21 7.27
C ASN C 15 -37.63 -30.39 8.54
N LYS C 16 -38.22 -29.20 8.57
CA LYS C 16 -38.30 -28.36 9.78
C LYS C 16 -36.92 -28.11 10.38
N ILE C 17 -36.07 -27.47 9.60
CA ILE C 17 -34.72 -27.14 10.02
C ILE C 17 -34.72 -25.80 10.75
N ARG C 18 -33.76 -25.64 11.65
CA ARG C 18 -33.64 -24.42 12.44
C ARG C 18 -32.16 -24.09 12.63
N LYS C 19 -31.89 -22.82 12.90
CA LYS C 19 -30.53 -22.36 13.12
C LYS C 19 -30.56 -21.02 13.83
N SER C 20 -29.61 -20.83 14.75
CA SER C 20 -29.53 -19.60 15.52
C SER C 20 -28.08 -19.32 15.86
N TYR C 21 -27.62 -18.11 15.56
CA TYR C 21 -26.26 -17.70 15.84
C TYR C 21 -26.20 -16.92 17.15
N GLY C 22 -25.11 -17.11 17.87
CA GLY C 22 -24.93 -16.49 19.17
C GLY C 22 -24.91 -17.52 20.29
N ASN C 23 -24.46 -17.06 21.46
CA ASN C 23 -24.30 -17.95 22.60
C ASN C 23 -24.82 -17.27 23.86
N LYS C 24 -25.63 -18.01 24.63
CA LYS C 24 -26.12 -17.59 25.94
C LYS C 24 -26.85 -16.26 25.90
N LEU C 25 -26.15 -15.17 26.24
CA LEU C 25 -26.80 -13.88 26.42
C LEU C 25 -27.44 -13.38 25.13
N ASN C 26 -26.68 -13.35 24.05
CA ASN C 26 -27.10 -12.75 22.79
C ASN C 26 -27.24 -13.87 21.75
N LYS C 27 -28.48 -14.32 21.54
CA LYS C 27 -28.77 -15.36 20.56
C LYS C 27 -29.88 -14.86 19.65
N GLN C 28 -29.69 -15.00 18.34
CA GLN C 28 -30.66 -14.58 17.34
C GLN C 28 -30.93 -15.73 16.39
N GLU C 29 -32.20 -16.05 16.18
CA GLU C 29 -32.59 -17.11 15.27
C GLU C 29 -32.56 -16.60 13.83
N VAL C 30 -32.25 -17.51 12.90
CA VAL C 30 -32.21 -17.15 11.49
C VAL C 30 -33.26 -17.94 10.72
N LEU C 31 -33.17 -19.26 10.76
CA LEU C 31 -34.12 -20.13 10.09
C LEU C 31 -35.20 -20.56 11.07
N LYS C 32 -36.45 -20.53 10.62
CA LYS C 32 -37.61 -20.77 11.48
C LYS C 32 -38.57 -21.74 10.78
N GLY C 33 -38.37 -23.03 10.97
CA GLY C 33 -39.30 -24.03 10.48
C GLY C 33 -39.48 -24.07 8.98
N ILE C 34 -38.45 -24.51 8.26
CA ILE C 34 -38.46 -24.54 6.80
C ILE C 34 -38.58 -25.98 6.33
N ASP C 35 -39.52 -26.24 5.43
CA ASP C 35 -39.68 -27.54 4.79
C ASP C 35 -39.38 -27.40 3.31
N ILE C 36 -38.56 -28.30 2.78
CA ILE C 36 -38.08 -28.23 1.41
C ILE C 36 -38.19 -29.62 0.78
N HIS C 37 -38.74 -29.67 -0.44
CA HIS C 37 -38.79 -30.89 -1.24
C HIS C 37 -38.26 -30.56 -2.63
N ILE C 38 -37.17 -31.21 -3.02
CA ILE C 38 -36.51 -30.95 -4.30
C ILE C 38 -36.41 -32.26 -5.06
N GLU C 39 -36.77 -32.23 -6.34
CA GLU C 39 -36.77 -33.41 -7.18
C GLU C 39 -35.43 -33.50 -7.93
N LYS C 40 -35.19 -34.65 -8.57
CA LYS C 40 -33.95 -34.88 -9.29
C LYS C 40 -34.04 -34.31 -10.70
N GLY C 41 -32.93 -33.70 -11.15
CA GLY C 41 -32.88 -33.10 -12.47
C GLY C 41 -33.51 -31.73 -12.57
N GLU C 42 -33.84 -31.09 -11.45
CA GLU C 42 -34.57 -29.84 -11.44
C GLU C 42 -33.60 -28.69 -11.16
N PHE C 43 -33.72 -27.64 -11.98
CA PHE C 43 -32.88 -26.44 -11.87
C PHE C 43 -33.59 -25.44 -10.96
N VAL C 44 -33.34 -25.57 -9.66
CA VAL C 44 -34.09 -24.83 -8.66
C VAL C 44 -33.32 -23.58 -8.25
N SER C 45 -34.05 -22.53 -7.90
CA SER C 45 -33.47 -21.29 -7.42
C SER C 45 -34.26 -20.79 -6.22
N ILE C 46 -33.62 -19.92 -5.44
CA ILE C 46 -34.24 -19.31 -4.27
C ILE C 46 -34.02 -17.81 -4.35
N MET C 47 -35.12 -17.05 -4.27
CA MET C 47 -35.09 -15.60 -4.41
C MET C 47 -35.41 -14.93 -3.08
N GLY C 48 -34.72 -13.83 -2.81
CA GLY C 48 -34.97 -13.05 -1.62
C GLY C 48 -33.95 -11.95 -1.42
N ALA C 49 -34.37 -10.84 -0.82
CA ALA C 49 -33.45 -9.75 -0.55
C ALA C 49 -32.39 -10.20 0.45
N SER C 50 -31.22 -9.57 0.36
CA SER C 50 -30.12 -9.93 1.24
C SER C 50 -30.51 -9.74 2.70
N GLY C 51 -30.10 -10.69 3.54
CA GLY C 51 -30.45 -10.70 4.94
C GLY C 51 -31.54 -11.68 5.32
N SER C 52 -32.19 -12.32 4.34
CA SER C 52 -33.27 -13.26 4.62
C SER C 52 -32.77 -14.63 5.04
N GLY C 53 -31.46 -14.89 4.98
CA GLY C 53 -30.92 -16.16 5.39
C GLY C 53 -30.79 -17.16 4.26
N LYS C 54 -30.14 -16.76 3.18
CA LYS C 54 -29.99 -17.62 2.01
C LYS C 54 -28.71 -18.45 2.06
N THR C 55 -27.56 -17.79 2.22
CA THR C 55 -26.31 -18.55 2.29
C THR C 55 -26.23 -19.39 3.55
N THR C 56 -26.94 -19.00 4.60
CA THR C 56 -27.04 -19.87 5.78
C THR C 56 -27.80 -21.15 5.44
N LEU C 57 -28.88 -21.03 4.67
CA LEU C 57 -29.62 -22.21 4.23
C LEU C 57 -28.77 -23.09 3.32
N LEU C 58 -27.97 -22.47 2.45
CA LEU C 58 -27.10 -23.27 1.57
C LEU C 58 -25.97 -23.93 2.35
N ASN C 59 -25.45 -23.27 3.38
CA ASN C 59 -24.48 -23.90 4.27
C ASN C 59 -25.09 -25.09 4.99
N VAL C 60 -26.30 -24.93 5.49
CA VAL C 60 -26.98 -26.01 6.22
C VAL C 60 -27.24 -27.19 5.30
N LEU C 61 -27.78 -26.92 4.10
CA LEU C 61 -28.19 -28.00 3.21
C LEU C 61 -27.00 -28.74 2.62
N SER C 62 -25.89 -28.06 2.42
CA SER C 62 -24.68 -28.67 1.86
C SER C 62 -23.91 -29.48 2.90
N SER C 63 -24.44 -29.61 4.11
CA SER C 63 -23.77 -30.30 5.22
C SER C 63 -22.40 -29.68 5.50
N ILE C 64 -22.34 -28.35 5.45
CA ILE C 64 -21.16 -27.62 5.90
C ILE C 64 -21.32 -27.16 7.35
N ASP C 65 -22.51 -26.69 7.71
CA ASP C 65 -22.80 -26.22 9.05
C ASP C 65 -23.89 -27.10 9.69
N GLN C 66 -23.91 -27.12 11.00
CA GLN C 66 -24.81 -27.96 11.77
C GLN C 66 -26.09 -27.19 12.10
N VAL C 67 -27.18 -27.94 12.27
CA VAL C 67 -28.49 -27.36 12.56
C VAL C 67 -28.75 -27.42 14.06
N SER C 68 -29.61 -26.51 14.53
CA SER C 68 -30.11 -26.62 15.90
C SER C 68 -31.15 -27.73 16.02
N HIS C 69 -32.03 -27.85 15.03
CA HIS C 69 -33.05 -28.89 14.99
C HIS C 69 -33.34 -29.23 13.53
N GLY C 70 -34.00 -30.37 13.34
CA GLY C 70 -34.39 -30.80 12.01
C GLY C 70 -33.46 -31.85 11.43
N THR C 71 -33.97 -32.55 10.42
CA THR C 71 -33.24 -33.63 9.77
C THR C 71 -33.28 -33.45 8.26
N ILE C 72 -32.14 -33.71 7.61
CA ILE C 72 -32.01 -33.61 6.17
C ILE C 72 -31.67 -34.99 5.62
N HIS C 73 -32.42 -35.44 4.62
CA HIS C 73 -32.26 -36.76 4.03
C HIS C 73 -31.96 -36.60 2.54
N ILE C 74 -30.69 -36.76 2.17
CA ILE C 74 -30.26 -36.60 0.79
C ILE C 74 -30.03 -37.99 0.20
N ASN C 75 -30.83 -38.34 -0.81
CA ASN C 75 -30.73 -39.63 -1.50
C ASN C 75 -30.90 -40.79 -0.53
N GLY C 76 -31.76 -40.63 0.46
CA GLY C 76 -32.04 -41.64 1.46
C GLY C 76 -31.17 -41.56 2.71
N ASN C 77 -29.88 -41.25 2.53
CA ASN C 77 -28.96 -41.23 3.65
C ASN C 77 -29.26 -40.07 4.60
N ASP C 78 -29.19 -40.35 5.89
CA ASP C 78 -29.38 -39.32 6.91
C ASP C 78 -28.13 -38.45 7.00
N MET C 79 -28.34 -37.16 7.28
CA MET C 79 -27.24 -36.21 7.35
C MET C 79 -26.86 -35.83 8.77
N THR C 80 -27.82 -35.77 9.69
CA THR C 80 -27.56 -35.31 11.05
C THR C 80 -27.04 -36.41 11.96
N ALA C 81 -26.69 -37.57 11.41
CA ALA C 81 -26.23 -38.72 12.19
C ALA C 81 -24.98 -39.33 11.57
N MET C 82 -24.01 -38.49 11.23
CA MET C 82 -22.74 -38.95 10.69
C MET C 82 -21.60 -38.18 11.33
N LYS C 83 -20.41 -38.78 11.27
CA LYS C 83 -19.22 -38.18 11.84
C LYS C 83 -18.48 -37.37 10.77
N GLU C 84 -17.36 -36.77 11.16
CA GLU C 84 -16.63 -35.88 10.26
C GLU C 84 -16.09 -36.62 9.04
N LYS C 85 -15.54 -37.82 9.25
CA LYS C 85 -15.00 -38.59 8.13
C LYS C 85 -16.10 -38.99 7.15
N GLN C 86 -17.21 -39.50 7.68
CA GLN C 86 -18.31 -39.92 6.82
C GLN C 86 -18.85 -38.76 6.01
N LEU C 87 -19.05 -37.61 6.67
CA LEU C 87 -19.46 -36.41 5.96
C LEU C 87 -18.44 -36.03 4.90
N ALA C 88 -17.16 -36.21 5.21
CA ALA C 88 -16.10 -35.84 4.26
C ALA C 88 -16.21 -36.65 2.98
N GLU C 89 -16.27 -37.98 3.09
CA GLU C 89 -16.37 -38.76 1.85
C GLU C 89 -17.71 -38.55 1.15
N PHE C 90 -18.80 -38.41 1.92
CA PHE C 90 -20.10 -38.18 1.29
C PHE C 90 -20.09 -36.89 0.49
N ARG C 91 -19.50 -35.82 1.03
CA ARG C 91 -19.42 -34.55 0.33
C ARG C 91 -18.47 -34.65 -0.87
N LYS C 92 -17.38 -35.40 -0.72
CA LYS C 92 -16.43 -35.53 -1.83
C LYS C 92 -17.07 -36.26 -3.01
N GLN C 93 -17.91 -37.24 -2.73
CA GLN C 93 -18.51 -38.01 -3.83
C GLN C 93 -19.77 -37.38 -4.40
N HIS C 94 -20.65 -36.83 -3.55
CA HIS C 94 -22.01 -36.50 -3.97
C HIS C 94 -22.30 -35.00 -4.03
N LEU C 95 -21.29 -34.13 -3.96
CA LEU C 95 -21.56 -32.71 -3.88
C LEU C 95 -20.59 -31.93 -4.76
N GLY C 96 -21.07 -30.78 -5.23
CA GLY C 96 -20.23 -29.83 -5.94
C GLY C 96 -20.64 -28.42 -5.59
N PHE C 97 -19.67 -27.51 -5.64
CA PHE C 97 -19.87 -26.15 -5.15
C PHE C 97 -19.34 -25.12 -6.14
N ILE C 98 -20.10 -24.04 -6.30
CA ILE C 98 -19.68 -22.86 -7.04
C ILE C 98 -20.03 -21.64 -6.20
N PHE C 99 -19.09 -20.70 -6.09
CA PHE C 99 -19.29 -19.50 -5.28
C PHE C 99 -19.10 -18.26 -6.13
N GLN C 100 -19.32 -17.09 -5.52
CA GLN C 100 -19.24 -15.84 -6.27
C GLN C 100 -17.81 -15.54 -6.69
N ASP C 101 -16.85 -15.70 -5.79
CA ASP C 101 -15.46 -15.42 -6.08
C ASP C 101 -14.77 -16.70 -6.55
N TYR C 102 -14.09 -16.62 -7.69
CA TYR C 102 -13.33 -17.76 -8.19
C TYR C 102 -12.21 -18.10 -7.22
N ASN C 103 -12.06 -19.38 -6.93
CA ASN C 103 -11.03 -19.87 -6.02
C ASN C 103 -10.04 -20.68 -6.85
N LEU C 104 -9.03 -19.99 -7.39
CA LEU C 104 -8.08 -20.58 -8.31
C LEU C 104 -6.67 -20.47 -7.75
N LEU C 105 -5.80 -21.38 -8.20
CA LEU C 105 -4.40 -21.40 -7.81
C LEU C 105 -3.59 -20.73 -8.92
N ASP C 106 -2.86 -19.66 -8.56
CA ASP C 106 -2.16 -18.88 -9.58
C ASP C 106 -0.95 -19.61 -10.13
N THR C 107 -0.30 -20.45 -9.33
CA THR C 107 0.90 -21.15 -9.79
C THR C 107 0.58 -22.25 -10.79
N LEU C 108 -0.68 -22.62 -10.95
CA LEU C 108 -1.10 -23.66 -11.88
C LEU C 108 -1.76 -23.04 -13.10
N THR C 109 -1.57 -23.69 -14.26
CA THR C 109 -2.27 -23.28 -15.44
C THR C 109 -3.73 -23.75 -15.38
N VAL C 110 -4.54 -23.27 -16.33
CA VAL C 110 -5.97 -23.53 -16.28
C VAL C 110 -6.25 -25.04 -16.33
N LYS C 111 -5.56 -25.76 -17.21
CA LYS C 111 -5.83 -27.18 -17.38
C LYS C 111 -5.54 -27.96 -16.10
N GLU C 112 -4.33 -27.79 -15.56
CA GLU C 112 -3.97 -28.50 -14.34
C GLU C 112 -4.64 -27.93 -13.10
N ASN C 113 -5.28 -26.76 -13.20
CA ASN C 113 -6.06 -26.22 -12.09
C ASN C 113 -7.46 -26.80 -12.08
N ILE C 114 -8.04 -27.05 -13.26
CA ILE C 114 -9.30 -27.79 -13.29
C ILE C 114 -9.09 -29.25 -12.92
N LEU C 115 -8.00 -29.85 -13.39
CA LEU C 115 -7.76 -31.28 -13.17
C LEU C 115 -7.28 -31.61 -11.77
N LEU C 116 -7.23 -30.65 -10.85
CA LEU C 116 -6.74 -30.93 -9.50
C LEU C 116 -7.59 -31.94 -8.75
N PRO C 117 -8.92 -31.81 -8.66
CA PRO C 117 -9.70 -32.84 -7.97
C PRO C 117 -9.59 -34.21 -8.61
N LEU C 118 -9.41 -34.29 -9.92
CA LEU C 118 -9.39 -35.56 -10.64
C LEU C 118 -8.01 -36.22 -10.63
N SER C 119 -6.99 -35.56 -10.09
CA SER C 119 -5.65 -36.11 -10.03
C SER C 119 -5.36 -36.86 -8.74
N ILE C 120 -6.33 -36.95 -7.84
CA ILE C 120 -6.16 -37.63 -6.56
C ILE C 120 -7.04 -38.85 -6.41
N THR C 121 -7.80 -39.22 -7.44
CA THR C 121 -8.75 -40.31 -7.35
C THR C 121 -8.20 -41.61 -7.94
N LYS C 122 -6.90 -41.66 -8.24
CA LYS C 122 -6.26 -42.84 -8.82
C LYS C 122 -6.92 -43.25 -10.13
N LEU C 123 -6.84 -42.34 -11.11
CA LEU C 123 -7.43 -42.53 -12.42
C LEU C 123 -6.36 -42.43 -13.49
N SER C 124 -6.56 -43.15 -14.59
CA SER C 124 -5.62 -43.15 -15.69
C SER C 124 -5.56 -41.76 -16.33
N LYS C 125 -4.40 -41.45 -16.92
CA LYS C 125 -4.20 -40.13 -17.51
C LYS C 125 -5.14 -39.88 -18.68
N LYS C 126 -5.34 -40.91 -19.53
CA LYS C 126 -6.14 -40.72 -20.74
C LYS C 126 -7.59 -40.39 -20.42
N GLU C 127 -8.17 -41.07 -19.43
CA GLU C 127 -9.56 -40.82 -19.08
C GLU C 127 -9.75 -39.40 -18.54
N ALA C 128 -8.85 -38.95 -17.66
CA ALA C 128 -8.94 -37.60 -17.14
C ALA C 128 -8.74 -36.57 -18.24
N ASN C 129 -7.82 -36.83 -19.17
CA ASN C 129 -7.61 -35.93 -20.29
C ASN C 129 -8.86 -35.83 -21.16
N ARG C 130 -9.49 -36.96 -21.44
CA ARG C 130 -10.71 -36.95 -22.25
C ARG C 130 -11.83 -36.18 -21.55
N LYS C 131 -11.98 -36.41 -20.23
CA LYS C 131 -13.03 -35.71 -19.50
C LYS C 131 -12.78 -34.20 -19.50
N PHE C 132 -11.53 -33.79 -19.28
CA PHE C 132 -11.22 -32.36 -19.30
C PHE C 132 -11.49 -31.76 -20.67
N GLU C 133 -11.09 -32.47 -21.73
CA GLU C 133 -11.33 -31.94 -23.08
C GLU C 133 -12.82 -31.80 -23.35
N GLU C 134 -13.62 -32.80 -22.97
CA GLU C 134 -15.05 -32.74 -23.16
C GLU C 134 -15.65 -31.53 -22.43
N VAL C 135 -15.30 -31.35 -21.16
CA VAL C 135 -15.84 -30.24 -20.39
C VAL C 135 -15.41 -28.91 -20.98
N ALA C 136 -14.13 -28.78 -21.35
CA ALA C 136 -13.62 -27.52 -21.86
C ALA C 136 -14.27 -27.15 -23.20
N LYS C 137 -14.47 -28.13 -24.09
CA LYS C 137 -15.14 -27.83 -25.34
C LYS C 137 -16.62 -27.53 -25.14
N GLU C 138 -17.25 -28.15 -24.13
CA GLU C 138 -18.62 -27.79 -23.82
C GLU C 138 -18.72 -26.34 -23.33
N LEU C 139 -17.75 -25.90 -22.52
CA LEU C 139 -17.80 -24.54 -21.99
C LEU C 139 -17.17 -23.53 -22.94
N GLY C 140 -16.10 -23.91 -23.63
CA GLY C 140 -15.47 -23.04 -24.60
C GLY C 140 -14.25 -22.29 -24.13
N ILE C 141 -13.44 -22.88 -23.26
CA ILE C 141 -12.20 -22.25 -22.80
C ILE C 141 -11.02 -23.15 -23.20
N TYR C 142 -11.20 -23.94 -24.25
CA TYR C 142 -10.22 -24.95 -24.62
C TYR C 142 -8.89 -24.31 -25.01
N GLU C 143 -8.92 -23.23 -25.78
CA GLU C 143 -7.70 -22.61 -26.28
C GLU C 143 -6.91 -21.88 -25.20
N LEU C 144 -7.46 -21.72 -24.00
CA LEU C 144 -6.83 -20.97 -22.93
C LEU C 144 -6.14 -21.87 -21.91
N ARG C 145 -5.80 -23.10 -22.30
CA ARG C 145 -5.26 -24.07 -21.36
C ARG C 145 -3.96 -23.60 -20.74
N ASP C 146 -2.94 -23.40 -21.57
CA ASP C 146 -1.58 -23.13 -21.10
C ASP C 146 -1.39 -21.69 -20.63
N LYS C 147 -2.45 -20.90 -20.52
CA LYS C 147 -2.35 -19.52 -20.07
C LYS C 147 -2.66 -19.46 -18.59
N TYR C 148 -1.74 -18.90 -17.81
CA TYR C 148 -1.92 -18.82 -16.38
C TYR C 148 -3.07 -17.87 -16.05
N PRO C 149 -3.74 -18.07 -14.90
CA PRO C 149 -4.96 -17.30 -14.61
C PRO C 149 -4.75 -15.81 -14.44
N ASN C 150 -3.53 -15.29 -14.58
CA ASN C 150 -3.30 -13.86 -14.56
C ASN C 150 -3.19 -13.27 -15.96
N GLU C 151 -3.45 -14.06 -17.00
CA GLU C 151 -3.41 -13.59 -18.38
C GLU C 151 -4.76 -13.68 -19.07
N ILE C 152 -5.84 -13.94 -18.34
CA ILE C 152 -7.17 -14.04 -18.93
C ILE C 152 -8.10 -13.06 -18.25
N SER C 153 -9.35 -13.01 -18.69
CA SER C 153 -10.33 -12.07 -18.19
C SER C 153 -11.22 -12.71 -17.13
N GLY C 154 -12.10 -11.90 -16.54
CA GLY C 154 -12.93 -12.38 -15.44
C GLY C 154 -13.93 -13.45 -15.87
N GLY C 155 -14.55 -13.26 -17.04
CA GLY C 155 -15.49 -14.26 -17.51
C GLY C 155 -14.85 -15.62 -17.73
N GLN C 156 -13.64 -15.64 -18.28
CA GLN C 156 -12.93 -16.89 -18.49
C GLN C 156 -12.54 -17.53 -17.16
N LYS C 157 -12.12 -16.74 -16.18
CA LYS C 157 -11.83 -17.27 -14.85
C LYS C 157 -13.07 -17.92 -14.24
N GLN C 158 -14.22 -17.24 -14.35
CA GLN C 158 -15.44 -17.77 -13.77
C GLN C 158 -15.88 -19.03 -14.50
N ARG C 159 -15.71 -19.07 -15.83
CA ARG C 159 -16.04 -20.28 -16.56
C ARG C 159 -15.15 -21.44 -16.17
N THR C 160 -13.85 -21.18 -15.95
CA THR C 160 -12.95 -22.21 -15.45
C THR C 160 -13.38 -22.71 -14.08
N SER C 161 -13.75 -21.79 -13.18
CA SER C 161 -14.20 -22.18 -11.85
C SER C 161 -15.47 -23.02 -11.93
N ALA C 162 -16.40 -22.65 -12.82
CA ALA C 162 -17.62 -23.44 -12.98
C ALA C 162 -17.31 -24.82 -13.57
N GLY C 163 -16.38 -24.88 -14.52
CA GLY C 163 -16.03 -26.16 -15.12
C GLY C 163 -15.24 -27.08 -14.23
N ARG C 164 -14.58 -26.53 -13.21
CA ARG C 164 -13.93 -27.38 -12.22
C ARG C 164 -14.95 -28.24 -11.48
N ALA C 165 -16.15 -27.71 -11.24
CA ALA C 165 -17.18 -28.40 -10.46
C ALA C 165 -17.93 -29.46 -11.25
N PHE C 166 -17.71 -29.55 -12.56
CA PHE C 166 -18.46 -30.49 -13.41
C PHE C 166 -17.57 -31.60 -13.98
N ILE C 167 -16.43 -31.87 -13.37
CA ILE C 167 -15.48 -32.82 -13.93
C ILE C 167 -15.47 -34.16 -13.20
N HIS C 168 -15.78 -34.18 -11.91
CA HIS C 168 -15.81 -35.44 -11.16
C HIS C 168 -17.21 -36.05 -11.12
N ASP C 169 -18.13 -35.55 -11.94
CA ASP C 169 -19.48 -36.07 -12.10
C ASP C 169 -20.23 -36.12 -10.77
N PRO C 170 -20.57 -34.98 -10.18
CA PRO C 170 -21.32 -34.97 -8.92
C PRO C 170 -22.80 -35.24 -9.19
N SER C 171 -23.56 -35.33 -8.10
CA SER C 171 -25.00 -35.53 -8.18
C SER C 171 -25.80 -34.25 -7.96
N ILE C 172 -25.35 -33.38 -7.04
CA ILE C 172 -26.02 -32.12 -6.76
C ILE C 172 -24.98 -31.01 -6.78
N ILE C 173 -25.28 -29.93 -7.50
CA ILE C 173 -24.43 -28.74 -7.52
C ILE C 173 -25.04 -27.70 -6.59
N PHE C 174 -24.24 -27.20 -5.67
CA PHE C 174 -24.67 -26.17 -4.73
C PHE C 174 -23.99 -24.87 -5.12
N ALA C 175 -24.71 -24.01 -5.82
CA ALA C 175 -24.16 -22.78 -6.36
C ALA C 175 -24.67 -21.57 -5.59
N ASP C 176 -23.75 -20.72 -5.15
CA ASP C 176 -24.11 -19.41 -4.66
C ASP C 176 -24.34 -18.51 -5.86
N GLU C 177 -24.43 -17.21 -5.66
CA GLU C 177 -24.61 -16.30 -6.78
C GLU C 177 -23.37 -16.29 -7.66
N PRO C 178 -23.39 -16.91 -8.83
CA PRO C 178 -22.15 -17.07 -9.59
C PRO C 178 -21.84 -15.91 -10.52
N THR C 179 -22.84 -15.09 -10.81
CA THR C 179 -22.71 -13.98 -11.75
C THR C 179 -22.69 -12.63 -11.04
N GLY C 180 -22.25 -12.61 -9.79
CA GLY C 180 -22.18 -11.38 -9.03
C GLY C 180 -20.94 -10.55 -9.27
N ALA C 181 -20.00 -11.05 -10.09
CA ALA C 181 -18.79 -10.31 -10.42
C ALA C 181 -18.59 -10.19 -11.93
N LEU C 182 -19.66 -10.32 -12.72
CA LEU C 182 -19.57 -10.30 -14.17
C LEU C 182 -20.57 -9.30 -14.72
N ASP C 183 -20.27 -8.82 -15.93
CA ASP C 183 -21.13 -7.85 -16.61
C ASP C 183 -22.36 -8.57 -17.17
N SER C 184 -23.15 -7.86 -17.97
CA SER C 184 -24.40 -8.42 -18.47
C SER C 184 -24.17 -9.56 -19.45
N LYS C 185 -23.29 -9.34 -20.43
CA LYS C 185 -23.08 -10.34 -21.48
C LYS C 185 -22.46 -11.62 -20.93
N SER C 186 -21.44 -11.47 -20.09
CA SER C 186 -20.81 -12.64 -19.50
C SER C 186 -21.77 -13.40 -18.60
N ALA C 187 -22.59 -12.67 -17.82
CA ALA C 187 -23.56 -13.33 -16.96
C ALA C 187 -24.58 -14.11 -17.78
N SER C 188 -25.09 -13.51 -18.86
CA SER C 188 -26.05 -14.21 -19.72
C SER C 188 -25.42 -15.45 -20.35
N ASP C 189 -24.18 -15.33 -20.82
CA ASP C 189 -23.53 -16.47 -21.44
C ASP C 189 -23.29 -17.60 -20.45
N LEU C 190 -22.84 -17.26 -19.23
CA LEU C 190 -22.62 -18.28 -18.21
C LEU C 190 -23.93 -18.96 -17.82
N LEU C 191 -25.01 -18.18 -17.67
CA LEU C 191 -26.28 -18.78 -17.32
C LEU C 191 -26.79 -19.70 -18.43
N ASN C 192 -26.61 -19.30 -19.69
CA ASN C 192 -27.01 -20.15 -20.80
C ASN C 192 -26.22 -21.46 -20.81
N LYS C 193 -24.91 -21.38 -20.55
CA LYS C 193 -24.10 -22.60 -20.57
C LYS C 193 -24.43 -23.50 -19.39
N LEU C 194 -24.75 -22.93 -18.23
CA LEU C 194 -25.21 -23.74 -17.11
C LEU C 194 -26.50 -24.47 -17.46
N SER C 195 -27.46 -23.74 -18.04
CA SER C 195 -28.73 -24.37 -18.40
C SER C 195 -28.55 -25.42 -19.48
N GLN C 196 -27.54 -25.25 -20.36
CA GLN C 196 -27.25 -26.29 -21.35
C GLN C 196 -26.65 -27.52 -20.70
N LEU C 197 -25.70 -27.33 -19.78
CA LEU C 197 -25.08 -28.46 -19.10
C LEU C 197 -26.09 -29.22 -18.24
N ASN C 198 -27.13 -28.53 -17.75
CA ASN C 198 -28.16 -29.22 -16.98
C ASN C 198 -28.95 -30.20 -17.84
N GLN C 199 -29.12 -29.90 -19.13
CA GLN C 199 -29.99 -30.69 -19.99
C GLN C 199 -29.33 -31.95 -20.54
N LYS C 200 -28.00 -32.07 -20.47
CA LYS C 200 -27.33 -33.26 -20.97
C LYS C 200 -27.12 -34.29 -19.86
N ARG C 201 -26.40 -33.91 -18.82
CA ARG C 201 -26.24 -34.74 -17.64
C ARG C 201 -27.12 -34.18 -16.53
N ASN C 202 -27.97 -35.04 -15.96
CA ASN C 202 -29.01 -34.59 -15.04
C ASN C 202 -28.37 -34.22 -13.71
N ALA C 203 -27.91 -32.98 -13.60
CA ALA C 203 -27.32 -32.44 -12.38
C ALA C 203 -28.31 -31.49 -11.74
N THR C 204 -28.68 -31.78 -10.49
CA THR C 204 -29.68 -30.99 -9.77
C THR C 204 -29.01 -29.72 -9.24
N ILE C 205 -28.89 -28.74 -10.14
CA ILE C 205 -28.24 -27.48 -9.78
C ILE C 205 -29.17 -26.68 -8.87
N ILE C 206 -28.65 -26.28 -7.71
CA ILE C 206 -29.37 -25.44 -6.77
C ILE C 206 -28.63 -24.11 -6.67
N MET C 207 -29.32 -23.03 -7.03
CA MET C 207 -28.72 -21.71 -7.09
C MET C 207 -29.42 -20.76 -6.15
N VAL C 208 -28.66 -19.93 -5.46
CA VAL C 208 -29.17 -18.90 -4.57
C VAL C 208 -28.88 -17.55 -5.19
N THR C 209 -29.92 -16.75 -5.37
CA THR C 209 -29.79 -15.44 -6.02
C THR C 209 -30.71 -14.43 -5.34
N HIS C 210 -30.44 -13.17 -5.62
CA HIS C 210 -31.33 -12.06 -5.27
C HIS C 210 -31.62 -11.22 -6.49
N ASP C 211 -31.52 -11.83 -7.68
CA ASP C 211 -31.52 -11.12 -8.95
C ASP C 211 -32.68 -11.61 -9.82
N PRO C 212 -33.65 -10.75 -10.13
CA PRO C 212 -34.84 -11.24 -10.87
C PRO C 212 -34.53 -11.80 -12.24
N VAL C 213 -33.55 -11.26 -12.96
CA VAL C 213 -33.25 -11.75 -14.30
C VAL C 213 -32.32 -12.97 -14.27
N ALA C 214 -31.69 -13.25 -13.12
CA ALA C 214 -30.87 -14.45 -13.01
C ALA C 214 -31.69 -15.70 -12.77
N ALA C 215 -32.81 -15.59 -12.06
CA ALA C 215 -33.63 -16.75 -11.70
C ALA C 215 -34.73 -17.04 -12.71
N SER C 216 -34.77 -16.31 -13.82
CA SER C 216 -35.73 -16.62 -14.88
C SER C 216 -35.23 -17.72 -15.81
N TYR C 217 -34.02 -18.22 -15.59
CA TYR C 217 -33.46 -19.33 -16.34
C TYR C 217 -33.82 -20.68 -15.73
N CYS C 218 -34.51 -20.70 -14.60
CA CYS C 218 -34.73 -21.91 -13.83
C CYS C 218 -36.04 -22.58 -14.22
N GLY C 219 -36.46 -23.57 -13.44
CA GLY C 219 -37.71 -24.25 -13.68
C GLY C 219 -38.71 -24.03 -12.56
N ARG C 220 -38.21 -23.85 -11.34
CA ARG C 220 -39.05 -23.51 -10.20
C ARG C 220 -38.34 -22.44 -9.37
N VAL C 221 -39.12 -21.54 -8.79
CA VAL C 221 -38.60 -20.44 -7.98
C VAL C 221 -39.28 -20.49 -6.63
N ILE C 222 -38.49 -20.38 -5.56
CA ILE C 222 -38.99 -20.42 -4.19
C ILE C 222 -38.62 -19.11 -3.51
N PHE C 223 -39.61 -18.45 -2.92
CA PHE C 223 -39.43 -17.16 -2.29
C PHE C 223 -39.23 -17.34 -0.79
N ILE C 224 -38.22 -16.67 -0.24
CA ILE C 224 -37.94 -16.69 1.19
C ILE C 224 -38.02 -15.26 1.72
N LYS C 225 -38.54 -15.10 2.93
CA LYS C 225 -38.81 -13.77 3.48
C LYS C 225 -37.93 -13.44 4.68
N ASP C 226 -37.99 -14.25 5.75
CA ASP C 226 -37.13 -14.04 6.91
C ASP C 226 -36.68 -15.36 7.54
N GLY C 227 -36.68 -16.45 6.78
CA GLY C 227 -36.37 -17.74 7.33
C GLY C 227 -37.53 -18.70 7.18
N GLN C 228 -38.37 -18.46 6.17
CA GLN C 228 -39.53 -19.29 5.92
C GLN C 228 -40.01 -19.05 4.49
N MET C 229 -40.15 -20.11 3.72
CA MET C 229 -40.57 -19.99 2.33
C MET C 229 -42.03 -19.54 2.24
N TYR C 230 -42.33 -18.78 1.19
CA TYR C 230 -43.63 -18.14 1.03
C TYR C 230 -44.42 -18.69 -0.15
N THR C 231 -43.87 -18.64 -1.36
CA THR C 231 -44.59 -19.01 -2.56
C THR C 231 -43.72 -19.88 -3.45
N GLN C 232 -44.31 -20.33 -4.56
CA GLN C 232 -43.62 -21.17 -5.54
C GLN C 232 -44.22 -20.90 -6.91
N LEU C 233 -43.36 -20.93 -7.94
CA LEU C 233 -43.78 -20.70 -9.31
C LEU C 233 -43.20 -21.78 -10.22
N ASN C 234 -44.04 -22.26 -11.14
CA ASN C 234 -43.65 -23.31 -12.07
C ASN C 234 -43.46 -22.73 -13.46
N LYS C 235 -42.59 -23.37 -14.25
CA LYS C 235 -42.23 -22.86 -15.56
C LYS C 235 -43.34 -23.12 -16.57
N GLY C 236 -43.64 -24.39 -16.82
CA GLY C 236 -44.65 -24.75 -17.80
C GLY C 236 -44.20 -24.59 -19.23
N GLY C 237 -44.85 -23.70 -19.97
CA GLY C 237 -44.51 -23.48 -21.36
C GLY C 237 -44.15 -22.05 -21.68
N GLN C 238 -43.89 -21.25 -20.65
CA GLN C 238 -43.49 -19.87 -20.87
C GLN C 238 -42.08 -19.80 -21.44
N ASP C 239 -41.79 -18.69 -22.12
CA ASP C 239 -40.59 -18.56 -22.94
C ASP C 239 -39.57 -17.59 -22.36
N ARG C 240 -39.43 -17.57 -21.03
CA ARG C 240 -38.47 -16.77 -20.28
C ARG C 240 -38.76 -15.28 -20.36
N GLN C 241 -39.75 -14.86 -21.14
CA GLN C 241 -40.22 -13.47 -21.13
C GLN C 241 -41.51 -13.30 -20.36
N THR C 242 -42.42 -14.28 -20.43
CA THR C 242 -43.58 -14.30 -19.56
C THR C 242 -43.22 -14.73 -18.14
N PHE C 243 -42.29 -15.66 -17.99
CA PHE C 243 -41.83 -16.11 -16.68
C PHE C 243 -41.12 -15.00 -15.91
N PHE C 244 -40.32 -14.19 -16.60
CA PHE C 244 -39.67 -13.06 -15.97
C PHE C 244 -40.70 -12.03 -15.48
N GLN C 245 -41.72 -11.77 -16.30
CA GLN C 245 -42.77 -10.85 -15.90
C GLN C 245 -43.56 -11.38 -14.71
N ASP C 246 -43.82 -12.69 -14.69
CA ASP C 246 -44.49 -13.28 -13.53
C ASP C 246 -43.62 -13.19 -12.28
N ILE C 247 -42.31 -13.37 -12.42
CA ILE C 247 -41.41 -13.23 -11.29
C ILE C 247 -41.46 -11.81 -10.74
N MET C 248 -41.41 -10.83 -11.64
CA MET C 248 -41.52 -9.43 -11.19
C MET C 248 -42.85 -9.15 -10.53
N LYS C 249 -43.94 -9.79 -10.95
CA LYS C 249 -45.25 -9.45 -10.32
C LYS C 249 -45.28 -9.89 -8.85
N THR C 250 -44.75 -11.08 -8.56
CA THR C 250 -44.72 -11.62 -7.17
C THR C 250 -43.63 -10.90 -6.36
N GLN C 251 -42.49 -10.59 -6.99
CA GLN C 251 -41.39 -9.88 -6.29
C GLN C 251 -41.91 -8.54 -5.76
N GLY C 252 -42.67 -7.80 -6.58
CA GLY C 252 -43.25 -6.52 -6.14
C GLY C 252 -44.10 -6.69 -4.89
N VAL C 253 -45.00 -7.68 -4.90
CA VAL C 253 -45.89 -7.94 -3.73
C VAL C 253 -45.01 -8.24 -2.50
N LEU C 254 -44.10 -9.22 -2.61
CA LEU C 254 -43.26 -9.63 -1.45
C LEU C 254 -42.43 -8.43 -0.95
N GLY C 255 -41.93 -7.59 -1.85
CA GLY C 255 -41.14 -6.40 -1.47
C GLY C 255 -41.99 -5.35 -0.80
N GLY C 256 -42.83 -4.65 -1.57
CA GLY C 256 -43.71 -3.60 -1.01
C GLY C 256 -45.14 -3.77 -1.47
N MET D 1 25.11 19.11 1.19
CA MET D 1 24.83 17.85 0.52
C MET D 1 25.65 16.73 1.16
N ILE D 2 26.71 17.11 1.88
CA ILE D 2 27.56 16.13 2.54
C ILE D 2 26.77 15.34 3.59
N LYS D 3 25.83 16.01 4.26
CA LYS D 3 24.98 15.30 5.21
C LYS D 3 24.17 14.22 4.52
N ALA D 4 23.62 14.53 3.34
CA ALA D 4 22.88 13.53 2.59
C ALA D 4 23.78 12.37 2.17
N PHE D 5 25.03 12.68 1.77
CA PHE D 5 25.96 11.62 1.40
C PHE D 5 26.25 10.71 2.58
N LEU D 6 26.47 11.29 3.77
CA LEU D 6 26.76 10.49 4.95
C LEU D 6 25.54 9.65 5.35
N ILE D 7 24.34 10.23 5.29
CA ILE D 7 23.14 9.47 5.61
C ILE D 7 22.80 8.44 4.55
N GLU D 8 23.41 8.55 3.36
CA GLU D 8 23.18 7.58 2.29
C GLU D 8 24.10 6.37 2.38
N ARG D 9 25.26 6.50 3.03
CA ARG D 9 26.27 5.46 3.05
C ARG D 9 26.67 5.08 4.48
N ARG D 10 25.73 5.11 5.42
CA ARG D 10 26.05 4.77 6.80
C ARG D 10 26.39 3.29 6.93
N SER D 11 25.78 2.43 6.11
CA SER D 11 25.94 0.99 6.27
C SER D 11 27.37 0.55 6.02
N TRP D 12 28.03 1.11 5.02
CA TRP D 12 29.39 0.69 4.69
C TRP D 12 30.38 1.16 5.76
N ILE D 13 30.16 2.35 6.32
CA ILE D 13 31.00 2.82 7.41
C ILE D 13 30.80 1.93 8.64
N ALA D 14 29.55 1.54 8.92
CA ALA D 14 29.30 0.63 10.04
C ALA D 14 29.98 -0.71 9.81
N ALA D 15 29.95 -1.22 8.58
CA ALA D 15 30.63 -2.48 8.27
C ALA D 15 32.14 -2.35 8.46
N PHE D 16 32.72 -1.23 8.04
CA PHE D 16 34.15 -1.02 8.25
C PHE D 16 34.49 -1.00 9.73
N LEU D 17 33.68 -0.31 10.53
CA LEU D 17 33.92 -0.28 11.97
C LEU D 17 33.81 -1.67 12.58
N PHE D 18 32.82 -2.45 12.15
CA PHE D 18 32.68 -3.81 12.66
C PHE D 18 33.87 -4.68 12.28
N GLN D 19 34.39 -4.51 11.06
CA GLN D 19 35.58 -5.25 10.66
C GLN D 19 36.77 -4.92 11.55
N GLN D 20 36.96 -3.63 11.84
CA GLN D 20 38.05 -3.23 12.75
C GLN D 20 37.85 -3.82 14.13
N ALA D 21 36.62 -3.79 14.64
CA ALA D 21 36.35 -4.36 15.96
C ALA D 21 36.63 -5.85 16.01
N LEU D 22 36.22 -6.58 14.96
CA LEU D 22 36.48 -8.01 14.91
C LEU D 22 37.98 -8.30 14.88
N MET D 23 38.74 -7.55 14.07
CA MET D 23 40.18 -7.72 14.04
C MET D 23 40.79 -7.52 15.42
N LEU D 24 40.39 -6.44 16.10
CA LEU D 24 40.94 -6.14 17.42
C LEU D 24 40.59 -7.23 18.42
N PHE D 25 39.34 -7.71 18.41
CA PHE D 25 38.93 -8.73 19.38
C PHE D 25 39.69 -10.03 19.17
N ILE D 26 39.78 -10.49 17.92
CA ILE D 26 40.47 -11.75 17.68
C ILE D 26 41.96 -11.61 17.99
N ALA D 27 42.55 -10.44 17.72
CA ALA D 27 43.95 -10.24 18.09
C ALA D 27 44.12 -10.26 19.60
N PHE D 28 43.18 -9.68 20.34
CA PHE D 28 43.26 -9.65 21.79
C PHE D 28 43.16 -11.05 22.39
N VAL D 29 42.25 -11.88 21.87
CA VAL D 29 42.02 -13.19 22.46
C VAL D 29 43.21 -14.12 22.19
N ASP D 30 43.70 -14.13 20.96
CA ASP D 30 44.78 -15.06 20.59
C ASP D 30 46.08 -14.64 21.23
N PRO D 31 46.84 -15.56 21.84
CA PRO D 31 48.10 -15.17 22.48
C PRO D 31 49.28 -15.07 21.52
N SER D 32 49.18 -15.64 20.32
CA SER D 32 50.29 -15.64 19.38
C SER D 32 50.29 -14.44 18.43
N ILE D 33 49.34 -13.52 18.60
CA ILE D 33 49.26 -12.30 17.78
C ILE D 33 49.35 -11.11 18.71
N SER D 34 50.30 -10.22 18.44
CA SER D 34 50.51 -9.06 19.30
C SER D 34 49.31 -8.12 19.23
N PHE D 35 49.10 -7.38 20.31
CA PHE D 35 48.06 -6.37 20.38
C PHE D 35 48.60 -4.95 20.17
N GLY D 36 49.87 -4.81 19.84
CA GLY D 36 50.46 -3.51 19.61
C GLY D 36 50.45 -3.10 18.15
N ASN D 37 50.74 -4.05 17.26
CA ASN D 37 50.80 -3.75 15.84
C ASN D 37 49.41 -3.56 15.25
N VAL D 38 48.43 -4.30 15.76
CA VAL D 38 47.08 -4.21 15.22
C VAL D 38 46.49 -2.82 15.46
N LEU D 39 46.83 -2.20 16.59
CA LEU D 39 46.35 -0.84 16.86
C LEU D 39 46.90 0.15 15.84
N TYR D 40 48.19 0.03 15.50
CA TYR D 40 48.77 0.90 14.49
C TYR D 40 48.12 0.68 13.14
N MET D 41 47.88 -0.59 12.79
CA MET D 41 47.19 -0.89 11.54
C MET D 41 45.80 -0.27 11.50
N VAL D 42 45.08 -0.36 12.63
CA VAL D 42 43.73 0.20 12.71
C VAL D 42 43.77 1.71 12.52
N TYR D 43 44.72 2.40 13.18
CA TYR D 43 44.81 3.85 13.06
C TYR D 43 45.12 4.25 11.61
N LEU D 44 46.08 3.59 10.99
CA LEU D 44 46.42 3.91 9.61
C LEU D 44 45.23 3.68 8.69
N CYS D 45 44.52 2.57 8.87
CA CYS D 45 43.37 2.28 8.02
C CYS D 45 42.25 3.29 8.23
N ILE D 46 42.07 3.77 9.46
CA ILE D 46 41.05 4.79 9.71
C ILE D 46 41.38 6.07 8.96
N LEU D 47 42.64 6.51 9.04
CA LEU D 47 43.02 7.75 8.35
C LEU D 47 42.87 7.60 6.83
N PHE D 48 43.34 6.47 6.29
CA PHE D 48 43.22 6.26 4.85
C PHE D 48 41.77 6.14 4.42
N PHE D 49 40.91 5.57 5.27
CA PHE D 49 39.49 5.50 4.96
C PHE D 49 38.87 6.89 4.93
N ILE D 50 39.30 7.79 5.83
CA ILE D 50 38.79 9.15 5.80
C ILE D 50 39.15 9.83 4.48
N ILE D 51 40.41 9.69 4.06
CA ILE D 51 40.84 10.29 2.81
C ILE D 51 40.05 9.69 1.63
N PHE D 52 39.88 8.37 1.64
CA PHE D 52 39.14 7.68 0.59
C PHE D 52 37.69 8.15 0.56
N LEU D 53 37.09 8.40 1.73
CA LEU D 53 35.73 8.92 1.78
C LEU D 53 35.65 10.30 1.15
N TRP D 54 36.65 11.15 1.41
CA TRP D 54 36.66 12.47 0.78
C TRP D 54 36.71 12.34 -0.74
N PHE D 55 37.63 11.52 -1.25
CA PHE D 55 37.73 11.34 -2.70
C PHE D 55 36.44 10.77 -3.28
N ARG D 56 35.82 9.82 -2.57
CA ARG D 56 34.59 9.21 -3.07
C ARG D 56 33.46 10.21 -3.13
N TYR D 57 33.32 11.07 -2.12
CA TYR D 57 32.31 12.12 -2.19
C TYR D 57 32.57 13.03 -3.38
N ARG D 58 33.83 13.44 -3.58
CA ARG D 58 34.14 14.34 -4.68
C ARG D 58 33.79 13.71 -6.03
N LYS D 59 34.05 12.42 -6.18
CA LYS D 59 33.76 11.74 -7.45
C LYS D 59 32.31 11.30 -7.59
N GLU D 60 31.54 11.28 -6.51
CA GLU D 60 30.18 10.74 -6.56
C GLU D 60 29.09 11.80 -6.58
N THR D 61 29.21 12.86 -5.79
CA THR D 61 28.09 13.80 -5.62
C THR D 61 28.15 14.94 -6.65
N ALA D 62 28.04 14.56 -7.92
CA ALA D 62 27.96 15.53 -9.01
C ALA D 62 26.70 15.38 -9.85
N PHE D 63 26.39 14.15 -10.28
CA PHE D 63 25.30 13.93 -11.21
C PHE D 63 23.96 14.35 -10.63
N TYR D 64 23.70 13.98 -9.37
CA TYR D 64 22.42 14.28 -8.76
C TYR D 64 22.25 15.78 -8.55
N LYS D 65 23.31 16.48 -8.15
CA LYS D 65 23.23 17.93 -8.00
C LYS D 65 22.98 18.60 -9.35
N SER D 66 23.65 18.13 -10.41
CA SER D 66 23.42 18.70 -11.74
C SER D 66 21.99 18.44 -12.19
N LEU D 67 21.46 17.25 -11.92
CA LEU D 67 20.08 16.95 -12.28
C LEU D 67 19.11 17.84 -11.52
N LYS D 68 19.37 18.07 -10.24
CA LYS D 68 18.51 18.96 -9.45
C LYS D 68 18.54 20.37 -10.00
N THR D 69 19.73 20.85 -10.40
CA THR D 69 19.81 22.17 -11.01
C THR D 69 19.06 22.23 -12.34
N TRP D 70 19.14 21.16 -13.13
CA TRP D 70 18.56 21.17 -14.47
C TRP D 70 17.03 21.24 -14.42
N GLU D 71 16.40 20.54 -13.48
CA GLU D 71 14.95 20.37 -13.52
C GLU D 71 14.22 21.70 -13.40
N ASN D 72 14.78 22.66 -12.66
CA ASN D 72 14.20 23.99 -12.54
C ASN D 72 15.11 24.96 -13.29
N ASN D 73 14.89 25.07 -14.59
CA ASN D 73 15.67 25.94 -15.47
C ASN D 73 15.02 25.92 -16.85
N LEU D 74 15.47 26.83 -17.70
CA LEU D 74 14.96 26.96 -19.06
C LEU D 74 15.82 26.25 -20.09
N ASP D 75 16.89 25.57 -19.67
CA ASP D 75 17.78 24.87 -20.59
C ASP D 75 17.82 23.39 -20.25
N VAL D 76 18.26 22.59 -21.22
CA VAL D 76 18.33 21.15 -21.07
C VAL D 76 19.76 20.62 -20.99
N THR D 77 20.76 21.48 -21.19
CA THR D 77 22.16 21.06 -21.24
C THR D 77 22.85 21.14 -19.88
N ALA D 78 22.10 20.98 -18.79
CA ALA D 78 22.66 21.00 -17.45
C ALA D 78 22.83 19.61 -16.86
N ILE D 79 22.73 18.57 -17.68
CA ILE D 79 22.87 17.19 -17.23
C ILE D 79 24.24 16.67 -17.67
N ASN D 80 24.94 16.01 -16.76
CA ASN D 80 26.25 15.48 -17.06
C ASN D 80 26.14 14.13 -17.78
N GLU D 81 27.24 13.74 -18.43
CA GLU D 81 27.27 12.47 -19.12
C GLU D 81 27.24 11.31 -18.12
N PRO D 82 26.63 10.18 -18.50
CA PRO D 82 26.59 9.04 -17.59
C PRO D 82 27.97 8.51 -17.28
N GLU D 83 28.13 8.01 -16.05
CA GLU D 83 29.39 7.44 -15.59
C GLU D 83 29.25 6.06 -14.96
N THR D 84 28.07 5.68 -14.50
CA THR D 84 27.80 4.37 -13.94
C THR D 84 26.45 3.91 -14.46
N PRO D 85 26.20 2.60 -14.50
CA PRO D 85 24.89 2.12 -14.98
C PRO D 85 23.70 2.69 -14.21
N PHE D 86 23.85 2.94 -12.91
CA PHE D 86 22.74 3.46 -12.13
C PHE D 86 22.31 4.85 -12.62
N GLU D 87 23.29 5.70 -12.95
CA GLU D 87 22.95 6.99 -13.57
C GLU D 87 22.51 6.80 -15.01
N ALA D 88 23.01 5.76 -15.69
CA ALA D 88 22.63 5.52 -17.08
C ALA D 88 21.15 5.20 -17.21
N MET D 89 20.60 4.43 -16.27
CA MET D 89 19.18 4.12 -16.31
C MET D 89 18.33 5.38 -16.13
N VAL D 90 18.72 6.25 -15.20
CA VAL D 90 17.98 7.49 -15.00
C VAL D 90 18.06 8.37 -16.23
N GLU D 91 19.25 8.46 -16.84
CA GLU D 91 19.41 9.27 -18.04
C GLU D 91 18.55 8.74 -19.19
N ARG D 92 18.53 7.41 -19.36
CA ARG D 92 17.71 6.83 -20.42
C ARG D 92 16.22 7.06 -20.17
N SER D 93 15.79 6.96 -18.91
CA SER D 93 14.38 7.21 -18.60
C SER D 93 14.00 8.66 -18.90
N ILE D 94 14.85 9.61 -18.49
CA ILE D 94 14.57 11.02 -18.76
C ILE D 94 14.53 11.28 -20.26
N ALA D 95 15.49 10.71 -21.00
CA ALA D 95 15.50 10.88 -22.44
C ALA D 95 14.25 10.32 -23.08
N GLY D 96 13.80 9.15 -22.62
CA GLY D 96 12.58 8.57 -23.17
C GLY D 96 11.36 9.43 -22.90
N GLN D 97 11.23 9.96 -21.68
CA GLN D 97 10.09 10.81 -21.37
C GLN D 97 10.11 12.09 -22.20
N THR D 98 11.28 12.71 -22.34
CA THR D 98 11.39 13.92 -23.14
C THR D 98 11.08 13.65 -24.61
N GLU D 99 11.55 12.51 -25.13
CA GLU D 99 11.25 12.14 -26.51
C GLU D 99 9.76 11.93 -26.71
N HIS D 100 9.10 11.27 -25.75
CA HIS D 100 7.66 11.07 -25.85
C HIS D 100 6.93 12.41 -25.85
N LEU D 101 7.32 13.32 -24.96
CA LEU D 101 6.70 14.64 -24.93
C LEU D 101 6.90 15.38 -26.24
N LYS D 102 8.12 15.35 -26.77
CA LYS D 102 8.41 16.07 -28.01
C LYS D 102 7.62 15.50 -29.18
N GLN D 103 7.53 14.18 -29.29
CA GLN D 103 6.79 13.57 -30.39
C GLN D 103 5.29 13.86 -30.27
N THR D 104 4.76 13.83 -29.04
CA THR D 104 3.35 14.16 -28.83
C THR D 104 3.06 15.60 -29.22
N ALA D 105 3.91 16.53 -28.79
CA ALA D 105 3.74 17.93 -29.17
C ALA D 105 3.82 18.11 -30.67
N ALA D 106 4.79 17.44 -31.31
CA ALA D 106 4.97 17.57 -32.76
C ALA D 106 3.75 17.05 -33.51
N ARG D 107 3.24 15.88 -33.11
CA ARG D 107 2.09 15.32 -33.81
C ARG D 107 0.85 16.18 -33.63
N HIS D 108 0.60 16.69 -32.42
CA HIS D 108 -0.55 17.56 -32.24
C HIS D 108 -0.40 18.87 -33.01
N ARG D 109 0.80 19.45 -33.02
CA ARG D 109 1.02 20.67 -33.79
C ARG D 109 0.79 20.43 -35.28
N LEU D 110 1.28 19.31 -35.81
CA LEU D 110 1.09 19.00 -37.21
C LEU D 110 -0.39 18.80 -37.54
N ALA D 111 -1.11 18.07 -36.68
CA ALA D 111 -2.54 17.86 -36.92
C ALA D 111 -3.31 19.16 -36.88
N LEU D 112 -3.00 20.03 -35.92
CA LEU D 112 -3.67 21.32 -35.83
C LEU D 112 -3.35 22.20 -37.03
N GLU D 113 -2.10 22.14 -37.51
CA GLU D 113 -1.74 22.90 -38.70
C GLU D 113 -2.49 22.41 -39.94
N ASN D 114 -2.65 21.09 -40.09
CA ASN D 114 -3.43 20.57 -41.21
C ASN D 114 -4.89 20.97 -41.09
N GLU D 115 -5.44 20.97 -39.87
CA GLU D 115 -6.81 21.43 -39.69
C GLU D 115 -6.96 22.89 -40.07
N LYS D 116 -5.99 23.72 -39.69
CA LYS D 116 -6.02 25.14 -40.06
C LYS D 116 -5.90 25.31 -41.57
N ASP D 117 -5.07 24.49 -42.22
CA ASP D 117 -4.96 24.56 -43.68
C ASP D 117 -6.27 24.18 -44.35
N GLU D 118 -6.95 23.16 -43.83
CA GLU D 118 -8.27 22.80 -44.36
C GLU D 118 -9.27 23.94 -44.15
N LEU D 119 -9.20 24.60 -42.98
CA LEU D 119 -10.07 25.74 -42.71
C LEU D 119 -9.83 26.86 -43.72
N MET D 120 -8.56 27.16 -43.99
CA MET D 120 -8.22 28.24 -44.93
C MET D 120 -8.66 27.89 -46.34
N ALA D 121 -8.49 26.62 -46.73
CA ALA D 121 -9.00 26.18 -48.02
C ALA D 121 -10.51 26.37 -48.10
N TRP D 122 -11.24 25.93 -47.07
CA TRP D 122 -12.68 26.12 -47.03
C TRP D 122 -13.04 27.59 -47.15
N ILE D 123 -12.25 28.47 -46.53
CA ILE D 123 -12.45 29.91 -46.73
C ILE D 123 -12.33 30.26 -48.21
N HIS D 124 -11.36 29.67 -48.90
CA HIS D 124 -11.20 29.96 -50.33
C HIS D 124 -12.41 29.51 -51.15
N GLU D 125 -12.87 28.27 -50.96
CA GLU D 125 -14.04 27.86 -51.75
C GLU D 125 -15.36 28.30 -51.14
N VAL D 126 -15.34 29.12 -50.09
CA VAL D 126 -16.53 29.90 -49.75
C VAL D 126 -16.48 31.29 -50.39
N LYS D 127 -15.29 31.89 -50.49
CA LYS D 127 -15.18 33.22 -51.08
C LYS D 127 -15.28 33.18 -52.61
N THR D 128 -14.81 32.10 -53.24
CA THR D 128 -14.91 32.01 -54.70
C THR D 128 -16.34 32.02 -55.21
N PRO D 129 -17.30 31.28 -54.65
CA PRO D 129 -18.68 31.35 -55.15
C PRO D 129 -19.27 32.74 -55.10
N LEU D 130 -18.87 33.57 -54.12
CA LEU D 130 -19.34 34.95 -54.10
C LEU D 130 -18.85 35.72 -55.33
N THR D 131 -17.58 35.53 -55.70
CA THR D 131 -17.06 36.17 -56.90
C THR D 131 -17.78 35.67 -58.15
N ALA D 132 -18.05 34.36 -58.23
CA ALA D 132 -18.79 33.84 -59.37
C ALA D 132 -20.19 34.41 -59.44
N MET D 133 -20.85 34.54 -58.28
CA MET D 133 -22.19 35.12 -58.24
C MET D 133 -22.17 36.58 -58.69
N HIS D 134 -21.16 37.34 -58.26
CA HIS D 134 -21.05 38.72 -58.70
C HIS D 134 -20.84 38.79 -60.20
N LEU D 135 -19.98 37.92 -60.75
CA LEU D 135 -19.75 37.90 -62.19
C LEU D 135 -21.03 37.59 -62.94
N ILE D 136 -21.82 36.65 -62.44
CA ILE D 136 -23.09 36.32 -63.10
C ILE D 136 -24.08 37.47 -62.98
N ILE D 137 -24.11 38.14 -61.83
CA ILE D 137 -25.16 39.13 -61.54
C ILE D 137 -24.85 40.52 -62.05
N ASP D 138 -23.62 40.80 -62.49
CA ASP D 138 -23.27 42.12 -63.00
C ASP D 138 -23.82 42.35 -64.41
N ARG D 139 -25.15 42.19 -64.52
CA ARG D 139 -25.84 42.49 -65.78
C ARG D 139 -27.19 43.16 -65.57
N MET D 140 -27.54 43.53 -64.34
CA MET D 140 -28.85 44.13 -64.07
C MET D 140 -28.90 45.57 -64.58
N GLU D 141 -30.13 46.03 -64.83
CA GLU D 141 -30.36 47.38 -65.32
C GLU D 141 -31.03 48.31 -64.31
N GLU D 142 -31.68 47.77 -63.29
CA GLU D 142 -32.35 48.59 -62.30
C GLU D 142 -31.32 49.30 -61.42
N LYS D 143 -31.78 50.30 -60.67
CA LYS D 143 -30.91 51.15 -59.86
C LYS D 143 -30.95 50.78 -58.39
N ALA D 144 -32.13 50.79 -57.76
CA ALA D 144 -32.20 50.60 -56.31
C ALA D 144 -31.82 49.17 -55.91
N LEU D 145 -32.41 48.18 -56.58
CA LEU D 145 -32.09 46.79 -56.25
C LEU D 145 -30.64 46.47 -56.55
N LYS D 146 -30.12 47.00 -57.66
CA LYS D 146 -28.71 46.80 -57.99
C LYS D 146 -27.81 47.43 -56.93
N SER D 147 -28.16 48.63 -56.46
CA SER D 147 -27.37 49.28 -55.42
C SER D 147 -27.39 48.48 -54.12
N GLN D 148 -28.56 47.98 -53.72
CA GLN D 148 -28.65 47.18 -52.51
C GLN D 148 -27.83 45.89 -52.64
N LEU D 149 -27.94 45.22 -53.79
CA LEU D 149 -27.17 43.99 -54.00
C LEU D 149 -25.68 44.27 -54.00
N SER D 150 -25.26 45.39 -54.60
CA SER D 150 -23.86 45.78 -54.58
C SER D 150 -23.39 46.04 -53.16
N TYR D 151 -24.20 46.74 -52.36
CA TYR D 151 -23.84 46.99 -50.97
C TYR D 151 -23.63 45.67 -50.22
N GLU D 152 -24.57 44.73 -50.39
CA GLU D 152 -24.45 43.45 -49.70
C GLU D 152 -23.22 42.67 -50.17
N TRP D 153 -22.96 42.67 -51.49
CA TRP D 153 -21.82 41.94 -52.01
C TRP D 153 -20.51 42.54 -51.53
N LEU D 154 -20.42 43.88 -51.50
CA LEU D 154 -19.23 44.51 -50.94
C LEU D 154 -19.04 44.18 -49.47
N ARG D 155 -20.13 44.16 -48.69
CA ARG D 155 -20.01 43.81 -47.28
C ARG D 155 -19.47 42.40 -47.12
N ILE D 156 -20.02 41.44 -47.87
CA ILE D 156 -19.58 40.06 -47.74
C ILE D 156 -18.14 39.89 -48.23
N HIS D 157 -17.78 40.57 -49.32
CA HIS D 157 -16.42 40.49 -49.83
C HIS D 157 -15.43 41.10 -48.86
N LEU D 158 -15.80 42.21 -48.21
CA LEU D 158 -14.92 42.79 -47.19
C LEU D 158 -14.76 41.86 -46.01
N LEU D 159 -15.84 41.19 -45.60
CA LEU D 159 -15.73 40.21 -44.51
C LEU D 159 -14.79 39.07 -44.89
N LEU D 160 -14.91 38.56 -46.12
CA LEU D 160 -14.05 37.48 -46.57
C LEU D 160 -12.59 37.93 -46.66
N ASP D 161 -12.35 39.15 -47.16
CA ASP D 161 -11.00 39.68 -47.23
C ASP D 161 -10.41 39.87 -45.84
N GLN D 162 -11.24 40.32 -44.88
CA GLN D 162 -10.78 40.44 -43.51
C GLN D 162 -10.40 39.07 -42.93
N GLN D 163 -11.20 38.04 -43.22
CA GLN D 163 -10.84 36.70 -42.77
C GLN D 163 -9.52 36.25 -43.38
N LEU D 164 -9.35 36.48 -44.69
CA LEU D 164 -8.12 36.09 -45.36
C LEU D 164 -6.90 36.80 -44.78
N HIS D 165 -7.02 38.10 -44.51
CA HIS D 165 -5.91 38.84 -43.94
C HIS D 165 -5.65 38.45 -42.49
N GLN D 166 -6.69 38.10 -41.73
CA GLN D 166 -6.49 37.57 -40.40
C GLN D 166 -5.71 36.27 -40.44
N LYS D 167 -6.02 35.40 -41.41
CA LYS D 167 -5.25 34.17 -41.57
C LYS D 167 -3.82 34.46 -41.99
N ARG D 168 -3.62 35.45 -42.86
CA ARG D 168 -2.29 35.75 -43.39
C ARG D 168 -1.42 36.53 -42.40
N ILE D 169 -2.01 37.15 -41.38
CA ILE D 169 -1.23 37.94 -40.44
C ILE D 169 -0.25 37.11 -39.61
N SER D 170 -0.38 35.78 -39.64
CA SER D 170 0.60 34.94 -38.98
C SER D 170 1.91 34.90 -39.77
N PHE D 171 1.82 34.88 -41.10
CA PHE D 171 2.98 34.83 -41.97
C PHE D 171 3.33 36.17 -42.59
N ILE D 172 2.62 37.24 -42.21
CA ILE D 172 2.92 38.58 -42.73
C ILE D 172 4.38 38.95 -42.51
N GLU D 173 5.01 38.43 -41.46
CA GLU D 173 6.39 38.79 -41.16
C GLU D 173 7.34 38.37 -42.28
N ASN D 174 7.14 37.17 -42.83
CA ASN D 174 7.98 36.66 -43.91
C ASN D 174 7.52 37.12 -45.29
N ASP D 175 6.38 37.79 -45.38
CA ASP D 175 5.83 38.24 -46.65
C ASP D 175 5.95 39.74 -46.87
N LEU D 176 6.73 40.43 -46.03
CA LEU D 176 6.88 41.87 -46.17
C LEU D 176 7.65 42.22 -47.43
N SER D 177 7.15 43.22 -48.15
CA SER D 177 7.77 43.68 -49.39
C SER D 177 7.94 45.20 -49.32
N VAL D 178 9.10 45.68 -49.77
CA VAL D 178 9.42 47.10 -49.76
C VAL D 178 9.46 47.59 -51.20
N GLU D 179 8.58 48.52 -51.53
CA GLU D 179 8.53 49.09 -52.88
C GLU D 179 7.83 50.45 -52.81
N PHE D 180 8.06 51.26 -53.84
CA PHE D 180 7.40 52.55 -53.92
C PHE D 180 5.91 52.37 -54.18
N ILE D 181 5.09 53.16 -53.48
CA ILE D 181 3.64 53.11 -53.60
C ILE D 181 3.15 54.51 -53.96
N GLN D 182 2.35 54.60 -55.01
CA GLN D 182 1.72 55.85 -55.40
C GLN D 182 0.37 55.97 -54.70
N LEU D 183 0.23 57.00 -53.86
CA LEU D 183 -0.98 57.14 -53.05
C LEU D 183 -2.21 57.39 -53.90
N GLN D 184 -2.08 58.22 -54.93
CA GLN D 184 -3.26 58.62 -55.73
C GLN D 184 -3.92 57.44 -56.43
N PRO D 185 -3.22 56.58 -57.16
CA PRO D 185 -3.91 55.42 -57.77
C PRO D 185 -4.56 54.50 -56.75
N LEU D 186 -3.91 54.27 -55.62
CA LEU D 186 -4.48 53.40 -54.60
C LEU D 186 -5.76 53.99 -54.02
N ILE D 187 -5.74 55.29 -53.74
CA ILE D 187 -6.93 55.94 -53.18
C ILE D 187 -8.04 55.99 -54.22
N PHE D 188 -7.69 56.22 -55.49
CA PHE D 188 -8.69 56.18 -56.55
C PHE D 188 -9.34 54.81 -56.65
N LYS D 189 -8.53 53.75 -56.58
CA LYS D 189 -9.07 52.39 -56.63
C LYS D 189 -9.95 52.11 -55.43
N GLU D 190 -9.54 52.56 -54.24
CA GLU D 190 -10.36 52.35 -53.05
C GLU D 190 -11.69 53.08 -53.15
N ILE D 191 -11.67 54.31 -53.66
CA ILE D 191 -12.91 55.06 -53.84
C ILE D 191 -13.82 54.39 -54.86
N LYS D 192 -13.24 53.93 -55.98
CA LYS D 192 -14.03 53.23 -56.98
C LYS D 192 -14.61 51.93 -56.44
N ASP D 193 -13.89 51.28 -55.52
CA ASP D 193 -14.39 50.05 -54.92
C ASP D 193 -15.67 50.30 -54.12
N LEU D 194 -15.70 51.39 -53.34
CA LEU D 194 -16.83 51.72 -52.49
C LEU D 194 -17.78 52.72 -53.14
N GLN D 195 -17.86 52.72 -54.47
CA GLN D 195 -18.75 53.66 -55.16
C GLN D 195 -20.21 53.38 -54.83
N SER D 196 -20.59 52.10 -54.75
CA SER D 196 -21.97 51.75 -54.47
C SER D 196 -22.39 52.24 -53.09
N TRP D 197 -21.52 52.10 -52.09
CA TRP D 197 -21.84 52.57 -50.75
C TRP D 197 -22.05 54.08 -50.72
N CYS D 198 -21.18 54.82 -51.42
CA CYS D 198 -21.34 56.28 -51.49
C CYS D 198 -22.61 56.67 -52.21
N ILE D 199 -22.95 55.95 -53.29
CA ILE D 199 -24.17 56.26 -54.04
C ILE D 199 -25.40 56.01 -53.18
N GLN D 200 -25.43 54.88 -52.46
CA GLN D 200 -26.59 54.55 -51.64
C GLN D 200 -26.72 55.50 -50.45
N LYS D 201 -25.60 55.77 -49.76
CA LYS D 201 -25.64 56.58 -48.54
C LYS D 201 -25.46 58.07 -48.81
N GLY D 202 -25.17 58.47 -50.03
CA GLY D 202 -24.96 59.87 -50.33
C GLY D 202 -23.76 60.47 -49.62
N ILE D 203 -22.64 59.77 -49.61
CA ILE D 203 -21.43 60.19 -48.92
C ILE D 203 -20.42 60.67 -49.95
N GLY D 204 -19.91 61.89 -49.76
CA GLY D 204 -18.93 62.43 -50.66
C GLY D 204 -17.49 62.13 -50.25
N PHE D 205 -16.58 62.29 -51.20
CA PHE D 205 -15.16 62.03 -50.98
C PHE D 205 -14.33 63.18 -51.52
N ASP D 206 -13.19 63.43 -50.88
CA ASP D 206 -12.27 64.48 -51.26
C ASP D 206 -10.89 63.88 -51.50
N ILE D 207 -10.27 64.26 -52.61
CA ILE D 207 -8.96 63.74 -53.00
C ILE D 207 -7.99 64.92 -53.01
N GLN D 208 -7.17 65.02 -51.96
CA GLN D 208 -6.15 66.07 -51.85
C GLN D 208 -4.92 65.43 -51.20
N LEU D 209 -3.91 65.13 -52.00
CA LEU D 209 -2.70 64.45 -51.53
C LEU D 209 -1.49 65.35 -51.77
N GLU D 210 -0.97 65.95 -50.71
CA GLU D 210 0.27 66.71 -50.81
C GLU D 210 1.45 65.80 -51.10
N ALA D 211 1.48 64.62 -50.48
CA ALA D 211 2.52 63.64 -50.71
C ALA D 211 2.00 62.52 -51.59
N LYS D 212 2.76 62.17 -52.63
CA LYS D 212 2.33 61.19 -53.61
C LYS D 212 3.15 59.91 -53.60
N GLU D 213 4.28 59.87 -52.88
CA GLU D 213 5.13 58.70 -52.82
C GLU D 213 5.26 58.23 -51.37
N VAL D 214 4.97 56.96 -51.14
CA VAL D 214 5.10 56.34 -49.82
C VAL D 214 5.78 54.99 -49.99
N LEU D 215 6.39 54.53 -48.89
CA LEU D 215 7.12 53.27 -48.87
C LEU D 215 6.49 52.34 -47.84
N SER D 216 5.85 51.27 -48.31
CA SER D 216 5.19 50.30 -47.46
C SER D 216 4.88 49.06 -48.31
N ASP D 217 4.10 48.15 -47.76
CA ASP D 217 3.61 46.99 -48.49
C ASP D 217 2.26 47.32 -49.09
N ALA D 218 2.14 47.16 -50.41
CA ALA D 218 0.94 47.62 -51.11
C ALA D 218 -0.30 46.88 -50.65
N LYS D 219 -0.21 45.56 -50.49
CA LYS D 219 -1.40 44.77 -50.15
C LYS D 219 -1.97 45.16 -48.80
N TRP D 220 -1.11 45.18 -47.77
CA TRP D 220 -1.59 45.46 -46.42
C TRP D 220 -1.96 46.92 -46.23
N LEU D 221 -1.23 47.84 -46.87
CA LEU D 221 -1.62 49.25 -46.82
C LEU D 221 -2.98 49.47 -47.46
N ALA D 222 -3.21 48.85 -48.63
CA ALA D 222 -4.52 48.94 -49.27
C ALA D 222 -5.59 48.33 -48.40
N PHE D 223 -5.29 47.20 -47.75
CA PHE D 223 -6.23 46.59 -46.82
C PHE D 223 -6.62 47.56 -45.71
N ILE D 224 -5.62 48.16 -45.06
CA ILE D 224 -5.87 49.06 -43.95
C ILE D 224 -6.71 50.25 -44.40
N ILE D 225 -6.33 50.86 -45.53
CA ILE D 225 -7.09 51.98 -46.05
C ILE D 225 -8.52 51.58 -46.39
N ARG D 226 -8.69 50.38 -46.95
CA ARG D 226 -10.01 49.91 -47.36
C ARG D 226 -10.93 49.75 -46.17
N GLN D 227 -10.46 49.10 -45.09
CA GLN D 227 -11.34 48.97 -43.93
C GLN D 227 -11.50 50.29 -43.18
N LEU D 228 -10.52 51.18 -43.21
CA LEU D 228 -10.73 52.50 -42.62
C LEU D 228 -11.86 53.24 -43.33
N LEU D 229 -11.83 53.26 -44.66
CA LEU D 229 -12.90 53.88 -45.42
C LEU D 229 -14.22 53.17 -45.21
N THR D 230 -14.20 51.84 -45.12
CA THR D 230 -15.43 51.08 -44.92
C THR D 230 -16.07 51.42 -43.58
N ASN D 231 -15.27 51.47 -42.51
CA ASN D 231 -15.79 51.85 -41.21
C ASN D 231 -16.33 53.28 -41.23
N ALA D 232 -15.61 54.19 -41.89
CA ALA D 232 -16.07 55.57 -41.98
C ALA D 232 -17.41 55.66 -42.70
N VAL D 233 -17.57 54.92 -43.80
CA VAL D 233 -18.82 54.97 -44.54
C VAL D 233 -19.96 54.31 -43.77
N LYS D 234 -19.70 53.16 -43.16
CA LYS D 234 -20.75 52.42 -42.46
C LYS D 234 -21.21 53.18 -41.22
N TYR D 235 -20.29 53.84 -40.52
CA TYR D 235 -20.61 54.54 -39.27
C TYR D 235 -21.05 55.99 -39.52
N SER D 236 -21.19 56.40 -40.77
CA SER D 236 -21.64 57.75 -41.09
C SER D 236 -22.83 57.68 -42.04
N GLU D 237 -23.64 58.73 -42.02
CA GLU D 237 -24.83 58.82 -42.86
C GLU D 237 -24.82 60.15 -43.59
N ALA D 238 -24.57 60.10 -44.91
CA ALA D 238 -24.58 61.28 -45.77
C ALA D 238 -23.62 62.36 -45.26
N SER D 239 -22.43 61.93 -44.88
CA SER D 239 -21.40 62.83 -44.37
C SER D 239 -20.22 62.88 -45.33
N GLU D 240 -19.59 64.05 -45.42
CA GLU D 240 -18.45 64.23 -46.30
C GLU D 240 -17.20 63.62 -45.67
N ILE D 241 -16.63 62.62 -46.34
CA ILE D 241 -15.41 61.96 -45.88
C ILE D 241 -14.24 62.53 -46.64
N GLU D 242 -13.26 63.07 -45.92
CA GLU D 242 -12.10 63.71 -46.51
C GLU D 242 -10.85 62.89 -46.26
N ILE D 243 -9.99 62.80 -47.28
CA ILE D 243 -8.71 62.11 -47.19
C ILE D 243 -7.62 63.15 -47.36
N LYS D 244 -6.73 63.25 -46.36
CA LYS D 244 -5.66 64.24 -46.37
C LYS D 244 -4.34 63.56 -46.06
N SER D 245 -3.33 63.84 -46.88
CA SER D 245 -1.98 63.33 -46.68
C SER D 245 -1.01 64.49 -46.73
N PHE D 246 -0.20 64.64 -45.68
CA PHE D 246 0.76 65.73 -45.59
C PHE D 246 2.11 65.19 -45.11
N GLN D 247 3.17 65.87 -45.52
CA GLN D 247 4.54 65.50 -45.14
C GLN D 247 4.97 66.41 -44.00
N LYS D 248 4.99 65.87 -42.79
CA LYS D 248 5.41 66.60 -41.60
C LYS D 248 6.70 66.00 -41.06
N GLY D 249 7.70 66.84 -40.87
CA GLY D 249 8.99 66.36 -40.39
C GLY D 249 9.62 65.41 -41.38
N GLU D 250 10.10 64.27 -40.88
CA GLU D 250 10.74 63.26 -41.71
C GLU D 250 9.86 62.03 -41.91
N GLN D 251 8.60 62.09 -41.49
CA GLN D 251 7.68 60.96 -41.60
C GLN D 251 6.43 61.38 -42.38
N THR D 252 5.98 60.49 -43.26
CA THR D 252 4.79 60.74 -44.07
C THR D 252 3.55 60.32 -43.28
N GLN D 253 2.59 61.22 -43.16
CA GLN D 253 1.37 60.99 -42.38
C GLN D 253 0.15 61.17 -43.26
N LEU D 254 -0.76 60.20 -43.22
CA LEU D 254 -2.01 60.25 -43.96
C LEU D 254 -3.17 60.14 -42.97
N GLN D 255 -4.16 61.01 -43.13
CA GLN D 255 -5.27 61.10 -42.19
C GLN D 255 -6.60 60.90 -42.92
N VAL D 256 -7.52 60.19 -42.27
CA VAL D 256 -8.86 59.94 -42.80
C VAL D 256 -9.86 60.60 -41.85
N LYS D 257 -10.73 61.44 -42.39
CA LYS D 257 -11.71 62.18 -41.60
C LYS D 257 -13.10 61.96 -42.15
N ASP D 258 -14.07 61.75 -41.24
CA ASP D 258 -15.47 61.65 -41.60
C ASP D 258 -16.30 62.51 -40.64
N CYS D 259 -17.46 62.96 -41.13
CA CYS D 259 -18.34 63.85 -40.38
C CYS D 259 -19.57 63.12 -39.87
N GLY D 260 -19.40 61.88 -39.44
CA GLY D 260 -20.50 61.06 -38.97
C GLY D 260 -20.78 61.25 -37.49
N ARG D 261 -21.47 60.26 -36.91
CA ARG D 261 -21.82 60.32 -35.50
C ARG D 261 -20.57 60.29 -34.61
N GLY D 262 -19.57 59.52 -35.00
CA GLY D 262 -18.35 59.42 -34.22
C GLY D 262 -18.44 58.38 -33.13
N ILE D 263 -17.42 58.40 -32.27
CA ILE D 263 -17.27 57.45 -31.18
C ILE D 263 -17.19 58.21 -29.87
N ASP D 264 -17.96 57.76 -28.87
CA ASP D 264 -17.96 58.41 -27.58
C ASP D 264 -16.57 58.32 -26.95
N PRO D 265 -16.09 59.39 -26.30
CA PRO D 265 -14.72 59.37 -25.78
C PRO D 265 -14.47 58.29 -24.74
N LYS D 266 -15.51 57.76 -24.10
CA LYS D 266 -15.32 56.64 -23.17
C LYS D 266 -14.80 55.41 -23.88
N ASP D 267 -15.31 55.14 -25.09
CA ASP D 267 -14.96 53.93 -25.82
C ASP D 267 -14.01 54.19 -26.99
N VAL D 268 -13.50 55.41 -27.14
CA VAL D 268 -12.53 55.69 -28.20
C VAL D 268 -11.26 54.85 -28.05
N PRO D 269 -10.62 54.77 -26.88
CA PRO D 269 -9.46 53.88 -26.76
C PRO D 269 -9.78 52.41 -26.96
N ARG D 270 -11.05 52.02 -26.79
CA ARG D 270 -11.45 50.62 -26.88
C ARG D 270 -11.76 50.17 -28.31
N ILE D 271 -11.71 51.07 -29.29
CA ILE D 271 -11.99 50.66 -30.66
C ILE D 271 -10.92 49.71 -31.19
N PHE D 272 -9.71 49.81 -30.65
CA PHE D 272 -8.63 48.90 -31.05
C PHE D 272 -8.70 47.55 -30.35
N ASP D 273 -9.58 47.40 -29.35
CA ASP D 273 -9.71 46.13 -28.65
C ASP D 273 -10.29 45.07 -29.60
N LYS D 274 -9.80 43.84 -29.45
CA LYS D 274 -10.25 42.74 -30.30
C LYS D 274 -11.72 42.44 -30.04
N GLY D 275 -12.49 42.27 -31.10
CA GLY D 275 -13.90 41.95 -30.98
C GLY D 275 -14.71 43.01 -30.26
N PHE D 276 -14.43 44.27 -30.53
CA PHE D 276 -15.11 45.37 -29.86
C PHE D 276 -16.31 45.83 -30.70
N THR D 277 -17.49 45.81 -30.09
CA THR D 277 -18.71 46.28 -30.72
C THR D 277 -19.36 47.30 -29.81
N SER D 278 -19.73 48.46 -30.37
CA SER D 278 -20.34 49.51 -29.58
C SER D 278 -21.71 49.08 -29.06
N THR D 279 -21.98 49.39 -27.80
CA THR D 279 -23.23 49.01 -27.16
C THR D 279 -24.32 50.05 -27.30
N THR D 280 -24.03 51.21 -27.90
CA THR D 280 -25.04 52.24 -28.04
C THR D 280 -26.06 51.92 -29.13
N ASP D 281 -25.73 51.03 -30.05
CA ASP D 281 -26.63 50.64 -31.14
C ASP D 281 -26.64 49.13 -31.26
N HIS D 282 -27.84 48.56 -31.38
CA HIS D 282 -27.97 47.11 -31.57
C HIS D 282 -27.61 46.66 -32.98
N HIS D 283 -27.68 47.56 -33.97
CA HIS D 283 -27.33 47.21 -35.33
C HIS D 283 -25.84 46.93 -35.49
N ASP D 284 -25.00 47.47 -34.59
CA ASP D 284 -23.56 47.28 -34.68
C ASP D 284 -23.07 46.01 -34.01
N GLN D 285 -23.95 45.29 -33.30
CA GLN D 285 -23.54 44.05 -32.67
C GLN D 285 -23.18 42.97 -33.69
N ALA D 286 -23.95 42.92 -34.79
CA ALA D 286 -23.69 41.91 -35.82
C ALA D 286 -22.37 42.13 -36.54
N SER D 287 -21.81 43.34 -36.48
CA SER D 287 -20.53 43.61 -37.11
C SER D 287 -19.41 42.87 -36.39
N THR D 288 -18.48 42.31 -37.16
CA THR D 288 -17.37 41.58 -36.57
C THR D 288 -16.47 42.51 -35.75
N GLY D 289 -16.17 43.69 -36.28
CA GLY D 289 -15.34 44.64 -35.56
C GLY D 289 -13.89 44.24 -35.42
N MET D 290 -13.40 43.36 -36.31
CA MET D 290 -12.03 42.87 -36.23
C MET D 290 -11.08 43.58 -37.19
N GLY D 291 -11.61 44.21 -38.24
CA GLY D 291 -10.75 44.81 -39.24
C GLY D 291 -9.83 45.88 -38.68
N LEU D 292 -10.33 46.67 -37.73
CA LEU D 292 -9.48 47.67 -37.09
C LEU D 292 -8.34 47.01 -36.32
N TYR D 293 -8.64 45.93 -35.59
CA TYR D 293 -7.60 45.20 -34.88
C TYR D 293 -6.58 44.60 -35.85
N LEU D 294 -7.07 44.05 -36.97
CA LEU D 294 -6.16 43.51 -37.97
C LEU D 294 -5.25 44.60 -38.55
N ALA D 295 -5.81 45.77 -38.85
CA ALA D 295 -5.01 46.86 -39.37
C ALA D 295 -3.96 47.30 -38.35
N LYS D 296 -4.35 47.43 -37.08
CA LYS D 296 -3.40 47.85 -36.06
C LYS D 296 -2.28 46.82 -35.89
N LYS D 297 -2.63 45.53 -35.91
CA LYS D 297 -1.62 44.49 -35.72
C LYS D 297 -0.69 44.41 -36.93
N ALA D 298 -1.23 44.50 -38.15
CA ALA D 298 -0.41 44.42 -39.34
C ALA D 298 0.42 45.68 -39.56
N ALA D 299 0.03 46.81 -38.97
CA ALA D 299 0.80 48.03 -39.11
C ALA D 299 2.07 48.01 -38.26
N ALA D 300 2.11 47.21 -37.19
CA ALA D 300 3.28 47.17 -36.34
C ALA D 300 4.54 46.69 -37.05
N PRO D 301 4.55 45.56 -37.77
CA PRO D 301 5.78 45.16 -38.48
C PRO D 301 6.22 46.17 -39.52
N LEU D 302 5.27 46.86 -40.17
CA LEU D 302 5.60 47.88 -41.17
C LEU D 302 5.91 49.22 -40.55
N LEU D 303 6.01 49.30 -39.22
CA LEU D 303 6.30 50.54 -38.50
C LEU D 303 5.30 51.64 -38.86
N ILE D 304 4.02 51.28 -38.93
CA ILE D 304 2.94 52.22 -39.20
C ILE D 304 2.13 52.39 -37.92
N HIS D 305 1.87 53.64 -37.55
CA HIS D 305 1.09 53.95 -36.36
C HIS D 305 -0.31 54.38 -36.79
N ILE D 306 -1.32 53.62 -36.37
CA ILE D 306 -2.71 53.91 -36.70
C ILE D 306 -3.30 54.60 -35.47
N ASP D 307 -3.21 55.92 -35.45
CA ASP D 307 -3.73 56.70 -34.34
C ASP D 307 -5.21 57.02 -34.55
N VAL D 308 -5.85 57.46 -33.47
CA VAL D 308 -7.27 57.79 -33.49
C VAL D 308 -7.47 59.14 -32.82
N GLU D 309 -8.28 59.99 -33.45
CA GLU D 309 -8.72 61.27 -32.88
C GLU D 309 -10.23 61.35 -33.12
N SER D 310 -11.00 60.81 -32.19
CA SER D 310 -12.44 60.69 -32.33
C SER D 310 -13.15 61.53 -31.28
N GLU D 311 -14.08 62.37 -31.74
CA GLU D 311 -14.92 63.18 -30.86
C GLU D 311 -16.37 62.80 -31.11
N PHE D 312 -17.12 62.56 -30.03
CA PHE D 312 -18.51 62.16 -30.16
C PHE D 312 -19.33 63.29 -30.75
N GLY D 313 -20.13 62.97 -31.76
CA GLY D 313 -20.93 63.96 -32.46
C GLY D 313 -20.21 64.68 -33.58
N ALA D 314 -18.92 64.43 -33.76
CA ALA D 314 -18.14 65.09 -34.81
C ALA D 314 -17.59 64.10 -35.83
N GLY D 315 -16.90 63.06 -35.38
CA GLY D 315 -16.34 62.07 -36.28
C GLY D 315 -15.11 61.44 -35.68
N THR D 316 -14.49 60.58 -36.48
CA THR D 316 -13.29 59.86 -36.09
C THR D 316 -12.18 60.16 -37.09
N VAL D 317 -11.00 60.50 -36.59
CA VAL D 317 -9.84 60.79 -37.42
C VAL D 317 -8.85 59.65 -37.28
N PHE D 318 -8.56 58.97 -38.38
CA PHE D 318 -7.60 57.87 -38.41
C PHE D 318 -6.33 58.35 -39.10
N THR D 319 -5.22 58.31 -38.37
CA THR D 319 -3.94 58.79 -38.86
C THR D 319 -3.05 57.61 -39.21
N LEU D 320 -2.52 57.61 -40.43
CA LEU D 320 -1.60 56.58 -40.90
C LEU D 320 -0.24 57.23 -41.12
N THR D 321 0.72 56.93 -40.25
CA THR D 321 2.04 57.53 -40.30
C THR D 321 3.01 56.55 -40.95
N PHE D 322 3.39 56.84 -42.19
CA PHE D 322 4.35 56.00 -42.89
C PHE D 322 5.74 56.21 -42.31
N PRO D 323 6.49 55.15 -42.02
CA PRO D 323 7.80 55.32 -41.38
C PRO D 323 8.82 55.93 -42.34
N ILE D 324 9.94 56.36 -41.76
CA ILE D 324 11.02 56.94 -42.55
C ILE D 324 11.57 55.90 -43.51
N ARG D 325 11.92 56.34 -44.73
CA ARG D 325 12.49 55.45 -45.72
C ARG D 325 13.82 54.87 -45.23
N ASN D 326 14.60 55.64 -44.48
CA ASN D 326 15.87 55.15 -43.94
C ASN D 326 15.66 54.08 -42.87
N GLN D 327 14.46 53.96 -42.32
CA GLN D 327 14.17 52.92 -41.34
C GLN D 327 14.01 51.54 -41.97
N PHE D 328 13.65 51.48 -43.26
CA PHE D 328 13.48 50.22 -43.94
C PHE D 328 14.80 49.50 -44.24
N GLU D 329 15.94 50.17 -44.03
CA GLU D 329 17.22 49.53 -44.28
C GLU D 329 17.44 48.34 -43.36
N HIS D 330 17.01 48.45 -42.10
CA HIS D 330 17.12 47.33 -41.17
C HIS D 330 16.29 46.14 -41.65
N VAL D 331 15.09 46.40 -42.16
CA VAL D 331 14.26 45.33 -42.70
C VAL D 331 14.93 44.70 -43.92
N ILE D 332 15.50 45.54 -44.79
CA ILE D 332 16.19 45.03 -45.98
C ILE D 332 17.43 44.24 -45.58
N SER D 333 18.19 44.76 -44.60
CA SER D 333 19.43 44.10 -44.20
C SER D 333 19.18 42.71 -43.63
N VAL D 334 18.14 42.57 -42.81
CA VAL D 334 17.81 41.28 -42.22
C VAL D 334 17.03 40.42 -43.21
N MET E 1 21.94 -7.51 -13.62
CA MET E 1 21.62 -6.88 -12.34
C MET E 1 22.78 -7.04 -11.36
N ILE E 2 23.32 -8.26 -11.28
CA ILE E 2 24.48 -8.51 -10.42
C ILE E 2 25.69 -7.71 -10.90
N LYS E 3 25.95 -7.74 -12.20
CA LYS E 3 27.14 -7.10 -12.74
C LYS E 3 27.10 -5.59 -12.55
N ALA E 4 25.92 -4.98 -12.70
CA ALA E 4 25.81 -3.53 -12.52
C ALA E 4 26.14 -3.14 -11.09
N PHE E 5 25.58 -3.86 -10.11
CA PHE E 5 25.86 -3.57 -8.72
C PHE E 5 27.33 -3.80 -8.39
N LEU E 6 27.92 -4.87 -8.92
CA LEU E 6 29.32 -5.15 -8.63
C LEU E 6 30.24 -4.11 -9.23
N ILE E 7 29.94 -3.65 -10.45
CA ILE E 7 30.82 -2.69 -11.11
C ILE E 7 30.61 -1.28 -10.56
N GLU E 8 29.42 -0.98 -10.04
CA GLU E 8 29.21 0.35 -9.46
C GLU E 8 29.94 0.49 -8.14
N ARG E 9 29.81 -0.50 -7.25
CA ARG E 9 30.46 -0.48 -5.94
C ARG E 9 31.73 -1.33 -5.98
N ARG E 10 32.71 -0.86 -6.75
CA ARG E 10 34.00 -1.55 -6.83
C ARG E 10 35.07 -0.91 -5.95
N SER E 11 35.02 0.40 -5.76
CA SER E 11 35.98 1.06 -4.88
C SER E 11 35.82 0.57 -3.44
N TRP E 12 34.58 0.37 -2.99
CA TRP E 12 34.36 -0.11 -1.63
C TRP E 12 34.90 -1.52 -1.44
N ILE E 13 34.68 -2.39 -2.43
CA ILE E 13 35.19 -3.75 -2.34
C ILE E 13 36.73 -3.75 -2.33
N ALA E 14 37.34 -2.93 -3.19
CA ALA E 14 38.78 -2.83 -3.21
C ALA E 14 39.32 -2.33 -1.88
N ALA E 15 38.67 -1.32 -1.30
CA ALA E 15 39.10 -0.80 -0.01
C ALA E 15 38.99 -1.86 1.08
N PHE E 16 37.90 -2.64 1.05
CA PHE E 16 37.73 -3.69 2.06
C PHE E 16 38.80 -4.76 1.94
N LEU E 17 39.12 -5.18 0.72
CA LEU E 17 40.10 -6.25 0.54
C LEU E 17 41.54 -5.77 0.71
N PHE E 18 41.79 -4.47 0.57
CA PHE E 18 43.15 -3.96 0.71
C PHE E 18 43.69 -4.19 2.12
N GLN E 19 42.83 -3.99 3.13
CA GLN E 19 43.28 -4.19 4.51
C GLN E 19 43.66 -5.64 4.76
N GLN E 20 42.86 -6.58 4.27
CA GLN E 20 43.17 -7.99 4.45
C GLN E 20 44.46 -8.36 3.74
N ALA E 21 44.66 -7.84 2.52
CA ALA E 21 45.91 -8.09 1.81
C ALA E 21 47.10 -7.52 2.58
N LEU E 22 46.94 -6.34 3.17
CA LEU E 22 48.02 -5.73 3.94
C LEU E 22 48.35 -6.56 5.17
N MET E 23 47.33 -7.06 5.88
CA MET E 23 47.58 -7.91 7.04
C MET E 23 48.31 -9.18 6.64
N LEU E 24 47.86 -9.82 5.56
CA LEU E 24 48.48 -11.07 5.12
C LEU E 24 49.93 -10.84 4.71
N PHE E 25 50.22 -9.74 4.03
CA PHE E 25 51.60 -9.44 3.65
C PHE E 25 52.45 -9.14 4.88
N ILE E 26 51.93 -8.34 5.82
CA ILE E 26 52.72 -7.96 6.98
C ILE E 26 53.03 -9.15 7.86
N ALA E 27 52.12 -10.14 7.92
CA ALA E 27 52.36 -11.30 8.77
C ALA E 27 53.62 -12.06 8.41
N PHE E 28 54.12 -11.90 7.17
CA PHE E 28 55.34 -12.60 6.77
C PHE E 28 56.58 -11.99 7.42
N VAL E 29 56.67 -10.66 7.45
CA VAL E 29 57.91 -9.98 7.80
C VAL E 29 57.94 -9.61 9.28
N ASP E 30 56.96 -10.10 10.04
CA ASP E 30 56.90 -9.83 11.47
C ASP E 30 57.10 -11.13 12.24
N PRO E 31 58.26 -11.34 12.87
CA PRO E 31 58.49 -12.62 13.57
C PRO E 31 57.56 -12.84 14.75
N SER E 32 56.96 -11.79 15.31
CA SER E 32 56.11 -11.91 16.48
C SER E 32 54.64 -12.16 16.12
N ILE E 33 54.33 -12.30 14.83
CA ILE E 33 52.97 -12.57 14.38
C ILE E 33 53.00 -13.80 13.48
N SER E 34 52.11 -14.75 13.75
CA SER E 34 52.08 -16.01 13.02
C SER E 34 51.10 -15.94 11.85
N PHE E 35 51.45 -16.67 10.77
CA PHE E 35 50.62 -16.67 9.58
C PHE E 35 49.35 -17.50 9.77
N GLY E 36 49.48 -18.66 10.42
CA GLY E 36 48.33 -19.53 10.59
C GLY E 36 47.25 -18.90 11.43
N ASN E 37 47.63 -18.10 12.42
CA ASN E 37 46.66 -17.47 13.30
C ASN E 37 46.07 -16.19 12.72
N VAL E 38 46.62 -15.66 11.64
CA VAL E 38 46.04 -14.51 10.97
C VAL E 38 45.19 -14.90 9.76
N LEU E 39 45.47 -16.06 9.15
CA LEU E 39 44.58 -16.55 8.10
C LEU E 39 43.18 -16.82 8.64
N TYR E 40 43.08 -17.22 9.92
CA TYR E 40 41.78 -17.38 10.54
C TYR E 40 41.02 -16.05 10.62
N MET E 41 41.71 -14.98 11.00
CA MET E 41 41.09 -13.66 11.00
C MET E 41 40.62 -13.28 9.61
N VAL E 42 41.46 -13.53 8.60
CA VAL E 42 41.10 -13.17 7.23
C VAL E 42 39.83 -13.92 6.81
N TYR E 43 39.77 -15.21 7.12
CA TYR E 43 38.58 -16.00 6.77
C TYR E 43 37.33 -15.48 7.47
N LEU E 44 37.44 -15.19 8.77
CA LEU E 44 36.28 -14.72 9.51
C LEU E 44 35.81 -13.35 9.03
N CYS E 45 36.74 -12.52 8.55
CA CYS E 45 36.33 -11.22 8.02
C CYS E 45 35.67 -11.36 6.64
N ILE E 46 36.23 -12.23 5.78
CA ILE E 46 35.68 -12.36 4.44
C ILE E 46 34.28 -12.97 4.47
N LEU E 47 34.02 -13.88 5.41
CA LEU E 47 32.68 -14.45 5.51
C LEU E 47 31.64 -13.38 5.80
N PHE E 48 31.90 -12.53 6.80
CA PHE E 48 30.97 -11.47 7.14
C PHE E 48 30.84 -10.46 6.01
N PHE E 49 31.94 -10.17 5.31
CA PHE E 49 31.85 -9.25 4.18
C PHE E 49 30.92 -9.79 3.10
N ILE E 50 31.03 -11.09 2.78
CA ILE E 50 30.15 -11.68 1.78
C ILE E 50 28.69 -11.59 2.23
N ILE E 51 28.42 -11.91 3.50
CA ILE E 51 27.04 -11.85 3.99
C ILE E 51 26.50 -10.43 3.89
N PHE E 52 27.30 -9.44 4.27
CA PHE E 52 26.87 -8.05 4.23
C PHE E 52 26.57 -7.60 2.80
N LEU E 53 27.41 -8.01 1.84
CA LEU E 53 27.16 -7.65 0.46
C LEU E 53 25.86 -8.27 -0.04
N TRP E 54 25.61 -9.53 0.33
CA TRP E 54 24.36 -10.16 -0.08
C TRP E 54 23.16 -9.42 0.50
N PHE E 55 23.24 -9.00 1.76
CA PHE E 55 22.15 -8.23 2.35
C PHE E 55 21.96 -6.90 1.62
N ARG E 56 23.04 -6.21 1.26
CA ARG E 56 22.91 -4.89 0.68
C ARG E 56 22.38 -4.94 -0.75
N TYR E 57 22.72 -5.98 -1.51
CA TYR E 57 22.34 -6.02 -2.93
C TYR E 57 20.83 -5.98 -3.10
N ARG E 58 20.11 -6.81 -2.36
CA ARG E 58 18.66 -6.90 -2.52
C ARG E 58 17.99 -5.58 -2.17
N LYS E 59 18.42 -4.94 -1.09
CA LYS E 59 17.80 -3.67 -0.69
C LYS E 59 18.10 -2.58 -1.70
N GLU E 60 19.32 -2.55 -2.25
CA GLU E 60 19.71 -1.40 -3.06
C GLU E 60 19.24 -1.52 -4.51
N THR E 61 19.17 -2.72 -5.07
CA THR E 61 18.80 -2.86 -6.48
C THR E 61 17.31 -3.18 -6.63
N ALA E 62 16.47 -2.26 -6.15
CA ALA E 62 15.03 -2.37 -6.32
C ALA E 62 14.42 -1.16 -7.03
N PHE E 63 14.76 0.06 -6.58
CA PHE E 63 14.20 1.26 -7.19
C PHE E 63 14.63 1.39 -8.65
N TYR E 64 15.90 1.12 -8.93
CA TYR E 64 16.39 1.22 -10.30
C TYR E 64 15.83 0.12 -11.20
N LYS E 65 15.60 -1.07 -10.67
CA LYS E 65 14.92 -2.10 -11.44
C LYS E 65 13.48 -1.69 -11.75
N SER E 66 12.80 -1.06 -10.79
CA SER E 66 11.45 -0.56 -11.05
C SER E 66 11.48 0.51 -12.13
N LEU E 67 12.46 1.42 -12.08
CA LEU E 67 12.58 2.43 -13.13
C LEU E 67 12.84 1.81 -14.48
N LYS E 68 13.70 0.78 -14.54
CA LYS E 68 13.97 0.10 -15.80
C LYS E 68 12.70 -0.57 -16.34
N THR E 69 11.90 -1.16 -15.45
CA THR E 69 10.62 -1.72 -15.88
C THR E 69 9.69 -0.63 -16.41
N TRP E 70 9.71 0.55 -15.77
CA TRP E 70 8.86 1.66 -16.17
C TRP E 70 9.33 2.34 -17.45
N GLU E 71 10.51 2.00 -17.96
CA GLU E 71 11.14 2.76 -19.03
C GLU E 71 10.20 2.99 -20.21
N ASN E 72 9.80 1.92 -20.90
CA ASN E 72 8.98 2.08 -22.10
C ASN E 72 7.82 1.11 -22.22
N ASN E 73 7.84 -0.05 -21.56
CA ASN E 73 6.89 -1.11 -21.87
C ASN E 73 5.44 -0.71 -21.62
N LEU E 74 5.07 -0.53 -20.36
CA LEU E 74 3.70 -0.18 -19.96
C LEU E 74 3.75 0.10 -18.45
N ASP E 75 2.57 0.28 -17.85
CA ASP E 75 2.44 0.46 -16.41
C ASP E 75 3.20 1.72 -15.95
N VAL E 76 2.67 2.86 -16.39
CA VAL E 76 3.26 4.17 -16.14
C VAL E 76 3.47 4.42 -14.64
N THR E 77 2.79 3.64 -13.81
CA THR E 77 2.92 3.75 -12.35
C THR E 77 3.74 2.57 -11.81
N ALA E 78 4.77 2.17 -12.54
CA ALA E 78 5.63 1.08 -12.10
C ALA E 78 6.70 1.53 -11.11
N ILE E 79 6.83 2.83 -10.86
CA ILE E 79 7.83 3.32 -9.93
C ILE E 79 7.46 2.91 -8.50
N ASN E 80 8.48 2.74 -7.67
CA ASN E 80 8.30 2.35 -6.28
C ASN E 80 8.36 3.60 -5.39
N GLU E 81 8.30 3.37 -4.08
CA GLU E 81 8.37 4.46 -3.12
C GLU E 81 9.82 4.69 -2.73
N PRO E 82 10.39 5.87 -2.95
CA PRO E 82 11.78 6.11 -2.61
C PRO E 82 12.00 6.13 -1.10
N GLU E 83 13.19 5.72 -0.69
CA GLU E 83 13.59 5.76 0.72
C GLU E 83 14.87 6.56 0.95
N THR E 84 15.86 6.41 0.10
CA THR E 84 17.09 7.17 0.23
C THR E 84 16.97 8.51 -0.49
N PRO E 85 17.70 9.54 -0.06
CA PRO E 85 17.59 10.85 -0.73
C PRO E 85 17.92 10.82 -2.20
N PHE E 86 18.89 9.98 -2.61
CA PHE E 86 19.22 9.88 -4.03
C PHE E 86 18.06 9.35 -4.85
N GLU E 87 17.23 8.50 -4.25
CA GLU E 87 16.03 8.02 -4.92
C GLU E 87 14.87 9.00 -4.84
N ALA E 88 14.97 10.02 -4.00
CA ALA E 88 13.94 11.06 -3.94
C ALA E 88 14.20 12.19 -4.92
N MET E 89 15.46 12.60 -5.06
CA MET E 89 15.81 13.64 -6.02
C MET E 89 15.82 13.13 -7.46
N VAL E 90 15.39 11.90 -7.70
CA VAL E 90 15.09 11.41 -9.04
C VAL E 90 13.58 11.42 -9.30
N GLU E 91 12.81 10.93 -8.33
CA GLU E 91 11.35 11.00 -8.44
C GLU E 91 10.88 12.44 -8.53
N ARG E 92 11.59 13.38 -7.91
CA ARG E 92 11.23 14.79 -8.05
C ARG E 92 11.22 15.21 -9.52
N SER E 93 12.32 14.95 -10.23
CA SER E 93 12.41 15.31 -11.64
C SER E 93 11.40 14.53 -12.48
N ILE E 94 11.22 13.25 -12.16
CA ILE E 94 10.26 12.44 -12.93
C ILE E 94 8.86 13.03 -12.82
N ALA E 95 8.44 13.37 -11.60
CA ALA E 95 7.12 13.96 -11.39
C ALA E 95 7.01 15.32 -12.05
N GLY E 96 8.07 16.13 -11.99
CA GLY E 96 8.03 17.42 -12.65
C GLY E 96 7.81 17.31 -14.15
N GLN E 97 8.57 16.42 -14.79
CA GLN E 97 8.42 16.22 -16.23
C GLN E 97 7.04 15.67 -16.58
N THR E 98 6.54 14.73 -15.77
CA THR E 98 5.22 14.17 -16.02
C THR E 98 4.14 15.24 -15.92
N GLU E 99 4.21 16.10 -14.90
CA GLU E 99 3.24 17.17 -14.75
C GLU E 99 3.32 18.17 -15.89
N HIS E 100 4.54 18.48 -16.34
CA HIS E 100 4.69 19.38 -17.48
C HIS E 100 4.06 18.79 -18.74
N LEU E 101 4.27 17.49 -18.97
CA LEU E 101 3.65 16.84 -20.12
C LEU E 101 2.13 16.87 -20.01
N LYS E 102 1.60 16.61 -18.81
CA LYS E 102 0.15 16.61 -18.63
C LYS E 102 -0.44 17.99 -18.89
N GLN E 103 0.22 19.04 -18.40
CA GLN E 103 -0.32 20.39 -18.63
C GLN E 103 -0.17 20.80 -20.09
N THR E 104 0.88 20.33 -20.78
CA THR E 104 0.98 20.59 -22.21
C THR E 104 -0.15 19.91 -22.98
N ALA E 105 -0.48 18.67 -22.58
CA ALA E 105 -1.62 17.99 -23.22
C ALA E 105 -2.92 18.73 -22.95
N ALA E 106 -3.10 19.22 -21.73
CA ALA E 106 -4.28 20.01 -21.42
C ALA E 106 -4.34 21.27 -22.28
N ARG E 107 -3.19 21.92 -22.47
CA ARG E 107 -3.15 23.11 -23.33
C ARG E 107 -3.53 22.76 -24.76
N HIS E 108 -3.04 21.63 -25.26
CA HIS E 108 -3.41 21.19 -26.61
C HIS E 108 -4.92 20.95 -26.71
N ARG E 109 -5.50 20.31 -25.69
CA ARG E 109 -6.95 20.09 -25.70
C ARG E 109 -7.71 21.40 -25.69
N LEU E 110 -7.27 22.37 -24.88
CA LEU E 110 -7.92 23.66 -24.85
C LEU E 110 -7.81 24.37 -26.20
N ALA E 111 -6.65 24.25 -26.85
CA ALA E 111 -6.48 24.86 -28.17
C ALA E 111 -7.42 24.24 -29.19
N LEU E 112 -7.58 22.92 -29.14
CA LEU E 112 -8.52 22.25 -30.04
C LEU E 112 -9.95 22.71 -29.79
N GLU E 113 -10.33 22.84 -28.52
CA GLU E 113 -11.68 23.30 -28.19
C GLU E 113 -11.90 24.74 -28.65
N ASN E 114 -10.90 25.60 -28.47
CA ASN E 114 -11.01 26.98 -28.91
C ASN E 114 -11.13 27.07 -30.42
N GLU E 115 -10.38 26.23 -31.14
CA GLU E 115 -10.50 26.19 -32.59
C GLU E 115 -11.89 25.75 -33.01
N LYS E 116 -12.45 24.74 -32.33
CA LYS E 116 -13.81 24.30 -32.63
C LYS E 116 -14.81 25.42 -32.41
N ASP E 117 -14.67 26.14 -31.29
CA ASP E 117 -15.60 27.24 -31.00
C ASP E 117 -15.49 28.36 -32.04
N GLU E 118 -14.25 28.72 -32.41
CA GLU E 118 -14.05 29.77 -33.41
C GLU E 118 -14.62 29.37 -34.75
N LEU E 119 -14.43 28.11 -35.16
CA LEU E 119 -14.93 27.69 -36.47
C LEU E 119 -16.44 27.54 -36.46
N MET E 120 -17.04 27.19 -35.31
CA MET E 120 -18.49 27.25 -35.18
C MET E 120 -19.00 28.68 -35.34
N ALA E 121 -18.31 29.64 -34.71
CA ALA E 121 -18.70 31.04 -34.87
C ALA E 121 -18.58 31.49 -36.32
N TRP E 122 -17.51 31.06 -37.00
CA TRP E 122 -17.36 31.38 -38.42
C TRP E 122 -18.47 30.74 -39.25
N ILE E 123 -18.88 29.52 -38.88
CA ILE E 123 -19.98 28.87 -39.59
C ILE E 123 -21.26 29.67 -39.46
N HIS E 124 -21.56 30.15 -38.25
CA HIS E 124 -22.73 30.99 -38.06
C HIS E 124 -22.63 32.29 -38.86
N GLU E 125 -21.45 32.91 -38.84
CA GLU E 125 -21.26 34.18 -39.53
C GLU E 125 -21.38 34.03 -41.04
N VAL E 126 -20.98 32.87 -41.60
CA VAL E 126 -21.09 32.64 -43.03
C VAL E 126 -22.40 32.01 -43.44
N LYS E 127 -23.21 31.54 -42.48
CA LYS E 127 -24.55 31.07 -42.79
C LYS E 127 -25.61 32.16 -42.66
N THR E 128 -25.33 33.20 -41.88
CA THR E 128 -26.26 34.34 -41.85
C THR E 128 -26.42 35.04 -43.20
N PRO E 129 -25.35 35.43 -43.91
CA PRO E 129 -25.56 36.21 -45.13
C PRO E 129 -25.93 35.41 -46.37
N LEU E 130 -25.79 34.09 -46.39
CA LEU E 130 -26.45 33.31 -47.45
C LEU E 130 -27.96 33.46 -47.36
N THR E 131 -28.50 33.35 -46.14
CA THR E 131 -29.93 33.55 -45.96
C THR E 131 -30.33 34.99 -46.27
N ALA E 132 -29.51 35.96 -45.84
CA ALA E 132 -29.81 37.35 -46.16
C ALA E 132 -29.81 37.60 -47.67
N MET E 133 -28.82 37.05 -48.37
CA MET E 133 -28.74 37.19 -49.82
C MET E 133 -29.95 36.56 -50.51
N HIS E 134 -30.34 35.36 -50.07
CA HIS E 134 -31.50 34.71 -50.68
C HIS E 134 -32.77 35.51 -50.45
N LEU E 135 -32.95 36.02 -49.23
CA LEU E 135 -34.13 36.83 -48.94
C LEU E 135 -34.14 38.11 -49.78
N ILE E 136 -32.97 38.71 -50.00
CA ILE E 136 -32.90 39.92 -50.80
C ILE E 136 -33.24 39.63 -52.25
N ILE E 137 -32.68 38.55 -52.81
CA ILE E 137 -32.89 38.25 -54.23
C ILE E 137 -34.20 37.52 -54.50
N ASP E 138 -34.97 37.18 -53.47
CA ASP E 138 -36.29 36.61 -53.73
C ASP E 138 -37.28 37.71 -54.10
N ARG E 139 -36.90 38.55 -55.08
CA ARG E 139 -37.77 39.63 -55.57
C ARG E 139 -37.63 39.82 -57.08
N MET E 140 -36.86 38.98 -57.76
CA MET E 140 -36.39 39.27 -59.10
C MET E 140 -37.52 39.09 -60.13
N GLU E 141 -37.44 39.86 -61.21
CA GLU E 141 -38.51 39.91 -62.22
C GLU E 141 -38.18 39.23 -63.54
N GLU E 142 -36.90 39.06 -63.87
CA GLU E 142 -36.54 38.40 -65.12
C GLU E 142 -36.56 36.88 -64.95
N LYS E 143 -36.49 36.17 -66.06
CA LYS E 143 -36.59 34.71 -66.07
C LYS E 143 -35.24 34.02 -66.08
N ALA E 144 -34.43 34.25 -67.12
CA ALA E 144 -33.19 33.50 -67.27
C ALA E 144 -32.16 33.92 -66.22
N LEU E 145 -32.05 35.22 -65.96
CA LEU E 145 -31.12 35.69 -64.92
C LEU E 145 -31.53 35.16 -63.55
N LYS E 146 -32.83 35.17 -63.25
CA LYS E 146 -33.30 34.61 -61.99
C LYS E 146 -32.99 33.13 -61.90
N SER E 147 -33.19 32.39 -62.99
CA SER E 147 -32.88 30.96 -62.98
C SER E 147 -31.39 30.72 -62.71
N GLN E 148 -30.52 31.50 -63.36
CA GLN E 148 -29.09 31.33 -63.14
C GLN E 148 -28.70 31.67 -61.71
N LEU E 149 -29.23 32.77 -61.17
CA LEU E 149 -28.91 33.13 -59.80
C LEU E 149 -29.40 32.10 -58.81
N SER E 150 -30.62 31.57 -59.03
CA SER E 150 -31.15 30.55 -58.14
C SER E 150 -30.34 29.27 -58.24
N TYR E 151 -29.89 28.90 -59.43
CA TYR E 151 -29.05 27.72 -59.59
C TYR E 151 -27.73 27.88 -58.83
N GLU E 152 -27.10 29.04 -58.97
CA GLU E 152 -25.85 29.28 -58.24
C GLU E 152 -26.06 29.26 -56.74
N TRP E 153 -27.14 29.90 -56.26
CA TRP E 153 -27.42 29.93 -54.84
C TRP E 153 -27.71 28.53 -54.30
N LEU E 154 -28.44 27.72 -55.06
CA LEU E 154 -28.73 26.36 -54.64
C LEU E 154 -27.46 25.51 -54.59
N ARG E 155 -26.58 25.68 -55.58
CA ARG E 155 -25.31 24.96 -55.56
C ARG E 155 -24.49 25.33 -54.33
N ILE E 156 -24.40 26.64 -54.03
CA ILE E 156 -23.63 27.08 -52.87
C ILE E 156 -24.25 26.57 -51.57
N HIS E 157 -25.59 26.60 -51.49
CA HIS E 157 -26.27 26.11 -50.30
C HIS E 157 -26.03 24.62 -50.11
N LEU E 158 -26.07 23.84 -51.20
CA LEU E 158 -25.80 22.42 -51.12
C LEU E 158 -24.37 22.16 -50.65
N LEU E 159 -23.41 22.91 -51.20
CA LEU E 159 -22.02 22.73 -50.79
C LEU E 159 -21.82 23.06 -49.31
N LEU E 160 -22.42 24.15 -48.85
CA LEU E 160 -22.28 24.54 -47.45
C LEU E 160 -22.98 23.55 -46.52
N ASP E 161 -24.13 23.01 -46.95
CA ASP E 161 -24.82 22.01 -46.15
C ASP E 161 -24.01 20.72 -46.07
N GLN E 162 -23.38 20.32 -47.19
CA GLN E 162 -22.51 19.15 -47.15
C GLN E 162 -21.33 19.36 -46.23
N GLN E 163 -20.73 20.56 -46.26
CA GLN E 163 -19.63 20.87 -45.35
C GLN E 163 -20.10 20.83 -43.89
N LEU E 164 -21.30 21.36 -43.63
CA LEU E 164 -21.84 21.35 -42.28
C LEU E 164 -22.06 19.92 -41.78
N HIS E 165 -22.58 19.05 -42.65
CA HIS E 165 -22.72 17.64 -42.27
C HIS E 165 -21.36 16.99 -42.06
N GLN E 166 -20.37 17.33 -42.90
CA GLN E 166 -19.04 16.78 -42.72
C GLN E 166 -18.47 17.18 -41.37
N LYS E 167 -18.78 18.38 -40.90
CA LYS E 167 -18.31 18.78 -39.59
C LYS E 167 -19.14 18.17 -38.45
N ARG E 168 -20.45 18.01 -38.66
CA ARG E 168 -21.32 17.48 -37.61
C ARG E 168 -21.33 15.97 -37.55
N ILE E 169 -20.57 15.30 -38.43
CA ILE E 169 -20.42 13.85 -38.35
C ILE E 169 -19.83 13.43 -37.02
N SER E 170 -19.13 14.34 -36.32
CA SER E 170 -18.56 13.99 -35.03
C SER E 170 -19.65 13.80 -33.97
N PHE E 171 -20.62 14.72 -33.92
CA PHE E 171 -21.68 14.68 -32.92
C PHE E 171 -22.98 14.11 -33.47
N ILE E 172 -22.98 13.54 -34.67
CA ILE E 172 -24.17 12.89 -35.21
C ILE E 172 -24.65 11.77 -34.28
N GLU E 173 -23.74 11.16 -33.53
CA GLU E 173 -24.13 10.07 -32.63
C GLU E 173 -25.09 10.57 -31.55
N ASN E 174 -24.83 11.75 -31.00
CA ASN E 174 -25.68 12.30 -29.96
C ASN E 174 -26.97 12.89 -30.50
N ASP E 175 -27.04 13.18 -31.80
CA ASP E 175 -28.17 13.86 -32.39
C ASP E 175 -29.22 12.91 -32.95
N LEU E 176 -29.04 11.60 -32.78
CA LEU E 176 -30.00 10.64 -33.30
C LEU E 176 -31.31 10.73 -32.52
N SER E 177 -32.41 10.97 -33.24
CA SER E 177 -33.72 11.10 -32.62
C SER E 177 -34.73 10.30 -33.43
N VAL E 178 -35.67 9.67 -32.73
CA VAL E 178 -36.69 8.82 -33.34
C VAL E 178 -38.05 9.43 -33.09
N GLU E 179 -38.79 9.68 -34.16
CA GLU E 179 -40.14 10.22 -34.08
C GLU E 179 -40.88 9.89 -35.36
N PHE E 180 -42.21 9.98 -35.29
CA PHE E 180 -43.03 9.68 -36.46
C PHE E 180 -42.89 10.78 -37.50
N ILE E 181 -42.60 10.37 -38.74
CA ILE E 181 -42.35 11.30 -39.84
C ILE E 181 -43.11 10.81 -41.07
N GLN E 182 -43.73 11.74 -41.80
CA GLN E 182 -44.44 11.44 -43.03
C GLN E 182 -43.54 11.76 -44.22
N LEU E 183 -43.49 10.85 -45.18
CA LEU E 183 -42.57 11.00 -46.31
C LEU E 183 -43.01 12.09 -47.27
N GLN E 184 -44.32 12.24 -47.49
CA GLN E 184 -44.81 13.21 -48.46
C GLN E 184 -44.44 14.65 -48.11
N PRO E 185 -44.62 15.15 -46.88
CA PRO E 185 -44.21 16.53 -46.59
C PRO E 185 -42.72 16.77 -46.79
N LEU E 186 -41.87 15.85 -46.37
CA LEU E 186 -40.43 16.06 -46.53
C LEU E 186 -40.02 16.00 -48.00
N ILE E 187 -40.64 15.11 -48.77
CA ILE E 187 -40.35 15.04 -50.19
C ILE E 187 -40.79 16.31 -50.89
N PHE E 188 -41.96 16.83 -50.54
CA PHE E 188 -42.43 18.08 -51.14
C PHE E 188 -41.55 19.25 -50.74
N LYS E 189 -41.07 19.27 -49.49
CA LYS E 189 -40.15 20.32 -49.06
C LYS E 189 -38.84 20.25 -49.84
N GLU E 190 -38.33 19.04 -50.06
CA GLU E 190 -37.11 18.88 -50.84
C GLU E 190 -37.33 19.33 -52.29
N ILE E 191 -38.48 19.01 -52.86
CA ILE E 191 -38.80 19.46 -54.23
C ILE E 191 -38.86 20.97 -54.28
N LYS E 192 -39.46 21.59 -53.26
CA LYS E 192 -39.49 23.05 -53.20
C LYS E 192 -38.09 23.63 -53.11
N ASP E 193 -37.21 22.99 -52.31
CA ASP E 193 -35.83 23.44 -52.21
C ASP E 193 -35.06 23.24 -53.51
N LEU E 194 -35.49 22.31 -54.36
CA LEU E 194 -34.83 22.02 -55.62
C LEU E 194 -35.67 22.41 -56.82
N GLN E 195 -36.43 23.51 -56.70
CA GLN E 195 -37.32 23.92 -57.78
C GLN E 195 -36.54 24.47 -58.98
N SER E 196 -35.52 25.29 -58.71
CA SER E 196 -34.83 25.97 -59.80
C SER E 196 -34.09 24.99 -60.70
N TRP E 197 -33.39 24.02 -60.12
CA TRP E 197 -32.62 23.07 -60.92
C TRP E 197 -33.53 22.22 -61.80
N CYS E 198 -34.64 21.73 -61.23
CA CYS E 198 -35.56 20.90 -62.00
C CYS E 198 -36.28 21.72 -63.06
N ILE E 199 -36.58 22.98 -62.76
CA ILE E 199 -37.22 23.86 -63.76
C ILE E 199 -36.27 24.10 -64.92
N GLN E 200 -34.99 24.38 -64.62
CA GLN E 200 -34.02 24.61 -65.69
C GLN E 200 -33.78 23.35 -66.52
N LYS E 201 -33.66 22.20 -65.85
CA LYS E 201 -33.41 20.95 -66.55
C LYS E 201 -34.68 20.27 -67.04
N GLY E 202 -35.85 20.80 -66.72
CA GLY E 202 -37.09 20.16 -67.13
C GLY E 202 -37.30 18.80 -66.50
N ILE E 203 -36.99 18.68 -65.20
CA ILE E 203 -37.06 17.40 -64.49
C ILE E 203 -38.32 17.41 -63.64
N GLY E 204 -39.21 16.44 -63.87
CA GLY E 204 -40.40 16.28 -63.08
C GLY E 204 -40.18 15.40 -61.87
N PHE E 205 -41.22 15.29 -61.05
CA PHE E 205 -41.19 14.46 -59.85
C PHE E 205 -42.45 13.62 -59.78
N ASP E 206 -42.28 12.33 -59.45
CA ASP E 206 -43.38 11.41 -59.28
C ASP E 206 -43.36 10.88 -57.85
N ILE E 207 -44.50 10.99 -57.16
CA ILE E 207 -44.63 10.57 -55.77
C ILE E 207 -45.70 9.49 -55.73
N GLN E 208 -45.28 8.23 -55.67
CA GLN E 208 -46.18 7.08 -55.52
C GLN E 208 -45.61 6.23 -54.39
N LEU E 209 -45.98 6.56 -53.16
CA LEU E 209 -45.43 5.90 -51.97
C LEU E 209 -46.52 5.02 -51.36
N GLU E 210 -46.29 3.71 -51.35
CA GLU E 210 -47.20 2.81 -50.65
C GLU E 210 -47.18 3.06 -49.15
N ALA E 211 -46.00 3.28 -48.58
CA ALA E 211 -45.84 3.58 -47.17
C ALA E 211 -45.16 4.93 -47.04
N LYS E 212 -45.85 5.89 -46.43
CA LYS E 212 -45.34 7.24 -46.26
C LYS E 212 -44.71 7.48 -44.89
N GLU E 213 -44.63 6.45 -44.05
CA GLU E 213 -44.09 6.57 -42.70
C GLU E 213 -42.78 5.80 -42.61
N VAL E 214 -41.75 6.44 -42.07
CA VAL E 214 -40.42 5.85 -41.93
C VAL E 214 -39.97 5.96 -40.49
N LEU E 215 -38.95 5.18 -40.15
CA LEU E 215 -38.38 5.13 -38.81
C LEU E 215 -36.91 5.53 -38.90
N SER E 216 -36.66 6.84 -38.84
CA SER E 216 -35.31 7.37 -38.93
C SER E 216 -35.34 8.83 -38.47
N ASP E 217 -34.15 9.41 -38.32
CA ASP E 217 -34.06 10.81 -37.93
C ASP E 217 -34.46 11.71 -39.10
N ALA E 218 -35.15 12.80 -38.77
CA ALA E 218 -35.67 13.68 -39.80
C ALA E 218 -34.56 14.39 -40.58
N LYS E 219 -33.63 15.01 -39.87
CA LYS E 219 -32.62 15.84 -40.51
C LYS E 219 -31.67 15.01 -41.37
N TRP E 220 -31.17 13.90 -40.83
CA TRP E 220 -30.18 13.11 -41.54
C TRP E 220 -30.79 12.39 -42.73
N LEU E 221 -32.01 11.85 -42.58
CA LEU E 221 -32.69 11.23 -43.71
C LEU E 221 -33.03 12.27 -44.77
N ALA E 222 -33.41 13.48 -44.35
CA ALA E 222 -33.66 14.55 -45.31
C ALA E 222 -32.38 14.89 -46.07
N PHE E 223 -31.25 14.93 -45.37
CA PHE E 223 -29.97 15.14 -46.04
C PHE E 223 -29.70 14.04 -47.06
N ILE E 224 -29.94 12.78 -46.68
CA ILE E 224 -29.65 11.66 -47.57
C ILE E 224 -30.51 11.75 -48.82
N ILE E 225 -31.81 12.00 -48.64
CA ILE E 225 -32.72 12.05 -49.79
C ILE E 225 -32.42 13.25 -50.67
N ARG E 226 -32.07 14.40 -50.06
CA ARG E 226 -31.72 15.56 -50.85
C ARG E 226 -30.46 15.31 -51.67
N GLN E 227 -29.45 14.66 -51.07
CA GLN E 227 -28.23 14.34 -51.81
C GLN E 227 -28.52 13.38 -52.95
N LEU E 228 -29.37 12.37 -52.70
CA LEU E 228 -29.73 11.44 -53.77
C LEU E 228 -30.45 12.15 -54.91
N LEU E 229 -31.38 13.05 -54.56
CA LEU E 229 -32.10 13.79 -55.59
C LEU E 229 -31.18 14.69 -56.40
N THR E 230 -30.24 15.37 -55.72
CA THR E 230 -29.30 16.22 -56.43
C THR E 230 -28.39 15.41 -57.35
N ASN E 231 -27.92 14.25 -56.88
CA ASN E 231 -27.09 13.40 -57.72
C ASN E 231 -27.87 12.91 -58.95
N ALA E 232 -29.13 12.52 -58.75
CA ALA E 232 -29.96 12.11 -59.88
C ALA E 232 -30.18 13.25 -60.85
N VAL E 233 -30.41 14.46 -60.34
CA VAL E 233 -30.61 15.63 -61.20
C VAL E 233 -29.35 15.91 -62.02
N LYS E 234 -28.18 15.83 -61.38
CA LYS E 234 -26.95 16.03 -62.11
C LYS E 234 -26.73 14.95 -63.16
N TYR E 235 -27.04 13.71 -62.82
CA TYR E 235 -26.78 12.59 -63.73
C TYR E 235 -27.85 12.41 -64.80
N SER E 236 -29.01 13.04 -64.65
CA SER E 236 -30.12 12.88 -65.59
C SER E 236 -30.58 14.24 -66.10
N GLU E 237 -30.70 14.36 -67.41
CA GLU E 237 -31.10 15.61 -68.06
C GLU E 237 -32.43 15.40 -68.78
N ALA E 238 -33.37 16.32 -68.54
CA ALA E 238 -34.68 16.30 -69.19
C ALA E 238 -35.40 14.96 -68.99
N SER E 239 -35.32 14.43 -67.78
CA SER E 239 -35.96 13.17 -67.43
C SER E 239 -36.68 13.32 -66.09
N GLU E 240 -37.76 12.56 -65.94
CA GLU E 240 -38.54 12.57 -64.71
C GLU E 240 -38.01 11.51 -63.75
N ILE E 241 -37.93 11.88 -62.47
CA ILE E 241 -37.40 11.01 -61.43
C ILE E 241 -38.56 10.34 -60.71
N GLU E 242 -38.54 9.02 -60.66
CA GLU E 242 -39.59 8.25 -59.98
C GLU E 242 -39.19 8.05 -58.52
N ILE E 243 -40.11 8.37 -57.61
CA ILE E 243 -39.90 8.19 -56.18
C ILE E 243 -41.03 7.29 -55.68
N LYS E 244 -40.67 6.08 -55.24
CA LYS E 244 -41.63 5.12 -54.75
C LYS E 244 -41.10 4.45 -53.48
N SER E 245 -42.00 4.22 -52.53
CA SER E 245 -41.66 3.54 -51.28
C SER E 245 -42.52 2.29 -51.15
N PHE E 246 -41.88 1.15 -50.93
CA PHE E 246 -42.57 -0.11 -50.78
C PHE E 246 -41.97 -0.90 -49.62
N GLN E 247 -42.77 -1.80 -49.06
CA GLN E 247 -42.37 -2.60 -47.92
C GLN E 247 -41.71 -3.89 -48.41
N LYS E 248 -40.38 -3.95 -48.31
CA LYS E 248 -39.64 -5.16 -48.67
C LYS E 248 -39.68 -6.10 -47.48
N GLY E 249 -40.72 -6.92 -47.42
CA GLY E 249 -40.89 -7.82 -46.29
C GLY E 249 -41.10 -7.02 -45.01
N GLU E 250 -40.22 -7.21 -44.05
CA GLU E 250 -40.27 -6.49 -42.78
C GLU E 250 -39.43 -5.22 -42.79
N GLN E 251 -38.75 -4.92 -43.90
CA GLN E 251 -37.89 -3.75 -44.00
C GLN E 251 -38.50 -2.78 -45.01
N THR E 252 -38.76 -1.56 -44.58
CA THR E 252 -39.28 -0.52 -45.47
C THR E 252 -38.17 0.01 -46.37
N GLN E 253 -38.50 0.22 -47.64
CA GLN E 253 -37.55 0.70 -48.62
C GLN E 253 -38.15 1.83 -49.43
N LEU E 254 -37.29 2.78 -49.83
CA LEU E 254 -37.67 3.90 -50.68
C LEU E 254 -36.79 3.85 -51.93
N GLN E 255 -37.43 3.82 -53.09
CA GLN E 255 -36.73 3.65 -54.36
C GLN E 255 -36.81 4.92 -55.19
N VAL E 256 -35.69 5.29 -55.80
CA VAL E 256 -35.61 6.43 -56.70
C VAL E 256 -35.05 5.95 -58.03
N LYS E 257 -35.67 6.39 -59.12
CA LYS E 257 -35.29 5.98 -60.47
C LYS E 257 -35.06 7.20 -61.34
N ASP E 258 -34.24 7.04 -62.37
CA ASP E 258 -33.95 8.13 -63.29
C ASP E 258 -33.53 7.55 -64.63
N CYS E 259 -33.55 8.41 -65.66
CA CYS E 259 -33.19 8.04 -67.02
C CYS E 259 -31.88 8.70 -67.44
N GLY E 260 -30.93 8.78 -66.53
CA GLY E 260 -29.66 9.44 -66.80
C GLY E 260 -28.65 8.54 -67.48
N ARG E 261 -27.43 9.06 -67.59
CA ARG E 261 -26.35 8.33 -68.24
C ARG E 261 -25.90 7.12 -67.42
N GLY E 262 -26.15 7.12 -66.11
CA GLY E 262 -25.80 5.99 -65.28
C GLY E 262 -24.34 5.97 -64.85
N ILE E 263 -23.97 4.86 -64.21
CA ILE E 263 -22.63 4.66 -63.68
C ILE E 263 -22.08 3.36 -64.25
N ASP E 264 -20.83 3.40 -64.68
CA ASP E 264 -20.19 2.20 -65.21
C ASP E 264 -20.05 1.16 -64.10
N PRO E 265 -20.22 -0.13 -64.41
CA PRO E 265 -20.12 -1.16 -63.37
C PRO E 265 -18.75 -1.24 -62.71
N LYS E 266 -17.71 -0.70 -63.34
CA LYS E 266 -16.38 -0.75 -62.75
C LYS E 266 -16.24 0.14 -61.53
N ASP E 267 -17.14 1.11 -61.33
CA ASP E 267 -17.04 2.04 -60.22
C ASP E 267 -18.34 2.17 -59.44
N VAL E 268 -19.26 1.21 -59.58
CA VAL E 268 -20.50 1.26 -58.80
C VAL E 268 -20.24 1.17 -57.30
N PRO E 269 -19.44 0.24 -56.78
CA PRO E 269 -19.16 0.25 -55.33
C PRO E 269 -18.35 1.46 -54.87
N ARG E 270 -17.67 2.16 -55.78
CA ARG E 270 -16.77 3.22 -55.41
C ARG E 270 -17.44 4.60 -55.35
N ILE E 271 -18.73 4.70 -55.70
CA ILE E 271 -19.39 6.00 -55.67
C ILE E 271 -19.47 6.53 -54.24
N PHE E 272 -19.64 5.64 -53.25
CA PHE E 272 -19.75 6.05 -51.87
C PHE E 272 -18.40 6.25 -51.19
N ASP E 273 -17.30 6.02 -51.91
CA ASP E 273 -15.98 6.23 -51.35
C ASP E 273 -15.75 7.70 -51.03
N LYS E 274 -14.89 7.97 -50.06
CA LYS E 274 -14.61 9.32 -49.63
C LYS E 274 -13.93 10.10 -50.75
N GLY E 275 -14.52 11.24 -51.13
CA GLY E 275 -13.92 12.09 -52.13
C GLY E 275 -13.86 11.51 -53.53
N PHE E 276 -14.64 10.47 -53.81
CA PHE E 276 -14.60 9.85 -55.13
C PHE E 276 -15.25 10.73 -56.18
N THR E 277 -14.71 10.67 -57.40
CA THR E 277 -15.23 11.42 -58.52
C THR E 277 -15.18 10.55 -59.77
N SER E 278 -15.98 10.92 -60.77
CA SER E 278 -16.05 10.19 -62.02
C SER E 278 -15.19 10.88 -63.08
N THR E 279 -14.32 10.10 -63.73
CA THR E 279 -13.44 10.60 -64.77
C THR E 279 -14.00 10.42 -66.17
N THR E 280 -15.22 9.89 -66.31
CA THR E 280 -15.79 9.66 -67.62
C THR E 280 -16.21 10.97 -68.27
N ASP E 281 -16.82 11.87 -67.51
CA ASP E 281 -17.33 13.13 -68.03
C ASP E 281 -16.47 14.29 -67.57
N HIS E 282 -16.31 15.30 -68.43
CA HIS E 282 -15.46 16.43 -68.11
C HIS E 282 -16.06 17.31 -67.02
N HIS E 283 -17.39 17.47 -67.03
CA HIS E 283 -18.04 18.35 -66.07
C HIS E 283 -18.05 17.79 -64.64
N ASP E 284 -17.66 16.53 -64.45
CA ASP E 284 -17.64 15.95 -63.12
C ASP E 284 -16.51 16.50 -62.25
N GLN E 285 -15.60 17.27 -62.82
CA GLN E 285 -14.51 17.85 -62.04
C GLN E 285 -15.01 18.83 -60.98
N ALA E 286 -16.22 19.36 -61.14
CA ALA E 286 -16.78 20.29 -60.18
C ALA E 286 -17.48 19.61 -59.02
N SER E 287 -17.53 18.27 -59.00
CA SER E 287 -18.18 17.53 -57.94
C SER E 287 -17.14 16.94 -57.00
N THR E 288 -17.29 17.21 -55.71
CA THR E 288 -16.37 16.69 -54.70
C THR E 288 -16.68 15.26 -54.27
N GLY E 289 -17.85 14.75 -54.61
CA GLY E 289 -18.21 13.39 -54.24
C GLY E 289 -18.30 13.17 -52.75
N MET E 290 -18.90 14.10 -52.02
CA MET E 290 -19.02 14.02 -50.58
C MET E 290 -20.43 13.70 -50.10
N GLY E 291 -21.45 13.95 -50.92
CA GLY E 291 -22.81 13.67 -50.49
C GLY E 291 -23.07 12.19 -50.28
N LEU E 292 -22.61 11.35 -51.21
CA LEU E 292 -22.84 9.91 -51.11
C LEU E 292 -22.15 9.33 -49.88
N TYR E 293 -20.89 9.70 -49.66
CA TYR E 293 -20.14 9.17 -48.53
C TYR E 293 -20.74 9.60 -47.21
N LEU E 294 -21.08 10.88 -47.08
CA LEU E 294 -21.70 11.36 -45.85
C LEU E 294 -23.05 10.71 -45.61
N ALA E 295 -23.86 10.56 -46.66
CA ALA E 295 -25.16 9.92 -46.51
C ALA E 295 -25.02 8.47 -46.06
N LYS E 296 -24.10 7.73 -46.68
CA LYS E 296 -23.89 6.33 -46.30
C LYS E 296 -23.40 6.21 -44.87
N LYS E 297 -22.46 7.09 -44.47
CA LYS E 297 -21.97 7.05 -43.10
C LYS E 297 -23.07 7.39 -42.10
N ALA E 298 -23.91 8.38 -42.43
CA ALA E 298 -25.01 8.75 -41.53
C ALA E 298 -26.06 7.65 -41.46
N ALA E 299 -26.21 6.86 -42.53
CA ALA E 299 -27.19 5.78 -42.51
C ALA E 299 -26.74 4.60 -41.66
N ALA E 300 -25.45 4.48 -41.36
CA ALA E 300 -24.96 3.36 -40.57
C ALA E 300 -25.49 3.35 -39.14
N PRO E 301 -25.43 4.44 -38.37
CA PRO E 301 -26.02 4.40 -37.01
C PRO E 301 -27.52 4.22 -37.00
N LEU E 302 -28.20 4.50 -38.11
CA LEU E 302 -29.64 4.30 -38.22
C LEU E 302 -30.01 2.92 -38.74
N LEU E 303 -29.02 2.03 -38.89
CA LEU E 303 -29.24 0.67 -39.39
C LEU E 303 -29.90 0.70 -40.78
N ILE E 304 -29.48 1.65 -41.60
CA ILE E 304 -30.02 1.82 -42.95
C ILE E 304 -28.89 1.57 -43.94
N HIS E 305 -29.15 0.72 -44.93
CA HIS E 305 -28.20 0.41 -45.98
C HIS E 305 -28.67 1.01 -47.29
N ILE E 306 -27.74 1.60 -48.04
CA ILE E 306 -28.03 2.20 -49.34
C ILE E 306 -27.68 1.18 -50.42
N ASP E 307 -28.67 0.81 -51.22
CA ASP E 307 -28.49 -0.13 -52.32
C ASP E 307 -28.46 0.64 -53.63
N VAL E 308 -27.44 0.36 -54.45
CA VAL E 308 -27.24 1.04 -55.72
C VAL E 308 -27.31 0.02 -56.85
N GLU E 309 -28.12 0.33 -57.86
CA GLU E 309 -28.22 -0.48 -59.08
C GLU E 309 -28.19 0.49 -60.26
N SER E 310 -27.00 0.79 -60.75
CA SER E 310 -26.81 1.76 -61.82
C SER E 310 -26.18 1.09 -63.03
N GLU E 311 -26.67 1.45 -64.21
CA GLU E 311 -26.19 0.92 -65.47
C GLU E 311 -25.87 2.09 -66.40
N PHE E 312 -24.75 1.98 -67.12
CA PHE E 312 -24.35 3.01 -68.06
C PHE E 312 -25.40 3.14 -69.17
N GLY E 313 -25.84 4.37 -69.42
CA GLY E 313 -26.87 4.62 -70.41
C GLY E 313 -28.28 4.41 -69.94
N ALA E 314 -28.48 4.01 -68.69
CA ALA E 314 -29.82 3.76 -68.15
C ALA E 314 -30.19 4.72 -67.03
N GLY E 315 -29.35 4.84 -66.02
CA GLY E 315 -29.62 5.72 -64.90
C GLY E 315 -29.00 5.17 -63.63
N THR E 316 -29.41 5.77 -62.51
CA THR E 316 -28.93 5.38 -61.18
C THR E 316 -30.11 5.12 -60.27
N VAL E 317 -30.12 3.97 -59.61
CA VAL E 317 -31.20 3.57 -58.72
C VAL E 317 -30.63 3.46 -57.32
N PHE E 318 -31.23 4.17 -56.37
CA PHE E 318 -30.81 4.15 -54.98
C PHE E 318 -31.98 3.67 -54.11
N THR E 319 -31.68 2.80 -53.16
CA THR E 319 -32.68 2.25 -52.27
C THR E 319 -32.21 2.39 -50.83
N LEU E 320 -33.07 2.98 -49.99
CA LEU E 320 -32.79 3.13 -48.55
C LEU E 320 -33.57 2.05 -47.81
N THR E 321 -32.86 0.99 -47.41
CA THR E 321 -33.48 -0.15 -46.74
C THR E 321 -33.57 0.15 -45.25
N PHE E 322 -34.71 0.69 -44.83
CA PHE E 322 -34.94 0.97 -43.43
C PHE E 322 -35.07 -0.34 -42.65
N PRO E 323 -34.55 -0.38 -41.42
CA PRO E 323 -34.54 -1.64 -40.67
C PRO E 323 -35.92 -2.01 -40.11
N ILE E 324 -35.96 -3.10 -39.35
CA ILE E 324 -37.22 -3.58 -38.79
C ILE E 324 -37.59 -2.74 -37.57
N ARG E 325 -38.89 -2.60 -37.34
CA ARG E 325 -39.39 -1.79 -36.22
C ARG E 325 -38.87 -2.31 -34.89
N ASN E 326 -38.70 -3.62 -34.76
CA ASN E 326 -38.27 -4.23 -33.50
C ASN E 326 -36.81 -4.00 -33.19
N GLN E 327 -36.04 -3.43 -34.11
CA GLN E 327 -34.60 -3.24 -33.89
C GLN E 327 -34.27 -1.91 -33.21
N PHE E 328 -35.20 -0.96 -33.18
CA PHE E 328 -34.97 0.32 -32.49
C PHE E 328 -35.55 0.29 -31.07
N GLU E 329 -35.05 -0.67 -30.28
CA GLU E 329 -35.41 -0.73 -28.86
C GLU E 329 -34.24 -1.11 -27.97
N HIS E 330 -33.04 -1.26 -28.51
CA HIS E 330 -31.88 -1.68 -27.73
C HIS E 330 -31.13 -0.53 -27.07
N VAL E 331 -31.46 0.72 -27.41
CA VAL E 331 -30.75 1.86 -26.87
C VAL E 331 -31.07 2.13 -25.40
N ILE E 332 -32.13 1.52 -24.87
CA ILE E 332 -32.51 1.67 -23.48
C ILE E 332 -32.05 0.50 -22.62
N SER E 333 -31.89 -0.69 -23.19
CA SER E 333 -31.45 -1.86 -22.45
C SER E 333 -29.96 -2.14 -22.61
N VAL E 334 -29.46 -2.16 -23.83
CA VAL E 334 -28.04 -2.42 -24.07
C VAL E 334 -27.42 -1.29 -24.89
#